data_1WJT
#
_entry.id   1WJT
#
_entity_poly.entity_id   1
_entity_poly.type   'polypeptide(L)'
_entity_poly.pdbx_seq_one_letter_code
;GSSGSSGMGLEEELLRIAKKLEKMVSRKKTEGALDLLKKLNSCQMSIQLLQTTRIGVAVNGVRKHCSDKEVVSLAKVLIK
NWKRLLDSPRTTKGERESGPSSG
;
_entity_poly.pdbx_strand_id   A
#
# COMPACT_ATOMS: atom_id res chain seq x y z
N GLY A 1 -8.72 -22.30 -3.72
CA GLY A 1 -9.05 -22.92 -4.99
C GLY A 1 -8.09 -24.06 -5.31
N SER A 2 -8.00 -24.37 -6.60
CA SER A 2 -7.13 -25.44 -7.05
C SER A 2 -5.66 -25.09 -6.75
N SER A 3 -4.86 -26.13 -6.60
CA SER A 3 -3.45 -25.94 -6.32
C SER A 3 -2.75 -25.35 -7.54
N GLY A 4 -1.71 -24.56 -7.26
CA GLY A 4 -0.94 -23.93 -8.32
C GLY A 4 -1.36 -22.47 -8.50
N SER A 5 -0.43 -21.67 -8.99
CA SER A 5 -0.69 -20.26 -9.21
C SER A 5 -0.41 -19.91 -10.68
N SER A 6 -1.48 -19.66 -11.41
CA SER A 6 -1.38 -19.32 -12.81
C SER A 6 -2.74 -18.88 -13.35
N GLY A 7 -2.89 -17.58 -13.50
CA GLY A 7 -4.14 -17.03 -14.01
C GLY A 7 -4.44 -15.66 -13.38
N MET A 8 -5.70 -15.45 -13.08
CA MET A 8 -6.13 -14.20 -12.48
C MET A 8 -6.12 -14.30 -10.95
N GLY A 9 -6.14 -13.14 -10.31
CA GLY A 9 -6.12 -13.07 -8.86
C GLY A 9 -5.61 -11.72 -8.37
N LEU A 10 -4.32 -11.69 -8.04
CA LEU A 10 -3.71 -10.47 -7.56
C LEU A 10 -4.29 -10.10 -6.20
N GLU A 11 -5.55 -9.70 -6.22
CA GLU A 11 -6.25 -9.31 -5.01
C GLU A 11 -5.83 -10.24 -3.85
N GLU A 12 -5.64 -11.50 -4.19
CA GLU A 12 -5.23 -12.48 -3.20
C GLU A 12 -3.80 -12.21 -2.73
N GLU A 13 -2.89 -12.27 -3.69
CA GLU A 13 -1.48 -12.04 -3.38
C GLU A 13 -1.31 -10.71 -2.63
N LEU A 14 -2.10 -9.74 -3.04
CA LEU A 14 -2.05 -8.43 -2.42
C LEU A 14 -2.36 -8.56 -0.93
N LEU A 15 -3.46 -9.24 -0.64
CA LEU A 15 -3.89 -9.44 0.73
C LEU A 15 -2.81 -10.22 1.48
N ARG A 16 -2.42 -11.34 0.88
CA ARG A 16 -1.39 -12.18 1.48
C ARG A 16 -0.19 -11.35 1.90
N ILE A 17 0.15 -10.39 1.05
CA ILE A 17 1.28 -9.52 1.32
C ILE A 17 0.97 -8.67 2.56
N ALA A 18 -0.07 -7.86 2.44
CA ALA A 18 -0.48 -6.99 3.54
C ALA A 18 -0.33 -7.76 4.85
N LYS A 19 -1.09 -8.84 4.97
CA LYS A 19 -1.05 -9.66 6.16
C LYS A 19 0.39 -9.81 6.64
N LYS A 20 1.25 -10.16 5.70
CA LYS A 20 2.66 -10.34 6.01
C LYS A 20 3.21 -9.04 6.61
N LEU A 21 2.99 -7.95 5.89
CA LEU A 21 3.45 -6.65 6.33
C LEU A 21 2.81 -6.32 7.68
N GLU A 22 1.50 -6.19 7.65
CA GLU A 22 0.75 -5.87 8.86
C GLU A 22 1.31 -6.65 10.05
N LYS A 23 1.60 -7.93 9.80
CA LYS A 23 2.13 -8.79 10.84
C LYS A 23 3.49 -8.25 11.29
N MET A 24 4.37 -8.08 10.32
CA MET A 24 5.71 -7.57 10.60
C MET A 24 5.64 -6.31 11.47
N VAL A 25 4.83 -5.37 11.04
CA VAL A 25 4.66 -4.12 11.77
C VAL A 25 4.26 -4.43 13.21
N SER A 26 3.27 -5.29 13.34
CA SER A 26 2.77 -5.68 14.65
C SER A 26 3.92 -6.25 15.49
N ARG A 27 4.71 -7.11 14.86
CA ARG A 27 5.84 -7.73 15.52
C ARG A 27 7.05 -6.81 15.49
N LYS A 28 6.84 -5.63 14.92
CA LYS A 28 7.91 -4.65 14.82
C LYS A 28 9.21 -5.36 14.45
N LYS A 29 9.28 -5.77 13.20
CA LYS A 29 10.47 -6.46 12.71
C LYS A 29 10.81 -5.95 11.31
N THR A 30 9.86 -6.15 10.40
CA THR A 30 10.06 -5.71 9.02
C THR A 30 11.46 -6.08 8.54
N GLU A 31 11.59 -7.32 8.10
CA GLU A 31 12.86 -7.82 7.61
C GLU A 31 12.82 -7.96 6.08
N GLY A 32 11.77 -8.62 5.61
CA GLY A 32 11.60 -8.83 4.18
C GLY A 32 10.42 -8.02 3.64
N ALA A 33 10.48 -6.73 3.90
CA ALA A 33 9.42 -5.83 3.45
C ALA A 33 9.62 -5.53 1.96
N LEU A 34 10.86 -5.28 1.60
CA LEU A 34 11.20 -4.98 0.21
C LEU A 34 10.52 -6.00 -0.71
N ASP A 35 10.84 -7.26 -0.47
CA ASP A 35 10.26 -8.33 -1.27
C ASP A 35 8.76 -8.11 -1.40
N LEU A 36 8.12 -7.84 -0.27
CA LEU A 36 6.69 -7.60 -0.23
C LEU A 36 6.36 -6.36 -1.06
N LEU A 37 7.02 -5.26 -0.71
CA LEU A 37 6.81 -4.01 -1.40
C LEU A 37 6.98 -4.22 -2.91
N LYS A 38 8.10 -4.84 -3.26
CA LYS A 38 8.40 -5.12 -4.66
C LYS A 38 7.15 -5.66 -5.34
N LYS A 39 6.73 -6.83 -4.90
CA LYS A 39 5.55 -7.47 -5.45
C LYS A 39 4.45 -6.43 -5.63
N LEU A 40 4.12 -5.78 -4.54
CA LEU A 40 3.08 -4.76 -4.55
C LEU A 40 3.29 -3.85 -5.76
N ASN A 41 4.49 -3.29 -5.86
CA ASN A 41 4.82 -2.41 -6.95
C ASN A 41 4.49 -3.11 -8.28
N SER A 42 4.75 -4.40 -8.31
CA SER A 42 4.48 -5.19 -9.51
C SER A 42 3.13 -5.90 -9.38
N CYS A 43 2.19 -5.21 -8.74
CA CYS A 43 0.87 -5.77 -8.54
C CYS A 43 -0.16 -4.68 -8.87
N GLN A 44 -0.93 -4.93 -9.92
CA GLN A 44 -1.94 -3.98 -10.35
C GLN A 44 -2.89 -3.66 -9.18
N MET A 45 -2.65 -2.50 -8.58
CA MET A 45 -3.47 -2.06 -7.46
C MET A 45 -4.70 -1.29 -7.95
N SER A 46 -5.72 -1.28 -7.12
CA SER A 46 -6.95 -0.58 -7.45
C SER A 46 -7.56 0.04 -6.18
N ILE A 47 -8.46 0.99 -6.40
CA ILE A 47 -9.12 1.66 -5.30
C ILE A 47 -9.89 0.63 -4.47
N GLN A 48 -10.79 -0.07 -5.16
CA GLN A 48 -11.60 -1.07 -4.50
C GLN A 48 -10.72 -2.05 -3.72
N LEU A 49 -9.61 -2.44 -4.36
CA LEU A 49 -8.68 -3.36 -3.73
C LEU A 49 -7.94 -2.65 -2.60
N LEU A 50 -7.65 -1.38 -2.84
CA LEU A 50 -6.95 -0.58 -1.86
C LEU A 50 -7.69 -0.65 -0.52
N GLN A 51 -8.99 -0.91 -0.61
CA GLN A 51 -9.81 -1.02 0.57
C GLN A 51 -9.81 -2.45 1.11
N THR A 52 -9.94 -3.39 0.19
CA THR A 52 -9.95 -4.80 0.55
C THR A 52 -8.57 -5.23 1.08
N THR A 53 -7.57 -5.02 0.23
CA THR A 53 -6.21 -5.38 0.60
C THR A 53 -5.69 -4.47 1.72
N ARG A 54 -6.30 -3.28 1.79
CA ARG A 54 -5.92 -2.31 2.80
C ARG A 54 -4.39 -2.26 2.92
N ILE A 55 -3.73 -2.52 1.82
CA ILE A 55 -2.27 -2.50 1.79
C ILE A 55 -1.78 -1.07 1.99
N GLY A 56 -2.63 -0.13 1.61
CA GLY A 56 -2.30 1.28 1.73
C GLY A 56 -1.78 1.59 3.14
N VAL A 57 -2.44 1.03 4.13
CA VAL A 57 -2.06 1.24 5.51
C VAL A 57 -0.87 0.34 5.85
N ALA A 58 -0.81 -0.78 5.15
CA ALA A 58 0.27 -1.74 5.36
C ALA A 58 1.60 -1.08 5.03
N VAL A 59 1.70 -0.59 3.80
CA VAL A 59 2.92 0.07 3.35
C VAL A 59 3.30 1.16 4.34
N ASN A 60 2.43 2.15 4.47
CA ASN A 60 2.67 3.25 5.38
C ASN A 60 3.19 2.70 6.71
N GLY A 61 2.51 1.68 7.20
CA GLY A 61 2.89 1.06 8.45
C GLY A 61 4.39 0.76 8.49
N VAL A 62 4.91 0.36 7.33
CA VAL A 62 6.32 0.04 7.21
C VAL A 62 7.11 1.33 7.07
N ARG A 63 6.71 2.14 6.11
CA ARG A 63 7.37 3.40 5.86
C ARG A 63 7.52 4.20 7.16
N LYS A 64 6.68 3.84 8.12
CA LYS A 64 6.70 4.50 9.42
C LYS A 64 7.56 3.70 10.38
N HIS A 65 7.39 2.38 10.33
CA HIS A 65 8.14 1.49 11.20
C HIS A 65 9.46 1.12 10.53
N CYS A 66 9.83 1.91 9.52
CA CYS A 66 11.06 1.68 8.78
C CYS A 66 11.62 3.03 8.36
N SER A 67 12.91 3.20 8.60
CA SER A 67 13.58 4.44 8.24
C SER A 67 14.60 4.18 7.13
N ASP A 68 14.55 2.96 6.60
CA ASP A 68 15.46 2.57 5.53
C ASP A 68 15.31 3.56 4.35
N LYS A 69 15.85 3.15 3.22
CA LYS A 69 15.79 3.98 2.03
C LYS A 69 15.08 3.21 0.91
N GLU A 70 15.53 1.98 0.70
CA GLU A 70 14.96 1.13 -0.34
C GLU A 70 13.60 0.61 0.12
N VAL A 71 13.56 0.12 1.35
CA VAL A 71 12.33 -0.41 1.91
C VAL A 71 11.33 0.74 2.14
N VAL A 72 11.89 1.92 2.37
CA VAL A 72 11.06 3.10 2.60
C VAL A 72 10.70 3.72 1.25
N SER A 73 11.66 3.72 0.34
CA SER A 73 11.46 4.29 -0.97
C SER A 73 10.29 3.58 -1.66
N LEU A 74 10.51 2.31 -1.98
CA LEU A 74 9.48 1.52 -2.64
C LEU A 74 8.14 1.76 -1.95
N ALA A 75 8.19 1.88 -0.64
CA ALA A 75 6.99 2.11 0.15
C ALA A 75 6.35 3.44 -0.27
N LYS A 76 7.22 4.43 -0.45
CA LYS A 76 6.75 5.75 -0.86
C LYS A 76 6.08 5.66 -2.22
N VAL A 77 6.79 5.04 -3.15
CA VAL A 77 6.27 4.88 -4.51
C VAL A 77 4.89 4.23 -4.44
N LEU A 78 4.79 3.21 -3.59
CA LEU A 78 3.53 2.50 -3.43
C LEU A 78 2.45 3.49 -2.99
N ILE A 79 2.85 4.44 -2.17
CA ILE A 79 1.93 5.44 -1.67
C ILE A 79 1.58 6.42 -2.81
N LYS A 80 2.64 6.94 -3.43
CA LYS A 80 2.46 7.88 -4.52
C LYS A 80 1.59 7.24 -5.61
N ASN A 81 2.11 6.16 -6.17
CA ASN A 81 1.39 5.44 -7.22
C ASN A 81 -0.07 5.25 -6.80
N TRP A 82 -0.23 4.70 -5.59
CA TRP A 82 -1.56 4.47 -5.06
C TRP A 82 -2.27 5.81 -4.93
N LYS A 83 -1.48 6.84 -4.70
CA LYS A 83 -2.01 8.18 -4.55
C LYS A 83 -2.86 8.54 -5.78
N ARG A 84 -2.42 8.00 -6.91
CA ARG A 84 -3.12 8.25 -8.17
C ARG A 84 -4.26 7.25 -8.34
N LEU A 85 -4.02 6.03 -7.88
CA LEU A 85 -5.02 4.98 -7.98
C LEU A 85 -6.23 5.36 -7.13
N LEU A 86 -5.97 5.63 -5.86
CA LEU A 86 -7.03 6.01 -4.94
C LEU A 86 -7.31 7.51 -5.07
N ASP A 87 -6.25 8.29 -4.95
CA ASP A 87 -6.37 9.74 -5.06
C ASP A 87 -7.67 10.18 -4.39
N SER A 88 -7.78 9.87 -3.10
CA SER A 88 -8.97 10.24 -2.35
C SER A 88 -9.46 11.62 -2.77
N PRO A 89 -10.78 11.86 -2.55
CA PRO A 89 -11.38 13.13 -2.90
C PRO A 89 -10.98 14.23 -1.91
N ARG A 90 -10.10 15.11 -2.36
CA ARG A 90 -9.64 16.19 -1.53
C ARG A 90 -9.29 17.41 -2.39
N THR A 91 -9.28 18.57 -1.75
CA THR A 91 -8.97 19.82 -2.44
C THR A 91 -7.46 20.06 -2.44
N THR A 92 -6.98 20.57 -3.56
CA THR A 92 -5.57 20.86 -3.71
C THR A 92 -5.34 21.93 -4.79
N LYS A 93 -4.16 22.53 -4.75
CA LYS A 93 -3.81 23.56 -5.70
C LYS A 93 -2.40 23.31 -6.23
N GLY A 94 -2.14 23.85 -7.41
CA GLY A 94 -0.84 23.69 -8.03
C GLY A 94 -0.96 23.71 -9.56
N GLU A 95 -0.25 24.66 -10.16
CA GLU A 95 -0.27 24.80 -11.60
C GLU A 95 1.04 25.41 -12.10
N ARG A 96 1.45 24.98 -13.28
CA ARG A 96 2.69 25.46 -13.87
C ARG A 96 2.47 25.81 -15.34
N GLU A 97 2.16 27.07 -15.58
CA GLU A 97 1.93 27.55 -16.94
C GLU A 97 0.90 26.65 -17.64
N SER A 98 -0.32 27.16 -17.72
CA SER A 98 -1.40 26.42 -18.35
C SER A 98 -1.65 26.98 -19.76
N GLY A 99 -0.95 26.42 -20.72
CA GLY A 99 -1.09 26.85 -22.11
C GLY A 99 -0.31 25.93 -23.05
N PRO A 100 -1.05 24.95 -23.65
CA PRO A 100 -0.45 24.01 -24.57
C PRO A 100 -0.15 24.66 -25.91
N SER A 101 0.98 24.30 -26.48
CA SER A 101 1.39 24.86 -27.76
C SER A 101 1.39 26.37 -27.71
N SER A 102 2.54 26.93 -27.34
CA SER A 102 2.68 28.37 -27.24
C SER A 102 3.91 28.83 -28.03
N GLY A 103 3.71 28.96 -29.33
CA GLY A 103 4.79 29.38 -30.22
C GLY A 103 4.50 29.02 -31.67
N GLY A 1 -16.33 -16.40 0.22
CA GLY A 1 -15.10 -17.14 0.02
C GLY A 1 -14.96 -17.60 -1.43
N SER A 2 -13.76 -18.06 -1.77
CA SER A 2 -13.49 -18.53 -3.12
C SER A 2 -13.98 -17.51 -4.14
N SER A 3 -13.07 -16.66 -4.57
CA SER A 3 -13.39 -15.63 -5.55
C SER A 3 -12.82 -16.00 -6.91
N GLY A 4 -13.52 -15.59 -7.95
CA GLY A 4 -13.10 -15.87 -9.31
C GLY A 4 -11.82 -15.08 -9.66
N SER A 5 -10.86 -15.80 -10.22
CA SER A 5 -9.60 -15.20 -10.61
C SER A 5 -9.52 -15.07 -12.12
N SER A 6 -8.99 -13.93 -12.57
CA SER A 6 -8.86 -13.68 -13.99
C SER A 6 -7.65 -14.43 -14.54
N GLY A 7 -6.50 -14.17 -13.94
CA GLY A 7 -5.27 -14.82 -14.35
C GLY A 7 -4.75 -15.77 -13.28
N MET A 8 -3.82 -15.27 -12.49
CA MET A 8 -3.24 -16.07 -11.42
C MET A 8 -3.87 -15.73 -10.07
N GLY A 9 -3.81 -14.44 -9.73
CA GLY A 9 -4.38 -13.97 -8.48
C GLY A 9 -3.64 -12.72 -8.00
N LEU A 10 -4.42 -11.66 -7.81
CA LEU A 10 -3.87 -10.40 -7.35
C LEU A 10 -4.32 -10.14 -5.91
N GLU A 11 -5.60 -9.83 -5.77
CA GLU A 11 -6.17 -9.56 -4.47
C GLU A 11 -5.66 -10.56 -3.44
N GLU A 12 -6.12 -11.80 -3.58
CA GLU A 12 -5.71 -12.86 -2.68
C GLU A 12 -4.22 -12.73 -2.35
N GLU A 13 -3.45 -12.40 -3.37
CA GLU A 13 -2.01 -12.25 -3.21
C GLU A 13 -1.70 -11.00 -2.40
N LEU A 14 -2.25 -9.88 -2.87
CA LEU A 14 -2.04 -8.60 -2.19
C LEU A 14 -2.26 -8.78 -0.69
N LEU A 15 -3.27 -9.58 -0.37
CA LEU A 15 -3.61 -9.84 1.02
C LEU A 15 -2.40 -10.46 1.73
N ARG A 16 -2.05 -11.66 1.29
CA ARG A 16 -0.92 -12.38 1.86
C ARG A 16 0.23 -11.40 2.14
N ILE A 17 0.40 -10.46 1.24
CA ILE A 17 1.45 -9.47 1.37
C ILE A 17 1.17 -8.60 2.60
N ALA A 18 0.07 -7.86 2.52
CA ALA A 18 -0.31 -6.99 3.61
C ALA A 18 -0.24 -7.76 4.94
N LYS A 19 -1.07 -8.78 5.03
CA LYS A 19 -1.11 -9.60 6.22
C LYS A 19 0.33 -9.86 6.71
N LYS A 20 1.23 -9.91 5.75
CA LYS A 20 2.64 -10.15 6.06
C LYS A 20 3.26 -8.86 6.61
N LEU A 21 3.10 -7.79 5.82
CA LEU A 21 3.64 -6.50 6.22
C LEU A 21 3.07 -6.11 7.58
N GLU A 22 1.79 -6.37 7.75
CA GLU A 22 1.11 -6.05 9.00
C GLU A 22 1.85 -6.68 10.17
N LYS A 23 1.95 -8.00 10.14
CA LYS A 23 2.63 -8.74 11.20
C LYS A 23 4.06 -8.19 11.35
N MET A 24 4.69 -7.96 10.21
CA MET A 24 6.05 -7.45 10.20
C MET A 24 6.14 -6.13 10.97
N VAL A 25 5.05 -5.39 10.93
CA VAL A 25 4.99 -4.10 11.62
C VAL A 25 4.69 -4.34 13.09
N SER A 26 3.47 -4.80 13.35
CA SER A 26 3.05 -5.07 14.72
C SER A 26 4.17 -5.75 15.49
N ARG A 27 4.68 -6.84 14.91
CA ARG A 27 5.76 -7.59 15.52
C ARG A 27 7.03 -6.74 15.59
N LYS A 28 7.15 -5.85 14.62
CA LYS A 28 8.31 -4.97 14.56
C LYS A 28 9.51 -5.75 14.00
N LYS A 29 9.47 -5.99 12.70
CA LYS A 29 10.53 -6.71 12.03
C LYS A 29 10.78 -6.10 10.66
N THR A 30 9.79 -6.22 9.80
CA THR A 30 9.89 -5.67 8.46
C THR A 30 11.32 -5.83 7.92
N GLU A 31 11.81 -7.06 8.00
CA GLU A 31 13.15 -7.36 7.53
C GLU A 31 13.14 -7.60 6.02
N GLY A 32 12.06 -8.19 5.55
CA GLY A 32 11.92 -8.49 4.13
C GLY A 32 10.62 -7.90 3.58
N ALA A 33 10.51 -6.58 3.68
CA ALA A 33 9.33 -5.89 3.19
C ALA A 33 9.52 -5.55 1.71
N LEU A 34 10.75 -5.27 1.35
CA LEU A 34 11.08 -4.94 -0.03
C LEU A 34 10.35 -5.91 -0.96
N ASP A 35 10.78 -7.16 -0.90
CA ASP A 35 10.18 -8.19 -1.74
C ASP A 35 8.67 -7.98 -1.81
N LEU A 36 8.07 -7.83 -0.64
CA LEU A 36 6.63 -7.63 -0.54
C LEU A 36 6.26 -6.35 -1.30
N LEU A 37 7.01 -5.29 -1.04
CA LEU A 37 6.76 -4.02 -1.70
C LEU A 37 6.93 -4.19 -3.21
N LYS A 38 7.95 -4.96 -3.58
CA LYS A 38 8.22 -5.21 -4.98
C LYS A 38 6.94 -5.70 -5.67
N LYS A 39 6.53 -6.91 -5.29
CA LYS A 39 5.34 -7.50 -5.86
C LYS A 39 4.26 -6.42 -6.01
N LEU A 40 4.11 -5.64 -4.94
CA LEU A 40 3.12 -4.58 -4.93
C LEU A 40 3.42 -3.60 -6.08
N ASN A 41 4.66 -3.15 -6.10
CA ASN A 41 5.10 -2.20 -7.13
C ASN A 41 4.88 -2.84 -8.50
N SER A 42 4.91 -4.16 -8.54
CA SER A 42 4.72 -4.89 -9.77
C SER A 42 3.42 -5.69 -9.72
N CYS A 43 2.38 -5.03 -9.24
CA CYS A 43 1.07 -5.66 -9.13
C CYS A 43 0.01 -4.65 -9.56
N GLN A 44 -0.91 -5.13 -10.38
CA GLN A 44 -1.99 -4.28 -10.87
C GLN A 44 -2.96 -3.95 -9.73
N MET A 45 -2.51 -3.08 -8.84
CA MET A 45 -3.33 -2.68 -7.72
C MET A 45 -4.55 -1.89 -8.18
N SER A 46 -5.60 -1.95 -7.37
CA SER A 46 -6.83 -1.24 -7.69
C SER A 46 -7.36 -0.53 -6.44
N ILE A 47 -8.04 0.58 -6.68
CA ILE A 47 -8.61 1.36 -5.60
C ILE A 47 -9.47 0.46 -4.71
N GLN A 48 -10.34 -0.29 -5.37
CA GLN A 48 -11.23 -1.19 -4.66
C GLN A 48 -10.42 -2.12 -3.75
N LEU A 49 -9.42 -2.75 -4.34
CA LEU A 49 -8.57 -3.67 -3.60
C LEU A 49 -7.86 -2.90 -2.48
N LEU A 50 -7.30 -1.77 -2.85
CA LEU A 50 -6.59 -0.94 -1.88
C LEU A 50 -7.40 -0.86 -0.60
N GLN A 51 -8.71 -0.99 -0.74
CA GLN A 51 -9.60 -0.95 0.40
C GLN A 51 -9.71 -2.32 1.05
N THR A 52 -10.05 -3.31 0.23
CA THR A 52 -10.19 -4.67 0.71
C THR A 52 -8.86 -5.18 1.26
N THR A 53 -7.85 -5.17 0.41
CA THR A 53 -6.53 -5.62 0.80
C THR A 53 -5.94 -4.70 1.86
N ARG A 54 -6.40 -3.46 1.85
CA ARG A 54 -5.93 -2.47 2.80
C ARG A 54 -4.40 -2.45 2.82
N ILE A 55 -3.82 -2.70 1.66
CA ILE A 55 -2.37 -2.71 1.53
C ILE A 55 -1.84 -1.28 1.71
N GLY A 56 -2.71 -0.32 1.44
CA GLY A 56 -2.34 1.08 1.58
C GLY A 56 -1.87 1.39 2.99
N VAL A 57 -2.67 0.95 3.96
CA VAL A 57 -2.34 1.18 5.36
C VAL A 57 -1.14 0.30 5.74
N ALA A 58 -1.11 -0.89 5.17
CA ALA A 58 -0.04 -1.83 5.45
C ALA A 58 1.30 -1.17 5.12
N VAL A 59 1.45 -0.75 3.88
CA VAL A 59 2.67 -0.10 3.45
C VAL A 59 3.06 0.98 4.46
N ASN A 60 2.22 2.01 4.52
CA ASN A 60 2.47 3.11 5.43
C ASN A 60 2.87 2.56 6.80
N GLY A 61 2.08 1.60 7.28
CA GLY A 61 2.34 0.99 8.56
C GLY A 61 3.81 0.58 8.68
N VAL A 62 4.41 0.29 7.53
CA VAL A 62 5.80 -0.12 7.49
C VAL A 62 6.69 1.12 7.37
N ARG A 63 6.42 1.90 6.33
CA ARG A 63 7.19 3.11 6.09
C ARG A 63 7.26 3.95 7.37
N LYS A 64 6.32 3.70 8.26
CA LYS A 64 6.27 4.42 9.52
C LYS A 64 7.24 3.78 10.51
N HIS A 65 7.09 2.47 10.67
CA HIS A 65 7.95 1.73 11.58
C HIS A 65 9.18 1.23 10.83
N CYS A 66 9.43 1.84 9.69
CA CYS A 66 10.57 1.48 8.87
C CYS A 66 11.44 2.72 8.66
N SER A 67 12.73 2.54 8.84
CA SER A 67 13.69 3.63 8.67
C SER A 67 14.63 3.32 7.51
N ASP A 68 14.45 2.15 6.92
CA ASP A 68 15.29 1.73 5.81
C ASP A 68 15.27 2.81 4.73
N LYS A 69 15.91 2.50 3.61
CA LYS A 69 15.96 3.44 2.50
C LYS A 69 15.15 2.88 1.32
N GLU A 70 15.67 1.83 0.73
CA GLU A 70 15.01 1.20 -0.39
C GLU A 70 13.66 0.61 0.04
N VAL A 71 13.68 0.00 1.22
CA VAL A 71 12.47 -0.60 1.76
C VAL A 71 11.45 0.50 2.07
N VAL A 72 11.97 1.66 2.42
CA VAL A 72 11.13 2.79 2.75
C VAL A 72 10.77 3.54 1.47
N SER A 73 11.66 3.44 0.49
CA SER A 73 11.44 4.09 -0.79
C SER A 73 10.25 3.48 -1.50
N LEU A 74 10.36 2.17 -1.74
CA LEU A 74 9.29 1.45 -2.42
C LEU A 74 7.96 1.73 -1.72
N ALA A 75 8.00 1.65 -0.39
CA ALA A 75 6.81 1.89 0.40
C ALA A 75 6.21 3.25 0.01
N LYS A 76 7.10 4.20 -0.22
CA LYS A 76 6.67 5.54 -0.59
C LYS A 76 6.01 5.49 -1.97
N VAL A 77 6.77 4.99 -2.94
CA VAL A 77 6.27 4.88 -4.30
C VAL A 77 4.89 4.24 -4.28
N LEU A 78 4.74 3.23 -3.44
CA LEU A 78 3.48 2.52 -3.32
C LEU A 78 2.39 3.51 -2.86
N ILE A 79 2.80 4.45 -2.03
CA ILE A 79 1.89 5.45 -1.53
C ILE A 79 1.58 6.47 -2.63
N LYS A 80 2.64 6.90 -3.30
CA LYS A 80 2.50 7.87 -4.38
C LYS A 80 1.71 7.24 -5.52
N ASN A 81 2.30 6.20 -6.11
CA ASN A 81 1.66 5.51 -7.21
C ASN A 81 0.17 5.33 -6.91
N TRP A 82 -0.10 4.74 -5.76
CA TRP A 82 -1.48 4.51 -5.34
C TRP A 82 -2.19 5.87 -5.29
N LYS A 83 -1.47 6.85 -4.76
CA LYS A 83 -2.02 8.19 -4.64
C LYS A 83 -2.83 8.51 -5.90
N ARG A 84 -2.14 8.47 -7.04
CA ARG A 84 -2.78 8.76 -8.31
C ARG A 84 -4.13 8.05 -8.39
N LEU A 85 -4.10 6.75 -8.16
CA LEU A 85 -5.31 5.95 -8.21
C LEU A 85 -6.42 6.66 -7.43
N LEU A 86 -6.09 7.05 -6.21
CA LEU A 86 -7.05 7.73 -5.36
C LEU A 86 -7.44 9.06 -6.01
N ASP A 87 -6.43 9.78 -6.47
CA ASP A 87 -6.65 11.06 -7.11
C ASP A 87 -7.67 10.90 -8.23
N SER A 88 -7.45 9.87 -9.04
CA SER A 88 -8.35 9.59 -10.15
C SER A 88 -8.80 8.13 -10.11
N PRO A 89 -9.86 7.88 -9.30
CA PRO A 89 -10.39 6.54 -9.16
C PRO A 89 -11.20 6.13 -10.39
N ARG A 90 -10.54 6.19 -11.54
CA ARG A 90 -11.19 5.83 -12.79
C ARG A 90 -12.16 6.93 -13.21
N THR A 91 -12.33 7.05 -14.52
CA THR A 91 -13.23 8.06 -15.07
C THR A 91 -13.24 9.31 -14.18
N THR A 92 -12.33 10.21 -14.48
CA THR A 92 -12.23 11.45 -13.72
C THR A 92 -13.56 12.21 -13.75
N LYS A 93 -13.73 13.07 -12.76
CA LYS A 93 -14.95 13.86 -12.67
C LYS A 93 -16.13 12.93 -12.39
N GLY A 94 -16.87 13.26 -11.34
CA GLY A 94 -18.03 12.46 -10.96
C GLY A 94 -19.33 13.19 -11.30
N GLU A 95 -19.52 14.32 -10.63
CA GLU A 95 -20.72 15.12 -10.85
C GLU A 95 -21.97 14.32 -10.50
N ARG A 96 -23.03 15.04 -10.16
CA ARG A 96 -24.28 14.41 -9.79
C ARG A 96 -24.11 13.53 -8.56
N GLU A 97 -24.52 14.06 -7.42
CA GLU A 97 -24.42 13.33 -6.16
C GLU A 97 -25.22 14.03 -5.07
N SER A 98 -26.11 13.27 -4.46
CA SER A 98 -26.94 13.81 -3.39
C SER A 98 -26.09 14.65 -2.44
N GLY A 99 -26.34 15.95 -2.48
CA GLY A 99 -25.61 16.88 -1.63
C GLY A 99 -26.50 17.40 -0.50
N PRO A 100 -26.06 17.13 0.75
CA PRO A 100 -26.80 17.57 1.92
C PRO A 100 -26.63 19.08 2.14
N SER A 101 -27.35 19.57 3.13
CA SER A 101 -27.29 20.99 3.46
C SER A 101 -27.49 21.19 4.97
N SER A 102 -27.23 22.41 5.41
CA SER A 102 -27.37 22.74 6.82
C SER A 102 -26.34 21.98 7.65
N GLY A 103 -26.18 22.41 8.88
CA GLY A 103 -25.23 21.78 9.78
C GLY A 103 -25.88 20.64 10.57
N GLY A 1 -0.28 -34.74 2.29
CA GLY A 1 0.00 -33.45 2.88
C GLY A 1 -0.33 -32.33 1.90
N SER A 2 -0.93 -31.27 2.44
CA SER A 2 -1.32 -30.12 1.63
C SER A 2 -2.49 -30.50 0.72
N SER A 3 -2.23 -31.47 -0.15
CA SER A 3 -3.25 -31.93 -1.08
C SER A 3 -4.00 -30.73 -1.67
N GLY A 4 -3.37 -30.11 -2.66
CA GLY A 4 -3.95 -28.96 -3.31
C GLY A 4 -2.88 -27.92 -3.66
N SER A 5 -3.13 -26.70 -3.24
CA SER A 5 -2.20 -25.60 -3.50
C SER A 5 -1.94 -25.50 -5.02
N SER A 6 -2.66 -24.59 -5.64
CA SER A 6 -2.53 -24.38 -7.08
C SER A 6 -3.35 -23.16 -7.50
N GLY A 7 -2.66 -22.21 -8.12
CA GLY A 7 -3.30 -21.00 -8.58
C GLY A 7 -2.97 -19.82 -7.68
N MET A 8 -2.46 -18.76 -8.30
CA MET A 8 -2.10 -17.56 -7.55
C MET A 8 -2.62 -16.30 -8.26
N GLY A 9 -3.66 -15.72 -7.68
CA GLY A 9 -4.26 -14.53 -8.25
C GLY A 9 -3.57 -13.27 -7.70
N LEU A 10 -4.31 -12.17 -7.73
CA LEU A 10 -3.79 -10.91 -7.25
C LEU A 10 -4.33 -10.64 -5.84
N GLU A 11 -5.62 -10.40 -5.77
CA GLU A 11 -6.27 -10.14 -4.49
C GLU A 11 -5.68 -11.03 -3.40
N GLU A 12 -5.87 -12.33 -3.59
CA GLU A 12 -5.36 -13.31 -2.63
C GLU A 12 -3.90 -13.02 -2.30
N GLU A 13 -3.17 -12.57 -3.32
CA GLU A 13 -1.77 -12.26 -3.16
C GLU A 13 -1.60 -10.94 -2.40
N LEU A 14 -2.22 -9.90 -2.93
CA LEU A 14 -2.15 -8.59 -2.32
C LEU A 14 -2.45 -8.72 -0.82
N LEU A 15 -3.46 -9.50 -0.51
CA LEU A 15 -3.86 -9.72 0.87
C LEU A 15 -2.73 -10.43 1.61
N ARG A 16 -2.24 -11.49 0.99
CA ARG A 16 -1.17 -12.28 1.58
C ARG A 16 -0.02 -11.35 2.01
N ILE A 17 0.30 -10.43 1.12
CA ILE A 17 1.37 -9.47 1.38
C ILE A 17 1.02 -8.64 2.61
N ALA A 18 -0.04 -7.86 2.47
CA ALA A 18 -0.50 -7.00 3.55
C ALA A 18 -0.38 -7.76 4.88
N LYS A 19 -1.12 -8.86 4.96
CA LYS A 19 -1.12 -9.68 6.16
C LYS A 19 0.32 -9.85 6.65
N LYS A 20 1.20 -10.19 5.71
CA LYS A 20 2.60 -10.37 6.03
C LYS A 20 3.16 -9.08 6.63
N LEU A 21 2.98 -7.99 5.89
CA LEU A 21 3.46 -6.70 6.32
C LEU A 21 2.83 -6.35 7.68
N GLU A 22 1.51 -6.24 7.66
CA GLU A 22 0.78 -5.91 8.87
C GLU A 22 1.38 -6.65 10.07
N LYS A 23 1.61 -7.94 9.87
CA LYS A 23 2.18 -8.76 10.92
C LYS A 23 3.57 -8.24 11.30
N MET A 24 4.43 -8.17 10.29
CA MET A 24 5.77 -7.69 10.50
C MET A 24 5.78 -6.40 11.34
N VAL A 25 4.93 -5.47 10.94
CA VAL A 25 4.82 -4.20 11.65
C VAL A 25 4.50 -4.47 13.12
N SER A 26 3.45 -5.26 13.33
CA SER A 26 3.03 -5.59 14.68
C SER A 26 4.20 -6.21 15.46
N ARG A 27 4.90 -7.11 14.79
CA ARG A 27 6.04 -7.78 15.40
C ARG A 27 7.27 -6.87 15.36
N LYS A 28 7.06 -5.67 14.84
CA LYS A 28 8.14 -4.70 14.74
C LYS A 28 9.42 -5.42 14.30
N LYS A 29 9.37 -5.95 13.09
CA LYS A 29 10.51 -6.67 12.55
C LYS A 29 10.79 -6.16 11.12
N THR A 30 9.79 -6.31 10.28
CA THR A 30 9.91 -5.87 8.89
C THR A 30 11.30 -6.21 8.35
N GLU A 31 11.48 -7.49 8.02
CA GLU A 31 12.74 -7.96 7.49
C GLU A 31 12.66 -8.10 5.97
N GLY A 32 11.67 -8.87 5.53
CA GLY A 32 11.46 -9.10 4.11
C GLY A 32 10.34 -8.22 3.56
N ALA A 33 10.47 -6.92 3.83
CA ALA A 33 9.47 -5.96 3.37
C ALA A 33 9.68 -5.70 1.88
N LEU A 34 10.93 -5.43 1.53
CA LEU A 34 11.27 -5.15 0.15
C LEU A 34 10.52 -6.12 -0.77
N ASP A 35 10.87 -7.39 -0.65
CA ASP A 35 10.24 -8.43 -1.45
C ASP A 35 8.74 -8.15 -1.54
N LEU A 36 8.14 -7.91 -0.37
CA LEU A 36 6.72 -7.62 -0.31
C LEU A 36 6.41 -6.36 -1.11
N LEU A 37 7.13 -5.30 -0.76
CA LEU A 37 6.94 -4.03 -1.44
C LEU A 37 7.07 -4.23 -2.95
N LYS A 38 8.10 -4.97 -3.33
CA LYS A 38 8.35 -5.24 -4.74
C LYS A 38 7.05 -5.73 -5.39
N LYS A 39 6.63 -6.91 -4.98
CA LYS A 39 5.42 -7.51 -5.52
C LYS A 39 4.35 -6.42 -5.66
N LEU A 40 4.18 -5.66 -4.59
CA LEU A 40 3.20 -4.59 -4.59
C LEU A 40 3.51 -3.62 -5.73
N ASN A 41 4.77 -3.23 -5.81
CA ASN A 41 5.21 -2.30 -6.85
C ASN A 41 5.00 -2.95 -8.21
N SER A 42 5.05 -4.27 -8.23
CA SER A 42 4.87 -5.00 -9.47
C SER A 42 3.52 -5.73 -9.45
N CYS A 43 2.50 -5.02 -8.94
CA CYS A 43 1.17 -5.58 -8.86
C CYS A 43 0.18 -4.51 -9.33
N GLN A 44 -0.80 -4.96 -10.11
CA GLN A 44 -1.81 -4.06 -10.63
C GLN A 44 -2.80 -3.68 -9.52
N MET A 45 -2.33 -2.85 -8.61
CA MET A 45 -3.16 -2.40 -7.49
C MET A 45 -4.33 -1.55 -8.00
N SER A 46 -5.39 -1.54 -7.21
CA SER A 46 -6.58 -0.77 -7.57
C SER A 46 -7.15 -0.11 -6.31
N ILE A 47 -8.12 0.77 -6.54
CA ILE A 47 -8.76 1.48 -5.44
C ILE A 47 -9.57 0.49 -4.60
N GLN A 48 -10.53 -0.16 -5.25
CA GLN A 48 -11.37 -1.13 -4.58
C GLN A 48 -10.51 -2.11 -3.78
N LEU A 49 -9.53 -2.69 -4.46
CA LEU A 49 -8.64 -3.64 -3.83
C LEU A 49 -7.90 -2.96 -2.67
N LEU A 50 -7.32 -1.80 -2.99
CA LEU A 50 -6.58 -1.04 -1.99
C LEU A 50 -7.35 -1.08 -0.66
N GLN A 51 -8.67 -1.13 -0.77
CA GLN A 51 -9.51 -1.17 0.40
C GLN A 51 -9.55 -2.59 0.99
N THR A 52 -10.03 -3.51 0.16
CA THR A 52 -10.12 -4.90 0.58
C THR A 52 -8.78 -5.40 1.09
N THR A 53 -7.75 -5.15 0.31
CA THR A 53 -6.41 -5.55 0.68
C THR A 53 -5.87 -4.66 1.80
N ARG A 54 -6.35 -3.44 1.83
CA ARG A 54 -5.93 -2.48 2.83
C ARG A 54 -4.40 -2.43 2.91
N ILE A 55 -3.78 -2.64 1.75
CA ILE A 55 -2.33 -2.62 1.67
C ILE A 55 -1.83 -1.18 1.87
N GLY A 56 -2.72 -0.23 1.59
CA GLY A 56 -2.39 1.17 1.73
C GLY A 56 -1.85 1.46 3.14
N VAL A 57 -2.55 0.94 4.13
CA VAL A 57 -2.16 1.13 5.51
C VAL A 57 -0.97 0.23 5.83
N ALA A 58 -0.92 -0.89 5.14
CA ALA A 58 0.16 -1.85 5.33
C ALA A 58 1.50 -1.18 5.00
N VAL A 59 1.58 -0.66 3.79
CA VAL A 59 2.79 0.01 3.34
C VAL A 59 3.14 1.14 4.32
N ASN A 60 2.25 2.12 4.38
CA ASN A 60 2.45 3.25 5.25
C ASN A 60 2.95 2.75 6.62
N GLY A 61 2.23 1.78 7.14
CA GLY A 61 2.58 1.21 8.44
C GLY A 61 4.08 0.89 8.51
N VAL A 62 4.61 0.49 7.36
CA VAL A 62 6.03 0.16 7.27
C VAL A 62 6.85 1.44 7.13
N ARG A 63 6.50 2.21 6.11
CA ARG A 63 7.19 3.46 5.84
C ARG A 63 7.28 4.30 7.12
N LYS A 64 6.40 3.98 8.06
CA LYS A 64 6.37 4.70 9.33
C LYS A 64 7.15 3.89 10.38
N HIS A 65 6.95 2.58 10.33
CA HIS A 65 7.61 1.68 11.27
C HIS A 65 8.97 1.27 10.71
N CYS A 66 9.42 2.04 9.72
CA CYS A 66 10.71 1.76 9.09
C CYS A 66 11.24 3.08 8.52
N SER A 67 12.49 3.38 8.88
CA SER A 67 13.13 4.60 8.40
C SER A 67 14.23 4.25 7.41
N ASP A 68 14.17 3.03 6.89
CA ASP A 68 15.15 2.57 5.93
C ASP A 68 15.20 3.54 4.75
N LYS A 69 15.86 3.10 3.69
CA LYS A 69 15.99 3.92 2.49
C LYS A 69 15.22 3.26 1.34
N GLU A 70 15.78 2.17 0.84
CA GLU A 70 15.16 1.44 -0.25
C GLU A 70 13.79 0.90 0.18
N VAL A 71 13.80 0.20 1.30
CA VAL A 71 12.57 -0.37 1.82
C VAL A 71 11.56 0.75 2.08
N VAL A 72 12.09 1.91 2.41
CA VAL A 72 11.25 3.07 2.69
C VAL A 72 10.88 3.75 1.36
N SER A 73 11.76 3.58 0.38
CA SER A 73 11.54 4.17 -0.92
C SER A 73 10.35 3.51 -1.61
N LEU A 74 10.50 2.22 -1.87
CA LEU A 74 9.45 1.46 -2.52
C LEU A 74 8.13 1.74 -1.82
N ALA A 75 8.14 1.65 -0.50
CA ALA A 75 6.95 1.90 0.29
C ALA A 75 6.28 3.18 -0.20
N LYS A 76 7.10 4.21 -0.39
CA LYS A 76 6.60 5.49 -0.85
C LYS A 76 6.08 5.35 -2.29
N VAL A 77 6.93 4.80 -3.14
CA VAL A 77 6.58 4.59 -4.53
C VAL A 77 5.14 4.09 -4.62
N LEU A 78 4.81 3.16 -3.72
CA LEU A 78 3.48 2.59 -3.68
C LEU A 78 2.47 3.70 -3.38
N ILE A 79 2.71 4.39 -2.28
CA ILE A 79 1.83 5.47 -1.86
C ILE A 79 1.67 6.46 -3.01
N LYS A 80 2.78 6.74 -3.67
CA LYS A 80 2.78 7.67 -4.78
C LYS A 80 1.80 7.16 -5.85
N ASN A 81 2.09 5.97 -6.34
CA ASN A 81 1.25 5.35 -7.37
C ASN A 81 -0.18 5.23 -6.85
N TRP A 82 -0.28 4.83 -5.58
CA TRP A 82 -1.58 4.65 -4.94
C TRP A 82 -2.19 6.04 -4.75
N LYS A 83 -1.35 7.06 -4.91
CA LYS A 83 -1.79 8.43 -4.74
C LYS A 83 -2.77 8.77 -5.86
N ARG A 84 -2.31 8.59 -7.09
CA ARG A 84 -3.13 8.88 -8.26
C ARG A 84 -4.53 8.26 -8.08
N LEU A 85 -4.55 6.98 -7.75
CA LEU A 85 -5.80 6.27 -7.56
C LEU A 85 -6.78 7.19 -6.83
N LEU A 86 -6.38 7.60 -5.63
CA LEU A 86 -7.21 8.47 -4.82
C LEU A 86 -7.23 9.87 -5.43
N ASP A 87 -6.04 10.45 -5.53
CA ASP A 87 -5.91 11.78 -6.09
C ASP A 87 -7.07 12.66 -5.62
N SER A 88 -7.22 12.71 -4.30
CA SER A 88 -8.29 13.51 -3.70
C SER A 88 -8.11 13.56 -2.18
N PRO A 89 -8.73 14.60 -1.57
CA PRO A 89 -8.64 14.78 -0.13
C PRO A 89 -9.52 13.77 0.60
N ARG A 90 -9.07 13.39 1.79
CA ARG A 90 -9.82 12.44 2.60
C ARG A 90 -9.15 12.28 3.97
N THR A 91 -9.66 13.07 4.92
CA THR A 91 -9.14 13.02 6.27
C THR A 91 -7.61 13.06 6.25
N THR A 92 -7.02 12.85 7.43
CA THR A 92 -5.58 12.84 7.56
C THR A 92 -5.18 12.43 8.97
N LYS A 93 -5.54 11.20 9.33
CA LYS A 93 -5.22 10.68 10.64
C LYS A 93 -4.05 9.70 10.53
N GLY A 94 -3.40 9.47 11.65
CA GLY A 94 -2.26 8.55 11.68
C GLY A 94 -2.29 7.69 12.96
N GLU A 95 -1.12 7.55 13.55
CA GLU A 95 -0.99 6.76 14.77
C GLU A 95 0.18 7.26 15.61
N ARG A 96 0.28 6.74 16.82
CA ARG A 96 1.34 7.13 17.73
C ARG A 96 2.68 7.12 17.00
N GLU A 97 3.47 8.16 17.26
CA GLU A 97 4.78 8.28 16.64
C GLU A 97 5.58 6.99 16.84
N SER A 98 5.79 6.66 18.10
CA SER A 98 6.54 5.46 18.43
C SER A 98 7.97 5.56 17.89
N GLY A 99 8.91 5.03 18.66
CA GLY A 99 10.30 5.07 18.28
C GLY A 99 10.86 3.65 18.09
N PRO A 100 11.89 3.55 17.21
CA PRO A 100 12.51 2.26 16.93
C PRO A 100 13.40 1.82 18.09
N SER A 101 13.71 0.53 18.11
CA SER A 101 14.55 -0.03 19.15
C SER A 101 15.72 -0.79 18.52
N SER A 102 16.90 -0.58 19.09
CA SER A 102 18.10 -1.24 18.60
C SER A 102 19.14 -1.33 19.73
N GLY A 103 19.98 -2.34 19.63
CA GLY A 103 21.02 -2.56 20.62
C GLY A 103 22.33 -1.90 20.18
N GLY A 1 -14.87 -6.55 -3.54
CA GLY A 1 -15.39 -6.95 -2.25
C GLY A 1 -15.70 -8.45 -2.22
N SER A 2 -14.64 -9.25 -2.30
CA SER A 2 -14.79 -10.69 -2.30
C SER A 2 -15.66 -11.14 -3.46
N SER A 3 -15.03 -11.85 -4.40
CA SER A 3 -15.74 -12.33 -5.57
C SER A 3 -14.83 -13.29 -6.36
N GLY A 4 -15.48 -14.15 -7.14
CA GLY A 4 -14.74 -15.10 -7.95
C GLY A 4 -14.73 -16.49 -7.30
N SER A 5 -13.56 -17.10 -7.29
CA SER A 5 -13.39 -18.42 -6.70
C SER A 5 -12.00 -18.54 -6.09
N SER A 6 -11.87 -19.51 -5.19
CA SER A 6 -10.60 -19.75 -4.52
C SER A 6 -9.56 -20.23 -5.54
N GLY A 7 -8.30 -20.03 -5.18
CA GLY A 7 -7.21 -20.43 -6.04
C GLY A 7 -6.06 -19.43 -5.98
N MET A 8 -5.89 -18.69 -7.07
CA MET A 8 -4.84 -17.69 -7.15
C MET A 8 -5.31 -16.47 -7.95
N GLY A 9 -4.80 -15.31 -7.56
CA GLY A 9 -5.15 -14.07 -8.22
C GLY A 9 -4.33 -12.90 -7.67
N LEU A 10 -5.00 -11.77 -7.55
CA LEU A 10 -4.35 -10.57 -7.04
C LEU A 10 -4.88 -10.27 -5.63
N GLU A 11 -6.16 -9.96 -5.56
CA GLU A 11 -6.80 -9.67 -4.29
C GLU A 11 -6.25 -10.58 -3.19
N GLU A 12 -5.97 -11.81 -3.57
CA GLU A 12 -5.44 -12.79 -2.64
C GLU A 12 -3.97 -12.51 -2.36
N GLU A 13 -3.17 -12.65 -3.40
CA GLU A 13 -1.74 -12.41 -3.28
C GLU A 13 -1.47 -11.10 -2.52
N LEU A 14 -2.38 -10.15 -2.71
CA LEU A 14 -2.26 -8.86 -2.05
C LEU A 14 -2.50 -9.04 -0.55
N LEU A 15 -3.65 -9.61 -0.23
CA LEU A 15 -4.02 -9.84 1.16
C LEU A 15 -2.89 -10.62 1.85
N ARG A 16 -2.37 -11.60 1.13
CA ARG A 16 -1.29 -12.42 1.66
C ARG A 16 -0.10 -11.55 2.05
N ILE A 17 0.20 -10.60 1.17
CA ILE A 17 1.32 -9.69 1.41
C ILE A 17 1.02 -8.81 2.62
N ALA A 18 -0.03 -8.02 2.49
CA ALA A 18 -0.43 -7.13 3.56
C ALA A 18 -0.29 -7.86 4.90
N LYS A 19 -1.03 -8.95 5.02
CA LYS A 19 -1.00 -9.74 6.24
C LYS A 19 0.45 -9.94 6.67
N LYS A 20 1.30 -10.22 5.70
CA LYS A 20 2.71 -10.44 5.96
C LYS A 20 3.32 -9.15 6.52
N LEU A 21 3.08 -8.06 5.79
CA LEU A 21 3.59 -6.76 6.19
C LEU A 21 3.04 -6.40 7.57
N GLU A 22 1.73 -6.29 7.63
CA GLU A 22 1.06 -5.95 8.87
C GLU A 22 1.65 -6.76 10.03
N LYS A 23 1.93 -8.02 9.74
CA LYS A 23 2.49 -8.91 10.73
C LYS A 23 3.89 -8.42 11.12
N MET A 24 4.77 -8.40 10.13
CA MET A 24 6.13 -7.95 10.36
C MET A 24 6.16 -6.71 11.24
N VAL A 25 5.42 -5.70 10.81
CA VAL A 25 5.35 -4.45 11.55
C VAL A 25 4.98 -4.74 13.00
N SER A 26 3.79 -5.32 13.17
CA SER A 26 3.31 -5.65 14.50
C SER A 26 4.44 -6.25 15.34
N ARG A 27 5.01 -7.33 14.80
CA ARG A 27 6.10 -8.01 15.49
C ARG A 27 7.32 -7.09 15.59
N LYS A 28 7.41 -6.17 14.64
CA LYS A 28 8.51 -5.22 14.62
C LYS A 28 9.79 -5.97 14.23
N LYS A 29 9.80 -6.47 13.00
CA LYS A 29 10.95 -7.20 12.51
C LYS A 29 11.28 -6.71 11.09
N THR A 30 10.32 -6.87 10.20
CA THR A 30 10.49 -6.45 8.82
C THR A 30 11.84 -6.92 8.29
N GLU A 31 11.82 -8.09 7.65
CA GLU A 31 13.04 -8.66 7.10
C GLU A 31 12.95 -8.70 5.57
N GLY A 32 11.82 -9.17 5.08
CA GLY A 32 11.60 -9.27 3.65
C GLY A 32 10.38 -8.45 3.23
N ALA A 33 10.41 -7.18 3.60
CA ALA A 33 9.32 -6.27 3.26
C ALA A 33 9.53 -5.75 1.84
N LEU A 34 10.79 -5.54 1.48
CA LEU A 34 11.11 -5.05 0.16
C LEU A 34 10.43 -5.91 -0.89
N ASP A 35 10.61 -7.22 -0.77
CA ASP A 35 10.01 -8.16 -1.69
C ASP A 35 8.50 -7.89 -1.79
N LEU A 36 7.88 -7.84 -0.62
CA LEU A 36 6.44 -7.59 -0.56
C LEU A 36 6.13 -6.25 -1.23
N LEU A 37 6.91 -5.25 -0.85
CA LEU A 37 6.73 -3.92 -1.41
C LEU A 37 6.92 -3.97 -2.92
N LYS A 38 7.92 -4.73 -3.34
CA LYS A 38 8.22 -4.88 -4.76
C LYS A 38 6.96 -5.32 -5.50
N LYS A 39 6.46 -6.48 -5.10
CA LYS A 39 5.26 -7.03 -5.72
C LYS A 39 4.19 -5.93 -5.80
N LEU A 40 3.94 -5.31 -4.65
CA LEU A 40 2.95 -4.25 -4.57
C LEU A 40 3.20 -3.24 -5.69
N ASN A 41 4.48 -3.13 -6.06
CA ASN A 41 4.87 -2.20 -7.12
C ASN A 41 4.21 -2.62 -8.43
N SER A 42 4.47 -3.87 -8.82
CA SER A 42 3.92 -4.40 -10.05
C SER A 42 2.78 -5.38 -9.73
N CYS A 43 1.79 -4.88 -9.02
CA CYS A 43 0.64 -5.70 -8.65
C CYS A 43 -0.62 -5.09 -9.28
N GLN A 44 -0.41 -3.99 -9.98
CA GLN A 44 -1.51 -3.29 -10.62
C GLN A 44 -2.61 -2.97 -9.61
N MET A 45 -2.18 -2.69 -8.39
CA MET A 45 -3.11 -2.36 -7.32
C MET A 45 -4.25 -1.47 -7.84
N SER A 46 -5.37 -1.53 -7.13
CA SER A 46 -6.53 -0.75 -7.50
C SER A 46 -7.09 -0.02 -6.27
N ILE A 47 -8.04 0.86 -6.53
CA ILE A 47 -8.67 1.62 -5.45
C ILE A 47 -9.55 0.69 -4.62
N GLN A 48 -10.40 -0.06 -5.32
CA GLN A 48 -11.30 -0.98 -4.66
C GLN A 48 -10.51 -1.95 -3.77
N LEU A 49 -9.50 -2.55 -4.36
CA LEU A 49 -8.66 -3.49 -3.63
C LEU A 49 -7.98 -2.76 -2.48
N LEU A 50 -7.44 -1.60 -2.79
CA LEU A 50 -6.76 -0.79 -1.79
C LEU A 50 -7.61 -0.72 -0.52
N GLN A 51 -8.91 -0.89 -0.72
CA GLN A 51 -9.85 -0.84 0.39
C GLN A 51 -9.97 -2.23 1.04
N THR A 52 -10.17 -3.22 0.19
CA THR A 52 -10.31 -4.59 0.66
C THR A 52 -8.99 -5.07 1.27
N THR A 53 -7.95 -5.03 0.44
CA THR A 53 -6.63 -5.47 0.88
C THR A 53 -6.12 -4.57 2.01
N ARG A 54 -6.51 -3.30 1.93
CA ARG A 54 -6.09 -2.34 2.94
C ARG A 54 -4.57 -2.32 3.06
N ILE A 55 -3.91 -2.54 1.93
CA ILE A 55 -2.47 -2.55 1.90
C ILE A 55 -1.95 -1.13 2.16
N GLY A 56 -2.79 -0.16 1.89
CA GLY A 56 -2.43 1.23 2.10
C GLY A 56 -1.88 1.45 3.50
N VAL A 57 -2.52 0.82 4.47
CA VAL A 57 -2.11 0.92 5.86
C VAL A 57 -0.85 0.09 6.07
N ALA A 58 -0.77 -1.00 5.33
CA ALA A 58 0.38 -1.90 5.44
C ALA A 58 1.65 -1.13 5.07
N VAL A 59 1.75 -0.79 3.79
CA VAL A 59 2.90 -0.06 3.31
C VAL A 59 3.25 1.07 4.30
N ASN A 60 2.31 2.00 4.43
CA ASN A 60 2.50 3.12 5.33
C ASN A 60 3.14 2.62 6.63
N GLY A 61 2.56 1.57 7.18
CA GLY A 61 3.06 0.99 8.40
C GLY A 61 4.59 0.87 8.37
N VAL A 62 5.09 0.48 7.20
CA VAL A 62 6.52 0.32 7.03
C VAL A 62 7.17 1.69 6.85
N ARG A 63 6.48 2.55 6.09
CA ARG A 63 6.98 3.89 5.84
C ARG A 63 6.97 4.71 7.13
N LYS A 64 6.25 4.19 8.12
CA LYS A 64 6.16 4.87 9.40
C LYS A 64 6.99 4.11 10.44
N HIS A 65 6.77 2.81 10.49
CA HIS A 65 7.49 1.96 11.43
C HIS A 65 8.94 1.78 10.96
N CYS A 66 9.07 1.55 9.66
CA CYS A 66 10.38 1.35 9.06
C CYS A 66 10.87 2.70 8.52
N SER A 67 12.06 3.09 8.95
CA SER A 67 12.64 4.34 8.51
C SER A 67 13.78 4.08 7.53
N ASP A 68 13.81 2.85 7.02
CA ASP A 68 14.84 2.47 6.07
C ASP A 68 14.82 3.44 4.88
N LYS A 69 15.50 3.02 3.82
CA LYS A 69 15.58 3.84 2.62
C LYS A 69 15.02 3.05 1.44
N GLU A 70 15.51 1.82 1.31
CA GLU A 70 15.08 0.95 0.22
C GLU A 70 13.67 0.40 0.52
N VAL A 71 13.49 -0.04 1.75
CA VAL A 71 12.21 -0.58 2.17
C VAL A 71 11.20 0.56 2.30
N VAL A 72 11.72 1.74 2.58
CA VAL A 72 10.87 2.92 2.73
C VAL A 72 10.62 3.54 1.36
N SER A 73 11.70 3.79 0.65
CA SER A 73 11.60 4.39 -0.68
C SER A 73 10.40 3.81 -1.42
N LEU A 74 10.50 2.52 -1.73
CA LEU A 74 9.43 1.83 -2.44
C LEU A 74 8.11 2.10 -1.72
N ALA A 75 8.13 1.94 -0.41
CA ALA A 75 6.93 2.16 0.39
C ALA A 75 6.28 3.47 -0.03
N LYS A 76 7.10 4.50 -0.14
CA LYS A 76 6.60 5.81 -0.54
C LYS A 76 6.02 5.72 -1.95
N VAL A 77 6.82 5.20 -2.86
CA VAL A 77 6.41 5.05 -4.24
C VAL A 77 5.06 4.33 -4.29
N LEU A 78 4.94 3.30 -3.47
CA LEU A 78 3.72 2.52 -3.40
C LEU A 78 2.56 3.43 -2.99
N ILE A 79 2.88 4.40 -2.14
CA ILE A 79 1.87 5.34 -1.68
C ILE A 79 1.54 6.33 -2.80
N LYS A 80 2.60 6.89 -3.38
CA LYS A 80 2.43 7.84 -4.46
C LYS A 80 1.66 7.18 -5.60
N ASN A 81 2.26 6.16 -6.18
CA ASN A 81 1.64 5.44 -7.28
C ASN A 81 0.15 5.24 -6.98
N TRP A 82 -0.11 4.77 -5.77
CA TRP A 82 -1.48 4.53 -5.34
C TRP A 82 -2.20 5.87 -5.28
N LYS A 83 -1.49 6.86 -4.73
CA LYS A 83 -2.04 8.19 -4.60
C LYS A 83 -2.57 8.66 -5.96
N ARG A 84 -2.05 8.03 -7.00
CA ARG A 84 -2.46 8.37 -8.35
C ARG A 84 -3.65 7.52 -8.78
N LEU A 85 -3.68 6.30 -8.26
CA LEU A 85 -4.75 5.37 -8.58
C LEU A 85 -6.09 6.00 -8.22
N LEU A 86 -6.16 6.53 -7.00
CA LEU A 86 -7.37 7.17 -6.52
C LEU A 86 -7.70 8.36 -7.42
N ASP A 87 -6.69 9.19 -7.64
CA ASP A 87 -6.86 10.37 -8.48
C ASP A 87 -6.88 9.95 -9.95
N SER A 88 -8.07 9.61 -10.42
CA SER A 88 -8.24 9.19 -11.80
C SER A 88 -8.08 10.39 -12.74
N PRO A 89 -7.53 10.10 -13.95
CA PRO A 89 -7.32 11.14 -14.94
C PRO A 89 -8.64 11.55 -15.60
N ARG A 90 -8.84 12.86 -15.66
CA ARG A 90 -10.05 13.40 -16.25
C ARG A 90 -10.06 14.92 -16.15
N THR A 91 -10.64 15.55 -17.18
CA THR A 91 -10.71 17.00 -17.21
C THR A 91 -9.36 17.62 -16.88
N THR A 92 -9.36 18.94 -16.75
CA THR A 92 -8.13 19.66 -16.44
C THR A 92 -7.05 19.35 -17.48
N LYS A 93 -6.89 20.27 -18.41
CA LYS A 93 -5.90 20.10 -19.47
C LYS A 93 -4.69 20.99 -19.16
N GLY A 94 -4.77 21.66 -18.03
CA GLY A 94 -3.69 22.55 -17.61
C GLY A 94 -3.00 22.02 -16.36
N GLU A 95 -1.91 21.29 -16.58
CA GLU A 95 -1.15 20.72 -15.48
C GLU A 95 0.26 20.34 -15.96
N ARG A 96 1.25 20.87 -15.25
CA ARG A 96 2.63 20.60 -15.59
C ARG A 96 3.56 21.17 -14.51
N GLU A 97 4.43 20.31 -14.00
CA GLU A 97 5.37 20.72 -12.97
C GLU A 97 6.48 19.68 -12.82
N SER A 98 7.59 19.97 -13.48
CA SER A 98 8.74 19.07 -13.44
C SER A 98 10.02 19.86 -13.17
N GLY A 99 10.73 19.45 -12.14
CA GLY A 99 11.97 20.11 -11.76
C GLY A 99 13.01 19.99 -12.88
N PRO A 100 13.85 21.05 -13.01
CA PRO A 100 14.88 21.07 -14.02
C PRO A 100 16.05 20.16 -13.64
N SER A 101 17.07 20.16 -14.48
CA SER A 101 18.24 19.34 -14.24
C SER A 101 17.85 17.86 -14.22
N SER A 102 18.73 17.04 -14.78
CA SER A 102 18.49 15.60 -14.82
C SER A 102 19.60 14.91 -15.60
N GLY A 103 19.72 15.30 -16.86
CA GLY A 103 20.74 14.73 -17.72
C GLY A 103 20.71 15.38 -19.11
N GLY A 1 -15.18 -7.12 0.60
CA GLY A 1 -15.16 -8.34 1.37
C GLY A 1 -15.39 -9.57 0.46
N SER A 2 -16.65 -9.84 0.20
CA SER A 2 -17.02 -10.97 -0.64
C SER A 2 -16.49 -12.27 -0.03
N SER A 3 -17.13 -13.37 -0.40
CA SER A 3 -16.73 -14.67 0.09
C SER A 3 -16.56 -15.64 -1.08
N GLY A 4 -15.81 -16.71 -0.82
CA GLY A 4 -15.55 -17.71 -1.83
C GLY A 4 -14.05 -17.99 -1.96
N SER A 5 -13.36 -17.06 -2.59
CA SER A 5 -11.92 -17.18 -2.79
C SER A 5 -11.58 -18.60 -3.24
N SER A 6 -11.75 -18.84 -4.53
CA SER A 6 -11.47 -20.15 -5.10
C SER A 6 -10.37 -20.03 -6.16
N GLY A 7 -9.14 -20.11 -5.69
CA GLY A 7 -7.99 -20.02 -6.57
C GLY A 7 -7.07 -18.86 -6.17
N MET A 8 -5.99 -18.71 -6.92
CA MET A 8 -5.03 -17.65 -6.65
C MET A 8 -5.02 -16.62 -7.78
N GLY A 9 -4.78 -15.38 -7.40
CA GLY A 9 -4.73 -14.29 -8.36
C GLY A 9 -3.92 -13.11 -7.82
N LEU A 10 -4.56 -11.95 -7.83
CA LEU A 10 -3.92 -10.74 -7.34
C LEU A 10 -4.44 -10.41 -5.94
N GLU A 11 -5.75 -10.26 -5.86
CA GLU A 11 -6.39 -9.95 -4.59
C GLU A 11 -5.85 -10.86 -3.49
N GLU A 12 -6.01 -12.16 -3.71
CA GLU A 12 -5.55 -13.14 -2.75
C GLU A 12 -4.07 -12.94 -2.45
N GLU A 13 -3.36 -12.42 -3.43
CA GLU A 13 -1.94 -12.17 -3.29
C GLU A 13 -1.70 -10.89 -2.48
N LEU A 14 -2.46 -9.87 -2.83
CA LEU A 14 -2.35 -8.58 -2.15
C LEU A 14 -2.59 -8.79 -0.67
N LEU A 15 -3.71 -9.41 -0.35
CA LEU A 15 -4.07 -9.67 1.03
C LEU A 15 -2.94 -10.42 1.72
N ARG A 16 -2.42 -11.42 1.02
CA ARG A 16 -1.34 -12.23 1.55
C ARG A 16 -0.16 -11.34 1.95
N ILE A 17 0.16 -10.42 1.06
CA ILE A 17 1.26 -9.49 1.32
C ILE A 17 0.94 -8.65 2.55
N ALA A 18 -0.11 -7.86 2.44
CA ALA A 18 -0.53 -7.01 3.54
C ALA A 18 -0.41 -7.78 4.85
N LYS A 19 -1.19 -8.84 4.95
CA LYS A 19 -1.17 -9.67 6.15
C LYS A 19 0.28 -9.83 6.64
N LYS A 20 1.15 -10.15 5.70
CA LYS A 20 2.55 -10.33 6.01
C LYS A 20 3.12 -9.03 6.61
N LEU A 21 2.96 -7.96 5.85
CA LEU A 21 3.43 -6.66 6.29
C LEU A 21 2.84 -6.33 7.66
N GLU A 22 1.51 -6.25 7.69
CA GLU A 22 0.81 -5.95 8.92
C GLU A 22 1.41 -6.74 10.08
N LYS A 23 1.56 -8.03 9.85
CA LYS A 23 2.12 -8.91 10.87
C LYS A 23 3.48 -8.38 11.31
N MET A 24 4.40 -8.34 10.35
CA MET A 24 5.75 -7.85 10.63
C MET A 24 5.70 -6.55 11.46
N VAL A 25 5.09 -5.54 10.86
CA VAL A 25 4.99 -4.25 11.53
C VAL A 25 4.50 -4.46 12.97
N SER A 26 3.46 -5.27 13.10
CA SER A 26 2.89 -5.57 14.40
C SER A 26 4.00 -6.02 15.35
N ARG A 27 4.75 -7.02 14.92
CA ARG A 27 5.83 -7.55 15.72
C ARG A 27 7.11 -6.73 15.50
N LYS A 28 6.93 -5.58 14.85
CA LYS A 28 8.05 -4.70 14.57
C LYS A 28 9.26 -5.54 14.15
N LYS A 29 9.11 -6.20 13.00
CA LYS A 29 10.18 -7.04 12.48
C LYS A 29 9.94 -7.30 10.99
N THR A 30 10.38 -6.35 10.18
CA THR A 30 10.22 -6.46 8.74
C THR A 30 11.36 -7.30 8.13
N GLU A 31 12.51 -6.66 8.00
CA GLU A 31 13.68 -7.32 7.44
C GLU A 31 13.26 -8.20 6.26
N GLY A 32 12.19 -7.78 5.59
CA GLY A 32 11.70 -8.52 4.45
C GLY A 32 10.42 -7.89 3.89
N ALA A 33 10.40 -6.56 3.93
CA ALA A 33 9.25 -5.82 3.44
C ALA A 33 9.50 -5.41 1.99
N LEU A 34 10.77 -5.29 1.64
CA LEU A 34 11.15 -4.92 0.29
C LEU A 34 10.51 -5.89 -0.70
N ASP A 35 10.73 -7.17 -0.47
CA ASP A 35 10.18 -8.20 -1.32
C ASP A 35 8.68 -7.99 -1.47
N LEU A 36 8.02 -7.74 -0.34
CA LEU A 36 6.59 -7.52 -0.33
C LEU A 36 6.27 -6.23 -1.10
N LEU A 37 7.01 -5.19 -0.76
CA LEU A 37 6.82 -3.90 -1.40
C LEU A 37 7.09 -4.04 -2.90
N LYS A 38 7.98 -4.96 -3.23
CA LYS A 38 8.34 -5.20 -4.62
C LYS A 38 7.11 -5.72 -5.37
N LYS A 39 6.66 -6.91 -4.97
CA LYS A 39 5.51 -7.52 -5.59
C LYS A 39 4.42 -6.46 -5.79
N LEU A 40 4.16 -5.72 -4.72
CA LEU A 40 3.15 -4.66 -4.77
C LEU A 40 3.47 -3.70 -5.91
N ASN A 41 4.72 -3.24 -5.93
CA ASN A 41 5.16 -2.31 -6.96
C ASN A 41 4.97 -2.96 -8.33
N SER A 42 4.94 -4.29 -8.33
CA SER A 42 4.78 -5.04 -9.56
C SER A 42 3.45 -5.78 -9.54
N CYS A 43 2.44 -5.13 -8.99
CA CYS A 43 1.11 -5.71 -8.90
C CYS A 43 0.09 -4.66 -9.33
N GLN A 44 -0.82 -5.07 -10.19
CA GLN A 44 -1.85 -4.17 -10.68
C GLN A 44 -2.84 -3.85 -9.57
N MET A 45 -2.40 -3.01 -8.65
CA MET A 45 -3.23 -2.61 -7.53
C MET A 45 -4.44 -1.80 -8.01
N SER A 46 -5.51 -1.88 -7.22
CA SER A 46 -6.73 -1.16 -7.55
C SER A 46 -7.28 -0.45 -6.31
N ILE A 47 -8.15 0.50 -6.55
CA ILE A 47 -8.75 1.26 -5.47
C ILE A 47 -9.58 0.32 -4.60
N GLN A 48 -10.36 -0.52 -5.27
CA GLN A 48 -11.21 -1.47 -4.57
C GLN A 48 -10.36 -2.42 -3.72
N LEU A 49 -9.30 -2.92 -4.34
CA LEU A 49 -8.40 -3.83 -3.65
C LEU A 49 -7.62 -3.07 -2.58
N LEU A 50 -7.27 -1.83 -2.91
CA LEU A 50 -6.54 -0.99 -1.98
C LEU A 50 -7.29 -0.92 -0.65
N GLN A 51 -8.60 -1.09 -0.73
CA GLN A 51 -9.44 -1.05 0.44
C GLN A 51 -9.52 -2.43 1.09
N THR A 52 -10.10 -3.36 0.34
CA THR A 52 -10.25 -4.73 0.83
C THR A 52 -8.95 -5.20 1.48
N THR A 53 -7.88 -5.17 0.69
CA THR A 53 -6.58 -5.59 1.17
C THR A 53 -6.05 -4.60 2.22
N ARG A 54 -6.35 -3.33 1.99
CA ARG A 54 -5.90 -2.29 2.90
C ARG A 54 -4.38 -2.24 2.95
N ILE A 55 -3.76 -2.51 1.81
CA ILE A 55 -2.31 -2.50 1.71
C ILE A 55 -1.81 -1.07 1.88
N GLY A 56 -2.73 -0.13 1.78
CA GLY A 56 -2.40 1.28 1.92
C GLY A 56 -1.89 1.59 3.32
N VAL A 57 -2.37 0.80 4.28
CA VAL A 57 -1.98 0.98 5.66
C VAL A 57 -0.77 0.09 5.96
N ALA A 58 -0.68 -1.00 5.21
CA ALA A 58 0.42 -1.94 5.39
C ALA A 58 1.73 -1.26 5.00
N VAL A 59 1.78 -0.80 3.76
CA VAL A 59 2.97 -0.13 3.25
C VAL A 59 3.36 0.98 4.22
N ASN A 60 2.51 2.00 4.29
CA ASN A 60 2.77 3.13 5.17
C ASN A 60 3.34 2.62 6.49
N GLY A 61 2.58 1.74 7.13
CA GLY A 61 3.01 1.18 8.41
C GLY A 61 4.51 0.92 8.42
N VAL A 62 4.99 0.32 7.33
CA VAL A 62 6.40 0.01 7.20
C VAL A 62 7.20 1.31 7.10
N ARG A 63 6.76 2.17 6.19
CA ARG A 63 7.42 3.44 5.99
C ARG A 63 7.68 4.12 7.34
N LYS A 64 6.92 3.71 8.34
CA LYS A 64 7.07 4.26 9.67
C LYS A 64 7.86 3.29 10.55
N HIS A 65 7.56 2.01 10.36
CA HIS A 65 8.24 0.97 11.12
C HIS A 65 9.52 0.56 10.39
N CYS A 66 9.96 1.42 9.49
CA CYS A 66 11.16 1.15 8.72
C CYS A 66 11.79 2.48 8.33
N SER A 67 13.05 2.41 7.92
CA SER A 67 13.78 3.61 7.53
C SER A 67 15.10 3.22 6.85
N ASP A 68 15.02 2.16 6.05
CA ASP A 68 16.18 1.68 5.34
C ASP A 68 16.33 2.45 4.02
N LYS A 69 15.54 3.50 3.91
CA LYS A 69 15.57 4.32 2.70
C LYS A 69 14.95 3.55 1.54
N GLU A 70 15.54 2.39 1.27
CA GLU A 70 15.05 1.55 0.19
C GLU A 70 13.67 0.99 0.52
N VAL A 71 13.59 0.37 1.69
CA VAL A 71 12.34 -0.22 2.15
C VAL A 71 11.27 0.88 2.21
N VAL A 72 11.73 2.10 2.45
CA VAL A 72 10.83 3.23 2.54
C VAL A 72 10.53 3.76 1.12
N SER A 73 11.60 3.99 0.38
CA SER A 73 11.46 4.49 -0.98
C SER A 73 10.30 3.80 -1.68
N LEU A 74 10.43 2.49 -1.84
CA LEU A 74 9.39 1.71 -2.49
C LEU A 74 8.04 2.02 -1.84
N ALA A 75 8.02 1.93 -0.52
CA ALA A 75 6.81 2.20 0.22
C ALA A 75 6.19 3.50 -0.28
N LYS A 76 7.04 4.49 -0.46
CA LYS A 76 6.59 5.80 -0.93
C LYS A 76 5.93 5.64 -2.30
N VAL A 77 6.69 5.02 -3.21
CA VAL A 77 6.19 4.80 -4.56
C VAL A 77 4.81 4.15 -4.49
N LEU A 78 4.66 3.23 -3.55
CA LEU A 78 3.40 2.53 -3.37
C LEU A 78 2.36 3.51 -2.82
N ILE A 79 2.85 4.52 -2.12
CA ILE A 79 1.97 5.52 -1.53
C ILE A 79 1.61 6.55 -2.60
N LYS A 80 2.53 6.77 -3.53
CA LYS A 80 2.33 7.72 -4.60
C LYS A 80 1.52 7.04 -5.72
N ASN A 81 2.15 6.06 -6.34
CA ASN A 81 1.52 5.33 -7.43
C ASN A 81 0.05 5.09 -7.08
N TRP A 82 -0.17 4.72 -5.82
CA TRP A 82 -1.51 4.45 -5.34
C TRP A 82 -2.28 5.77 -5.30
N LYS A 83 -1.64 6.77 -4.71
CA LYS A 83 -2.25 8.09 -4.60
C LYS A 83 -2.96 8.42 -5.90
N ARG A 84 -2.20 8.42 -6.98
CA ARG A 84 -2.76 8.72 -8.29
C ARG A 84 -4.17 8.13 -8.42
N LEU A 85 -4.25 6.83 -8.18
CA LEU A 85 -5.53 6.14 -8.26
C LEU A 85 -6.63 7.03 -7.67
N LEU A 86 -6.42 7.42 -6.42
CA LEU A 86 -7.37 8.27 -5.73
C LEU A 86 -7.28 9.69 -6.27
N ASP A 87 -6.09 10.26 -6.15
CA ASP A 87 -5.86 11.62 -6.63
C ASP A 87 -7.07 12.48 -6.31
N SER A 88 -7.39 12.56 -5.02
CA SER A 88 -8.52 13.36 -4.58
C SER A 88 -8.05 14.43 -3.58
N PRO A 89 -8.82 15.55 -3.55
CA PRO A 89 -8.50 16.65 -2.66
C PRO A 89 -8.87 16.31 -1.21
N ARG A 90 -7.92 16.51 -0.32
CA ARG A 90 -8.14 16.24 1.08
C ARG A 90 -7.11 16.99 1.94
N THR A 91 -7.20 16.76 3.24
CA THR A 91 -6.29 17.42 4.17
C THR A 91 -5.05 16.56 4.40
N THR A 92 -3.91 17.22 4.45
CA THR A 92 -2.65 16.53 4.66
C THR A 92 -2.20 16.65 6.13
N LYS A 93 -1.64 15.57 6.63
CA LYS A 93 -1.18 15.54 8.00
C LYS A 93 -2.37 15.65 8.94
N GLY A 94 -2.18 15.12 10.15
CA GLY A 94 -3.24 15.15 11.15
C GLY A 94 -2.91 16.15 12.27
N GLU A 95 -2.72 15.61 13.46
CA GLU A 95 -2.40 16.43 14.61
C GLU A 95 -2.21 15.56 15.85
N ARG A 96 -1.60 16.15 16.86
CA ARG A 96 -1.35 15.44 18.10
C ARG A 96 -0.40 14.26 17.88
N GLU A 97 0.65 14.22 18.69
CA GLU A 97 1.64 13.16 18.58
C GLU A 97 2.50 13.11 19.84
N SER A 98 2.75 11.89 20.30
CA SER A 98 3.56 11.69 21.48
C SER A 98 3.96 10.22 21.61
N GLY A 99 4.95 9.98 22.46
CA GLY A 99 5.43 8.63 22.67
C GLY A 99 5.76 8.39 24.15
N PRO A 100 4.98 7.45 24.76
CA PRO A 100 5.19 7.11 26.16
C PRO A 100 6.45 6.26 26.35
N SER A 101 6.91 6.23 27.60
CA SER A 101 8.10 5.47 27.93
C SER A 101 8.32 5.47 29.45
N SER A 102 9.16 4.54 29.88
CA SER A 102 9.47 4.43 31.31
C SER A 102 8.21 4.01 32.07
N GLY A 103 8.41 3.68 33.34
CA GLY A 103 7.32 3.25 34.18
C GLY A 103 6.85 1.85 33.82
N GLY A 1 -11.94 -18.39 -0.21
CA GLY A 1 -12.26 -18.05 1.16
C GLY A 1 -12.34 -19.30 2.04
N SER A 2 -13.47 -19.99 1.92
CA SER A 2 -13.68 -21.20 2.70
C SER A 2 -13.13 -22.41 1.94
N SER A 3 -13.67 -22.62 0.75
CA SER A 3 -13.25 -23.73 -0.08
C SER A 3 -13.66 -23.49 -1.54
N GLY A 4 -13.04 -24.25 -2.43
CA GLY A 4 -13.34 -24.13 -3.85
C GLY A 4 -12.15 -24.57 -4.70
N SER A 5 -12.00 -23.94 -5.85
CA SER A 5 -10.91 -24.26 -6.75
C SER A 5 -9.68 -23.41 -6.41
N SER A 6 -8.55 -23.82 -6.97
CA SER A 6 -7.30 -23.11 -6.74
C SER A 6 -6.76 -22.55 -8.06
N GLY A 7 -6.00 -21.48 -7.94
CA GLY A 7 -5.42 -20.83 -9.11
C GLY A 7 -4.41 -19.76 -8.70
N MET A 8 -4.44 -18.66 -9.43
CA MET A 8 -3.54 -17.55 -9.16
C MET A 8 -4.21 -16.21 -9.46
N GLY A 9 -4.39 -15.42 -8.41
CA GLY A 9 -5.01 -14.11 -8.56
C GLY A 9 -4.10 -13.01 -8.02
N LEU A 10 -4.66 -11.81 -7.93
CA LEU A 10 -3.92 -10.67 -7.43
C LEU A 10 -4.38 -10.33 -6.01
N GLU A 11 -5.60 -9.84 -5.92
CA GLU A 11 -6.17 -9.48 -4.64
C GLU A 11 -5.77 -10.49 -3.57
N GLU A 12 -6.30 -11.70 -3.71
CA GLU A 12 -5.99 -12.77 -2.77
C GLU A 12 -4.54 -12.69 -2.33
N GLU A 13 -3.66 -12.52 -3.31
CA GLU A 13 -2.24 -12.42 -3.04
C GLU A 13 -1.92 -11.12 -2.30
N LEU A 14 -2.39 -10.02 -2.88
CA LEU A 14 -2.16 -8.71 -2.29
C LEU A 14 -2.35 -8.81 -0.77
N LEU A 15 -3.40 -9.51 -0.38
CA LEU A 15 -3.71 -9.69 1.03
C LEU A 15 -2.51 -10.33 1.73
N ARG A 16 -2.21 -11.56 1.33
CA ARG A 16 -1.09 -12.27 1.91
C ARG A 16 0.09 -11.33 2.16
N ILE A 17 0.31 -10.46 1.20
CA ILE A 17 1.39 -9.49 1.30
C ILE A 17 1.16 -8.60 2.52
N ALA A 18 0.04 -7.90 2.49
CA ALA A 18 -0.32 -7.01 3.58
C ALA A 18 -0.11 -7.73 4.92
N LYS A 19 -0.87 -8.79 5.10
CA LYS A 19 -0.77 -9.58 6.33
C LYS A 19 0.69 -9.81 6.66
N LYS A 20 1.46 -10.16 5.64
CA LYS A 20 2.88 -10.41 5.81
C LYS A 20 3.56 -9.14 6.32
N LEU A 21 3.13 -8.02 5.77
CA LEU A 21 3.68 -6.73 6.17
C LEU A 21 3.17 -6.35 7.56
N GLU A 22 1.85 -6.19 7.63
CA GLU A 22 1.22 -5.83 8.89
C GLU A 22 1.85 -6.61 10.04
N LYS A 23 2.11 -7.88 9.78
CA LYS A 23 2.71 -8.74 10.79
C LYS A 23 4.03 -8.13 11.25
N MET A 24 4.84 -7.72 10.29
CA MET A 24 6.12 -7.11 10.59
C MET A 24 5.96 -5.89 11.50
N VAL A 25 5.11 -4.98 11.05
CA VAL A 25 4.85 -3.77 11.80
C VAL A 25 4.37 -4.14 13.21
N SER A 26 3.40 -5.04 13.24
CA SER A 26 2.85 -5.50 14.51
C SER A 26 3.96 -6.02 15.42
N ARG A 27 4.77 -6.90 14.85
CA ARG A 27 5.87 -7.48 15.60
C ARG A 27 7.11 -6.58 15.51
N LYS A 28 6.88 -5.37 15.02
CA LYS A 28 7.96 -4.40 14.89
C LYS A 28 9.22 -5.12 14.37
N LYS A 29 9.15 -5.56 13.12
CA LYS A 29 10.27 -6.25 12.51
C LYS A 29 9.97 -6.49 11.03
N THR A 30 10.48 -5.58 10.20
CA THR A 30 10.27 -5.68 8.76
C THR A 30 11.58 -6.05 8.07
N GLU A 31 11.71 -7.33 7.76
CA GLU A 31 12.90 -7.82 7.10
C GLU A 31 12.66 -7.96 5.60
N GLY A 32 11.89 -8.99 5.25
CA GLY A 32 11.56 -9.25 3.86
C GLY A 32 10.36 -8.42 3.41
N ALA A 33 10.46 -7.12 3.66
CA ALA A 33 9.40 -6.19 3.29
C ALA A 33 9.59 -5.76 1.84
N LEU A 34 10.85 -5.55 1.48
CA LEU A 34 11.19 -5.12 0.13
C LEU A 34 10.47 -6.03 -0.88
N ASP A 35 10.85 -7.29 -0.86
CA ASP A 35 10.26 -8.27 -1.76
C ASP A 35 8.75 -8.01 -1.86
N LEU A 36 8.12 -7.91 -0.69
CA LEU A 36 6.70 -7.66 -0.63
C LEU A 36 6.37 -6.36 -1.36
N LEU A 37 7.09 -5.32 -0.98
CA LEU A 37 6.89 -4.00 -1.58
C LEU A 37 7.08 -4.11 -3.10
N LYS A 38 8.09 -4.88 -3.47
CA LYS A 38 8.39 -5.08 -4.88
C LYS A 38 7.13 -5.53 -5.62
N LYS A 39 6.67 -6.71 -5.25
CA LYS A 39 5.47 -7.28 -5.86
C LYS A 39 4.40 -6.19 -5.98
N LEU A 40 4.06 -5.61 -4.83
CA LEU A 40 3.06 -4.56 -4.79
C LEU A 40 3.30 -3.59 -5.95
N ASN A 41 4.56 -3.25 -6.14
CA ASN A 41 4.95 -2.34 -7.20
C ASN A 41 4.60 -2.96 -8.55
N SER A 42 5.06 -4.19 -8.73
CA SER A 42 4.81 -4.90 -9.97
C SER A 42 3.49 -5.67 -9.88
N CYS A 43 2.48 -4.96 -9.41
CA CYS A 43 1.15 -5.56 -9.27
C CYS A 43 0.11 -4.54 -9.72
N GLN A 44 -0.93 -5.04 -10.35
CA GLN A 44 -2.01 -4.19 -10.84
C GLN A 44 -2.95 -3.82 -9.69
N MET A 45 -2.44 -2.99 -8.80
CA MET A 45 -3.23 -2.55 -7.66
C MET A 45 -4.36 -1.61 -8.10
N SER A 46 -5.44 -1.64 -7.32
CA SER A 46 -6.58 -0.80 -7.62
C SER A 46 -7.12 -0.17 -6.32
N ILE A 47 -8.07 0.74 -6.50
CA ILE A 47 -8.66 1.42 -5.36
C ILE A 47 -9.52 0.43 -4.57
N GLN A 48 -10.47 -0.18 -5.27
CA GLN A 48 -11.36 -1.15 -4.65
C GLN A 48 -10.55 -2.20 -3.88
N LEU A 49 -9.59 -2.78 -4.59
CA LEU A 49 -8.74 -3.80 -3.98
C LEU A 49 -7.95 -3.18 -2.82
N LEU A 50 -7.38 -2.02 -3.09
CA LEU A 50 -6.61 -1.31 -2.07
C LEU A 50 -7.34 -1.39 -0.74
N GLN A 51 -8.65 -1.24 -0.81
CA GLN A 51 -9.48 -1.30 0.40
C GLN A 51 -9.50 -2.72 0.95
N THR A 52 -10.10 -3.62 0.18
CA THR A 52 -10.19 -5.01 0.58
C THR A 52 -8.84 -5.51 1.11
N THR A 53 -7.81 -5.22 0.34
CA THR A 53 -6.46 -5.63 0.72
C THR A 53 -5.94 -4.76 1.86
N ARG A 54 -6.35 -3.50 1.84
CA ARG A 54 -5.92 -2.56 2.87
C ARG A 54 -4.40 -2.48 2.91
N ILE A 55 -3.78 -2.63 1.75
CA ILE A 55 -2.34 -2.57 1.65
C ILE A 55 -1.87 -1.12 1.81
N GLY A 56 -2.77 -0.21 1.48
CA GLY A 56 -2.46 1.21 1.60
C GLY A 56 -2.01 1.56 3.02
N VAL A 57 -2.65 0.93 3.99
CA VAL A 57 -2.32 1.17 5.38
C VAL A 57 -1.14 0.28 5.77
N ALA A 58 -1.05 -0.87 5.12
CA ALA A 58 0.02 -1.81 5.40
C ALA A 58 1.37 -1.16 5.07
N VAL A 59 1.51 -0.76 3.81
CA VAL A 59 2.73 -0.13 3.37
C VAL A 59 3.06 1.05 4.30
N ASN A 60 2.18 2.03 4.29
CA ASN A 60 2.37 3.21 5.13
C ASN A 60 2.75 2.76 6.55
N GLY A 61 2.03 1.76 7.03
CA GLY A 61 2.28 1.24 8.36
C GLY A 61 3.75 0.83 8.52
N VAL A 62 4.36 0.48 7.41
CA VAL A 62 5.76 0.07 7.42
C VAL A 62 6.64 1.30 7.27
N ARG A 63 6.34 2.10 6.26
CA ARG A 63 7.09 3.32 6.00
C ARG A 63 7.10 4.21 7.24
N LYS A 64 6.17 3.93 8.14
CA LYS A 64 6.06 4.69 9.38
C LYS A 64 6.93 4.04 10.45
N HIS A 65 7.08 2.73 10.33
CA HIS A 65 7.89 1.98 11.29
C HIS A 65 9.13 1.44 10.60
N CYS A 66 9.44 2.04 9.45
CA CYS A 66 10.60 1.61 8.69
C CYS A 66 11.55 2.81 8.56
N SER A 67 12.77 2.61 9.01
CA SER A 67 13.78 3.66 8.95
C SER A 67 14.65 3.48 7.71
N ASP A 68 14.64 2.26 7.18
CA ASP A 68 15.42 1.95 6.00
C ASP A 68 15.19 3.03 4.93
N LYS A 69 16.01 2.96 3.90
CA LYS A 69 15.90 3.93 2.81
C LYS A 69 15.39 3.21 1.55
N GLU A 70 15.62 1.91 1.52
CA GLU A 70 15.20 1.11 0.38
C GLU A 70 13.81 0.51 0.64
N VAL A 71 13.64 0.00 1.85
CA VAL A 71 12.37 -0.59 2.24
C VAL A 71 11.32 0.50 2.37
N VAL A 72 11.80 1.71 2.64
CA VAL A 72 10.90 2.84 2.80
C VAL A 72 10.63 3.46 1.43
N SER A 73 11.68 3.52 0.61
CA SER A 73 11.55 4.08 -0.73
C SER A 73 10.38 3.43 -1.46
N LEU A 74 10.52 2.14 -1.72
CA LEU A 74 9.48 1.40 -2.41
C LEU A 74 8.13 1.68 -1.75
N ALA A 75 8.12 1.56 -0.43
CA ALA A 75 6.90 1.81 0.33
C ALA A 75 6.22 3.08 -0.19
N LYS A 76 7.04 4.10 -0.39
CA LYS A 76 6.54 5.37 -0.87
C LYS A 76 6.06 5.20 -2.32
N VAL A 77 6.94 4.66 -3.14
CA VAL A 77 6.62 4.44 -4.54
C VAL A 77 5.16 3.97 -4.66
N LEU A 78 4.81 3.02 -3.80
CA LEU A 78 3.46 2.48 -3.80
C LEU A 78 2.47 3.61 -3.50
N ILE A 79 2.71 4.28 -2.38
CA ILE A 79 1.85 5.36 -1.96
C ILE A 79 1.73 6.38 -3.09
N LYS A 80 2.87 6.66 -3.71
CA LYS A 80 2.91 7.61 -4.81
C LYS A 80 1.91 7.18 -5.89
N ASN A 81 2.14 5.99 -6.43
CA ASN A 81 1.28 5.45 -7.45
C ASN A 81 -0.15 5.34 -6.91
N TRP A 82 -0.23 4.91 -5.65
CA TRP A 82 -1.52 4.75 -5.00
C TRP A 82 -2.10 6.14 -4.74
N LYS A 83 -1.26 7.15 -4.95
CA LYS A 83 -1.67 8.53 -4.74
C LYS A 83 -2.61 8.95 -5.87
N ARG A 84 -2.18 8.69 -7.09
CA ARG A 84 -2.98 9.05 -8.25
C ARG A 84 -4.27 8.21 -8.29
N LEU A 85 -4.27 7.17 -7.48
CA LEU A 85 -5.43 6.29 -7.41
C LEU A 85 -6.42 6.85 -6.39
N LEU A 86 -5.95 6.96 -5.15
CA LEU A 86 -6.79 7.48 -4.08
C LEU A 86 -6.96 8.99 -4.26
N ASP A 87 -5.82 9.68 -4.32
CA ASP A 87 -5.83 11.12 -4.48
C ASP A 87 -6.98 11.72 -3.66
N SER A 88 -7.28 11.04 -2.55
CA SER A 88 -8.35 11.50 -1.68
C SER A 88 -8.08 12.93 -1.23
N PRO A 89 -9.18 13.72 -1.11
CA PRO A 89 -9.08 15.10 -0.69
C PRO A 89 -8.81 15.21 0.81
N ARG A 90 -8.23 16.34 1.20
CA ARG A 90 -7.92 16.56 2.59
C ARG A 90 -9.20 16.63 3.43
N THR A 91 -9.09 16.17 4.66
CA THR A 91 -10.23 16.18 5.56
C THR A 91 -10.04 17.23 6.67
N THR A 92 -11.16 17.73 7.16
CA THR A 92 -11.13 18.73 8.21
C THR A 92 -11.47 18.10 9.56
N LYS A 93 -10.72 18.53 10.57
CA LYS A 93 -10.93 18.01 11.92
C LYS A 93 -10.90 19.17 12.91
N GLY A 94 -11.89 19.19 13.78
CA GLY A 94 -11.99 20.23 14.79
C GLY A 94 -11.75 19.67 16.20
N GLU A 95 -10.60 20.01 16.74
CA GLU A 95 -10.24 19.55 18.08
C GLU A 95 -10.55 20.62 19.11
N ARG A 96 -10.61 20.20 20.37
CA ARG A 96 -10.89 21.12 21.46
C ARG A 96 -12.33 21.63 21.36
N GLU A 97 -12.86 22.05 22.50
CA GLU A 97 -14.21 22.56 22.56
C GLU A 97 -14.47 23.25 23.89
N SER A 98 -15.11 24.41 23.81
CA SER A 98 -15.42 25.17 25.00
C SER A 98 -16.24 24.34 25.97
N GLY A 99 -16.08 24.64 27.25
CA GLY A 99 -16.81 23.92 28.28
C GLY A 99 -16.72 24.65 29.63
N PRO A 100 -17.80 25.42 29.93
CA PRO A 100 -17.85 26.17 31.18
C PRO A 100 -18.13 25.24 32.37
N SER A 101 -18.19 25.85 33.54
CA SER A 101 -18.45 25.09 34.76
C SER A 101 -18.89 26.05 35.88
N SER A 102 -19.29 25.45 36.98
CA SER A 102 -19.72 26.22 38.14
C SER A 102 -20.90 27.12 37.75
N GLY A 103 -21.70 27.46 38.75
CA GLY A 103 -22.86 28.30 38.53
C GLY A 103 -22.51 29.79 38.69
N GLY A 1 -13.85 -13.20 3.14
CA GLY A 1 -13.14 -13.28 1.87
C GLY A 1 -13.87 -14.16 0.87
N SER A 2 -13.98 -13.66 -0.36
CA SER A 2 -14.66 -14.39 -1.41
C SER A 2 -14.54 -13.62 -2.73
N SER A 3 -14.17 -14.36 -3.76
CA SER A 3 -14.02 -13.77 -5.09
C SER A 3 -14.42 -14.78 -6.16
N GLY A 4 -13.73 -15.91 -6.14
CA GLY A 4 -14.00 -16.96 -7.11
C GLY A 4 -12.93 -17.00 -8.20
N SER A 5 -11.81 -17.61 -7.86
CA SER A 5 -10.70 -17.71 -8.81
C SER A 5 -9.98 -19.04 -8.62
N SER A 6 -9.62 -19.65 -9.74
CA SER A 6 -8.93 -20.92 -9.73
C SER A 6 -7.43 -20.71 -9.88
N GLY A 7 -6.72 -20.81 -8.77
CA GLY A 7 -5.29 -20.64 -8.77
C GLY A 7 -4.88 -19.44 -7.90
N MET A 8 -3.81 -18.77 -8.31
CA MET A 8 -3.32 -17.63 -7.59
C MET A 8 -3.70 -16.33 -8.30
N GLY A 9 -4.53 -15.54 -7.62
CA GLY A 9 -4.98 -14.27 -8.17
C GLY A 9 -4.10 -13.11 -7.68
N LEU A 10 -4.67 -11.92 -7.71
CA LEU A 10 -3.94 -10.74 -7.27
C LEU A 10 -4.38 -10.39 -5.85
N GLU A 11 -5.68 -10.28 -5.67
CA GLU A 11 -6.22 -9.95 -4.36
C GLU A 11 -5.59 -10.83 -3.28
N GLU A 12 -5.86 -12.12 -3.36
CA GLU A 12 -5.32 -13.07 -2.41
C GLU A 12 -3.82 -12.82 -2.22
N GLU A 13 -3.18 -12.40 -3.29
CA GLU A 13 -1.75 -12.13 -3.25
C GLU A 13 -1.47 -10.83 -2.50
N LEU A 14 -2.31 -9.83 -2.77
CA LEU A 14 -2.16 -8.54 -2.12
C LEU A 14 -2.42 -8.70 -0.63
N LEU A 15 -3.53 -9.34 -0.31
CA LEU A 15 -3.90 -9.56 1.08
C LEU A 15 -2.76 -10.30 1.79
N ARG A 16 -2.23 -11.29 1.11
CA ARG A 16 -1.14 -12.07 1.67
C ARG A 16 0.03 -11.17 2.06
N ILE A 17 0.32 -10.23 1.17
CA ILE A 17 1.41 -9.28 1.41
C ILE A 17 1.12 -8.50 2.69
N ALA A 18 0.08 -7.68 2.62
CA ALA A 18 -0.32 -6.86 3.76
C ALA A 18 -0.24 -7.70 5.04
N LYS A 19 -1.03 -8.77 5.05
CA LYS A 19 -1.06 -9.66 6.20
C LYS A 19 0.36 -9.92 6.68
N LYS A 20 1.27 -10.02 5.72
CA LYS A 20 2.66 -10.26 6.04
C LYS A 20 3.25 -9.02 6.70
N LEU A 21 3.09 -7.88 6.03
CA LEU A 21 3.60 -6.62 6.53
C LEU A 21 2.97 -6.34 7.90
N GLU A 22 1.64 -6.30 7.91
CA GLU A 22 0.91 -6.04 9.14
C GLU A 22 1.56 -6.78 10.31
N LYS A 23 2.05 -7.97 10.02
CA LYS A 23 2.69 -8.78 11.04
C LYS A 23 4.07 -8.20 11.35
N MET A 24 4.88 -8.07 10.31
CA MET A 24 6.22 -7.53 10.46
C MET A 24 6.20 -6.24 11.27
N VAL A 25 5.22 -5.40 10.97
CA VAL A 25 5.07 -4.13 11.66
C VAL A 25 4.79 -4.39 13.14
N SER A 26 3.68 -5.07 13.39
CA SER A 26 3.29 -5.40 14.75
C SER A 26 4.51 -5.86 15.54
N ARG A 27 5.24 -6.80 14.96
CA ARG A 27 6.42 -7.34 15.60
C ARG A 27 7.53 -6.30 15.65
N LYS A 28 7.50 -5.42 14.66
CA LYS A 28 8.49 -4.36 14.57
C LYS A 28 9.84 -4.96 14.14
N LYS A 29 9.92 -5.29 12.87
CA LYS A 29 11.14 -5.87 12.32
C LYS A 29 11.22 -5.58 10.82
N THR A 30 10.18 -5.99 10.12
CA THR A 30 10.11 -5.78 8.68
C THR A 30 11.50 -5.95 8.06
N GLU A 31 11.79 -7.17 7.65
CA GLU A 31 13.07 -7.47 7.04
C GLU A 31 12.89 -7.81 5.57
N GLY A 32 11.79 -8.49 5.27
CA GLY A 32 11.48 -8.87 3.91
C GLY A 32 10.34 -8.02 3.34
N ALA A 33 10.43 -6.72 3.58
CA ALA A 33 9.42 -5.80 3.11
C ALA A 33 9.59 -5.60 1.60
N LEU A 34 10.83 -5.31 1.21
CA LEU A 34 11.15 -5.09 -0.18
C LEU A 34 10.38 -6.09 -1.04
N ASP A 35 10.81 -7.34 -0.96
CA ASP A 35 10.17 -8.41 -1.72
C ASP A 35 8.67 -8.14 -1.79
N LEU A 36 8.09 -7.87 -0.64
CA LEU A 36 6.66 -7.59 -0.56
C LEU A 36 6.34 -6.32 -1.37
N LEU A 37 7.04 -5.25 -1.03
CA LEU A 37 6.85 -3.99 -1.72
C LEU A 37 7.01 -4.20 -3.22
N LYS A 38 8.15 -4.78 -3.58
CA LYS A 38 8.45 -5.04 -4.98
C LYS A 38 7.21 -5.64 -5.66
N LYS A 39 6.73 -6.72 -5.08
CA LYS A 39 5.56 -7.40 -5.61
C LYS A 39 4.43 -6.38 -5.80
N LEU A 40 4.13 -5.66 -4.73
CA LEU A 40 3.09 -4.66 -4.77
C LEU A 40 3.34 -3.70 -5.94
N ASN A 41 4.58 -3.24 -6.02
CA ASN A 41 4.97 -2.32 -7.08
C ASN A 41 4.79 -3.01 -8.44
N SER A 42 4.86 -4.34 -8.41
CA SER A 42 4.71 -5.13 -9.61
C SER A 42 3.39 -5.90 -9.58
N CYS A 43 2.36 -5.21 -9.12
CA CYS A 43 1.04 -5.81 -9.02
C CYS A 43 0.00 -4.78 -9.50
N GLN A 44 -0.95 -5.27 -10.28
CA GLN A 44 -2.00 -4.41 -10.80
C GLN A 44 -2.97 -4.01 -9.68
N MET A 45 -2.50 -3.10 -8.84
CA MET A 45 -3.31 -2.62 -7.73
C MET A 45 -4.44 -1.71 -8.22
N SER A 46 -5.50 -1.66 -7.44
CA SER A 46 -6.65 -0.84 -7.78
C SER A 46 -7.21 -0.18 -6.52
N ILE A 47 -7.98 0.88 -6.74
CA ILE A 47 -8.58 1.61 -5.64
C ILE A 47 -9.43 0.65 -4.80
N GLN A 48 -10.43 0.07 -5.44
CA GLN A 48 -11.31 -0.87 -4.77
C GLN A 48 -10.50 -1.93 -4.02
N LEU A 49 -9.61 -2.58 -4.76
CA LEU A 49 -8.76 -3.61 -4.19
C LEU A 49 -7.98 -3.02 -3.01
N LEU A 50 -7.35 -1.87 -3.27
CA LEU A 50 -6.56 -1.20 -2.26
C LEU A 50 -7.30 -1.28 -0.91
N GLN A 51 -8.61 -1.03 -0.99
CA GLN A 51 -9.43 -1.07 0.21
C GLN A 51 -9.54 -2.50 0.74
N THR A 52 -10.19 -3.34 -0.06
CA THR A 52 -10.37 -4.74 0.31
C THR A 52 -9.07 -5.32 0.85
N THR A 53 -7.98 -4.98 0.17
CA THR A 53 -6.67 -5.47 0.57
C THR A 53 -6.14 -4.65 1.76
N ARG A 54 -6.53 -3.38 1.78
CA ARG A 54 -6.10 -2.49 2.86
C ARG A 54 -4.57 -2.47 2.96
N ILE A 55 -3.93 -2.67 1.81
CA ILE A 55 -2.48 -2.69 1.75
C ILE A 55 -1.96 -1.25 1.95
N GLY A 56 -2.82 -0.30 1.64
CA GLY A 56 -2.46 1.11 1.77
C GLY A 56 -1.98 1.41 3.20
N VAL A 57 -2.71 0.87 4.16
CA VAL A 57 -2.38 1.08 5.56
C VAL A 57 -1.15 0.24 5.91
N ALA A 58 -1.08 -0.93 5.31
CA ALA A 58 0.03 -1.84 5.55
C ALA A 58 1.34 -1.14 5.19
N VAL A 59 1.45 -0.76 3.93
CA VAL A 59 2.64 -0.08 3.45
C VAL A 59 3.01 1.04 4.42
N ASN A 60 2.11 2.02 4.51
CA ASN A 60 2.34 3.15 5.40
C ASN A 60 2.76 2.65 6.78
N GLY A 61 2.02 1.65 7.26
CA GLY A 61 2.31 1.06 8.56
C GLY A 61 3.78 0.67 8.66
N VAL A 62 4.36 0.32 7.53
CA VAL A 62 5.76 -0.09 7.48
C VAL A 62 6.62 1.15 7.33
N ARG A 63 6.31 1.96 6.33
CA ARG A 63 7.05 3.17 6.07
C ARG A 63 7.12 4.04 7.33
N LYS A 64 6.20 3.76 8.24
CA LYS A 64 6.14 4.50 9.50
C LYS A 64 7.02 3.80 10.54
N HIS A 65 7.23 2.51 10.32
CA HIS A 65 8.06 1.73 11.23
C HIS A 65 9.28 1.20 10.48
N CYS A 66 9.56 1.83 9.35
CA CYS A 66 10.70 1.43 8.54
C CYS A 66 11.63 2.64 8.40
N SER A 67 12.87 2.43 8.81
CA SER A 67 13.87 3.49 8.74
C SER A 67 14.81 3.23 7.56
N ASP A 68 14.57 2.13 6.87
CA ASP A 68 15.39 1.76 5.72
C ASP A 68 15.29 2.86 4.66
N LYS A 69 15.94 2.61 3.54
CA LYS A 69 15.94 3.56 2.44
C LYS A 69 15.17 2.97 1.26
N GLU A 70 15.63 1.80 0.82
CA GLU A 70 14.99 1.13 -0.30
C GLU A 70 13.63 0.57 0.12
N VAL A 71 13.64 -0.13 1.24
CA VAL A 71 12.41 -0.72 1.76
C VAL A 71 11.39 0.38 2.02
N VAL A 72 11.91 1.58 2.28
CA VAL A 72 11.05 2.72 2.55
C VAL A 72 10.72 3.42 1.23
N SER A 73 11.73 3.52 0.39
CA SER A 73 11.56 4.17 -0.91
C SER A 73 10.35 3.56 -1.63
N LEU A 74 10.35 2.24 -1.73
CA LEU A 74 9.27 1.54 -2.40
C LEU A 74 7.95 1.86 -1.68
N ALA A 75 7.93 1.55 -0.40
CA ALA A 75 6.75 1.80 0.41
C ALA A 75 6.15 3.16 0.04
N LYS A 76 7.04 4.10 -0.22
CA LYS A 76 6.62 5.45 -0.58
C LYS A 76 5.97 5.41 -1.97
N VAL A 77 6.73 4.91 -2.93
CA VAL A 77 6.24 4.82 -4.30
C VAL A 77 4.85 4.17 -4.29
N LEU A 78 4.72 3.12 -3.49
CA LEU A 78 3.47 2.41 -3.38
C LEU A 78 2.36 3.39 -2.94
N ILE A 79 2.74 4.27 -2.04
CA ILE A 79 1.79 5.25 -1.54
C ILE A 79 1.45 6.25 -2.65
N LYS A 80 2.49 6.71 -3.33
CA LYS A 80 2.30 7.65 -4.42
C LYS A 80 1.54 6.97 -5.56
N ASN A 81 2.19 6.00 -6.17
CA ASN A 81 1.58 5.26 -7.26
C ASN A 81 0.11 5.01 -6.94
N TRP A 82 -0.15 4.76 -5.68
CA TRP A 82 -1.52 4.51 -5.23
C TRP A 82 -2.25 5.85 -5.15
N LYS A 83 -1.61 6.80 -4.49
CA LYS A 83 -2.19 8.12 -4.32
C LYS A 83 -2.82 8.55 -5.65
N ARG A 84 -2.01 8.54 -6.69
CA ARG A 84 -2.47 8.93 -8.01
C ARG A 84 -3.86 8.36 -8.28
N LEU A 85 -3.99 7.06 -8.04
CA LEU A 85 -5.25 6.38 -8.24
C LEU A 85 -6.38 7.20 -7.60
N LEU A 86 -6.25 7.39 -6.29
CA LEU A 86 -7.24 8.15 -5.55
C LEU A 86 -7.28 9.58 -6.08
N ASP A 87 -6.13 10.23 -6.06
CA ASP A 87 -6.02 11.60 -6.53
C ASP A 87 -6.86 11.76 -7.81
N SER A 88 -6.51 10.96 -8.81
CA SER A 88 -7.23 11.00 -10.07
C SER A 88 -8.72 11.17 -9.83
N PRO A 89 -9.36 11.98 -10.71
CA PRO A 89 -10.79 12.23 -10.60
C PRO A 89 -11.60 11.01 -11.07
N ARG A 90 -11.74 10.05 -10.18
CA ARG A 90 -12.48 8.84 -10.50
C ARG A 90 -13.03 8.21 -9.22
N THR A 91 -14.35 8.27 -9.09
CA THR A 91 -15.02 7.71 -7.93
C THR A 91 -16.10 6.73 -8.35
N THR A 92 -16.25 5.67 -7.57
CA THR A 92 -17.25 4.66 -7.85
C THR A 92 -18.24 4.53 -6.69
N LYS A 93 -19.49 4.26 -7.03
CA LYS A 93 -20.53 4.11 -6.03
C LYS A 93 -21.67 3.27 -6.60
N GLY A 94 -22.48 2.74 -5.70
CA GLY A 94 -23.60 1.91 -6.10
C GLY A 94 -24.92 2.57 -5.74
N GLU A 95 -25.25 2.53 -4.45
CA GLU A 95 -26.48 3.12 -3.96
C GLU A 95 -26.46 4.64 -4.17
N ARG A 96 -27.59 5.17 -4.61
CA ARG A 96 -27.72 6.59 -4.85
C ARG A 96 -27.60 7.37 -3.54
N GLU A 97 -26.87 8.46 -3.59
CA GLU A 97 -26.68 9.30 -2.41
C GLU A 97 -26.76 10.78 -2.80
N SER A 98 -27.98 11.28 -2.86
CA SER A 98 -28.21 12.67 -3.20
C SER A 98 -27.67 13.58 -2.10
N GLY A 99 -27.66 14.87 -2.39
CA GLY A 99 -27.18 15.85 -1.44
C GLY A 99 -27.63 17.26 -1.83
N PRO A 100 -27.67 18.15 -0.80
CA PRO A 100 -28.08 19.53 -1.02
C PRO A 100 -26.97 20.33 -1.70
N SER A 101 -27.39 21.30 -2.49
CA SER A 101 -26.43 22.15 -3.20
C SER A 101 -27.10 23.48 -3.57
N SER A 102 -26.44 24.56 -3.19
CA SER A 102 -26.94 25.89 -3.48
C SER A 102 -26.04 26.59 -4.50
N GLY A 103 -25.21 25.78 -5.15
CA GLY A 103 -24.29 26.31 -6.15
C GLY A 103 -23.67 27.63 -5.67
N GLY A 1 -2.17 2.56 -18.15
CA GLY A 1 -1.66 1.21 -18.36
C GLY A 1 -2.60 0.40 -19.24
N SER A 2 -2.24 -0.86 -19.46
CA SER A 2 -3.03 -1.73 -20.29
C SER A 2 -3.19 -3.10 -19.61
N SER A 3 -4.44 -3.45 -19.33
CA SER A 3 -4.74 -4.71 -18.68
C SER A 3 -4.38 -5.87 -19.61
N GLY A 4 -3.78 -6.89 -19.02
CA GLY A 4 -3.39 -8.07 -19.79
C GLY A 4 -2.28 -8.85 -19.07
N SER A 5 -2.61 -10.07 -18.70
CA SER A 5 -1.65 -10.92 -18.01
C SER A 5 -2.26 -12.30 -17.76
N SER A 6 -1.39 -13.25 -17.42
CA SER A 6 -1.83 -14.61 -17.16
C SER A 6 -1.68 -14.92 -15.66
N GLY A 7 -2.46 -15.89 -15.22
CA GLY A 7 -2.42 -16.31 -13.81
C GLY A 7 -3.13 -15.28 -12.92
N MET A 8 -4.45 -15.32 -12.98
CA MET A 8 -5.26 -14.40 -12.20
C MET A 8 -5.10 -14.69 -10.70
N GLY A 9 -5.00 -13.61 -9.93
CA GLY A 9 -4.84 -13.73 -8.50
C GLY A 9 -4.04 -12.56 -7.94
N LEU A 10 -4.72 -11.44 -7.76
CA LEU A 10 -4.09 -10.24 -7.24
C LEU A 10 -4.53 -10.03 -5.79
N GLU A 11 -5.80 -9.70 -5.64
CA GLU A 11 -6.36 -9.45 -4.32
C GLU A 11 -5.79 -10.46 -3.32
N GLU A 12 -6.05 -11.74 -3.58
CA GLU A 12 -5.57 -12.80 -2.71
C GLU A 12 -4.09 -12.58 -2.37
N GLU A 13 -3.28 -12.49 -3.42
CA GLU A 13 -1.86 -12.29 -3.23
C GLU A 13 -1.61 -11.00 -2.42
N LEU A 14 -2.29 -9.94 -2.83
CA LEU A 14 -2.15 -8.66 -2.16
C LEU A 14 -2.34 -8.86 -0.65
N LEU A 15 -3.41 -9.55 -0.30
CA LEU A 15 -3.71 -9.81 1.09
C LEU A 15 -2.49 -10.44 1.77
N ARG A 16 -2.11 -11.61 1.28
CA ARG A 16 -0.98 -12.32 1.82
C ARG A 16 0.14 -11.33 2.17
N ILE A 17 0.43 -10.45 1.23
CA ILE A 17 1.47 -9.45 1.42
C ILE A 17 1.09 -8.55 2.60
N ALA A 18 -0.10 -7.96 2.49
CA ALA A 18 -0.59 -7.08 3.53
C ALA A 18 -0.48 -7.79 4.89
N LYS A 19 -0.97 -9.02 4.91
CA LYS A 19 -0.94 -9.81 6.13
C LYS A 19 0.52 -10.01 6.57
N LYS A 20 1.38 -10.23 5.59
CA LYS A 20 2.79 -10.43 5.85
C LYS A 20 3.39 -9.13 6.38
N LEU A 21 3.03 -8.03 5.73
CA LEU A 21 3.53 -6.72 6.12
C LEU A 21 2.97 -6.37 7.51
N GLU A 22 1.66 -6.23 7.57
CA GLU A 22 1.00 -5.90 8.83
C GLU A 22 1.64 -6.66 9.99
N LYS A 23 1.86 -7.95 9.76
CA LYS A 23 2.46 -8.80 10.77
C LYS A 23 3.79 -8.18 11.22
N MET A 24 4.73 -8.14 10.29
CA MET A 24 6.04 -7.57 10.58
C MET A 24 5.92 -6.34 11.46
N VAL A 25 5.17 -5.37 10.97
CA VAL A 25 4.96 -4.13 11.70
C VAL A 25 4.67 -4.45 13.17
N SER A 26 3.70 -5.32 13.36
CA SER A 26 3.31 -5.72 14.71
C SER A 26 4.56 -6.08 15.52
N ARG A 27 5.33 -7.01 14.99
CA ARG A 27 6.55 -7.45 15.65
C ARG A 27 7.59 -6.32 15.66
N LYS A 28 7.43 -5.41 14.70
CA LYS A 28 8.34 -4.30 14.58
C LYS A 28 9.73 -4.81 14.17
N LYS A 29 9.81 -5.29 12.94
CA LYS A 29 11.05 -5.80 12.42
C LYS A 29 11.18 -5.43 10.94
N THR A 30 10.14 -5.76 10.19
CA THR A 30 10.11 -5.45 8.76
C THR A 30 11.49 -5.67 8.15
N GLU A 31 11.77 -6.92 7.81
CA GLU A 31 13.04 -7.27 7.21
C GLU A 31 12.87 -7.63 5.74
N GLY A 32 11.89 -8.50 5.48
CA GLY A 32 11.62 -8.92 4.11
C GLY A 32 10.43 -8.15 3.53
N ALA A 33 10.42 -6.85 3.82
CA ALA A 33 9.35 -5.99 3.33
C ALA A 33 9.56 -5.71 1.84
N LEU A 34 10.81 -5.42 1.51
CA LEU A 34 11.17 -5.14 0.12
C LEU A 34 10.45 -6.13 -0.80
N ASP A 35 10.93 -7.37 -0.75
CA ASP A 35 10.35 -8.42 -1.57
C ASP A 35 8.84 -8.22 -1.66
N LEU A 36 8.24 -7.99 -0.51
CA LEU A 36 6.80 -7.79 -0.44
C LEU A 36 6.43 -6.52 -1.22
N LEU A 37 7.13 -5.44 -0.89
CA LEU A 37 6.89 -4.17 -1.55
C LEU A 37 7.07 -4.34 -3.07
N LYS A 38 8.20 -4.91 -3.43
CA LYS A 38 8.52 -5.15 -4.83
C LYS A 38 7.30 -5.73 -5.53
N LYS A 39 6.80 -6.83 -4.98
CA LYS A 39 5.64 -7.50 -5.53
C LYS A 39 4.52 -6.47 -5.74
N LEU A 40 4.38 -5.60 -4.75
CA LEU A 40 3.36 -4.58 -4.81
C LEU A 40 3.70 -3.57 -5.91
N ASN A 41 4.97 -3.16 -5.90
CA ASN A 41 5.45 -2.21 -6.89
C ASN A 41 5.10 -2.71 -8.30
N SER A 42 4.88 -4.01 -8.38
CA SER A 42 4.54 -4.63 -9.66
C SER A 42 3.22 -5.39 -9.53
N CYS A 43 2.26 -4.73 -8.90
CA CYS A 43 0.94 -5.31 -8.71
C CYS A 43 -0.10 -4.39 -9.34
N GLN A 44 -1.18 -4.99 -9.80
CA GLN A 44 -2.26 -4.24 -10.42
C GLN A 44 -3.20 -3.67 -9.36
N MET A 45 -2.60 -3.04 -8.35
CA MET A 45 -3.37 -2.46 -7.27
C MET A 45 -4.52 -1.61 -7.82
N SER A 46 -5.53 -1.42 -6.97
CA SER A 46 -6.69 -0.63 -7.34
C SER A 46 -7.31 0.01 -6.10
N ILE A 47 -8.16 1.00 -6.35
CA ILE A 47 -8.83 1.69 -5.27
C ILE A 47 -9.66 0.70 -4.47
N GLN A 48 -10.55 0.02 -5.18
CA GLN A 48 -11.42 -0.97 -4.54
C GLN A 48 -10.59 -1.97 -3.73
N LEU A 49 -9.61 -2.56 -4.40
CA LEU A 49 -8.74 -3.53 -3.75
C LEU A 49 -8.01 -2.85 -2.59
N LEU A 50 -7.42 -1.69 -2.89
CA LEU A 50 -6.70 -0.94 -1.89
C LEU A 50 -7.48 -0.97 -0.57
N GLN A 51 -8.80 -1.05 -0.70
CA GLN A 51 -9.66 -1.08 0.46
C GLN A 51 -9.75 -2.51 1.03
N THR A 52 -10.22 -3.41 0.17
CA THR A 52 -10.35 -4.81 0.57
C THR A 52 -9.03 -5.34 1.13
N THR A 53 -7.97 -5.11 0.37
CA THR A 53 -6.65 -5.56 0.76
C THR A 53 -6.12 -4.69 1.91
N ARG A 54 -6.48 -3.41 1.86
CA ARG A 54 -6.05 -2.47 2.88
C ARG A 54 -4.52 -2.42 2.95
N ILE A 55 -3.91 -2.56 1.77
CA ILE A 55 -2.46 -2.55 1.69
C ILE A 55 -1.96 -1.11 1.91
N GLY A 56 -2.82 -0.16 1.58
CA GLY A 56 -2.49 1.24 1.73
C GLY A 56 -1.97 1.53 3.15
N VAL A 57 -2.63 0.91 4.12
CA VAL A 57 -2.25 1.09 5.51
C VAL A 57 -1.06 0.19 5.83
N ALA A 58 -1.02 -0.95 5.15
CA ALA A 58 0.05 -1.91 5.34
C ALA A 58 1.39 -1.25 5.02
N VAL A 59 1.46 -0.68 3.83
CA VAL A 59 2.67 -0.02 3.40
C VAL A 59 3.03 1.09 4.39
N ASN A 60 2.16 2.07 4.47
CA ASN A 60 2.37 3.19 5.38
C ASN A 60 2.87 2.65 6.73
N GLY A 61 2.13 1.70 7.26
CA GLY A 61 2.48 1.09 8.53
C GLY A 61 3.98 0.80 8.61
N VAL A 62 4.53 0.37 7.48
CA VAL A 62 5.94 0.05 7.39
C VAL A 62 6.74 1.35 7.21
N ARG A 63 6.37 2.10 6.19
CA ARG A 63 7.04 3.35 5.90
C ARG A 63 7.14 4.20 7.16
N LYS A 64 6.27 3.90 8.12
CA LYS A 64 6.25 4.63 9.37
C LYS A 64 7.07 3.86 10.41
N HIS A 65 6.90 2.55 10.39
CA HIS A 65 7.62 1.69 11.32
C HIS A 65 8.97 1.30 10.72
N CYS A 66 9.38 2.06 9.72
CA CYS A 66 10.65 1.80 9.06
C CYS A 66 11.20 3.13 8.53
N SER A 67 12.50 3.30 8.67
CA SER A 67 13.15 4.51 8.22
C SER A 67 14.20 4.17 7.15
N ASP A 68 14.12 2.95 6.65
CA ASP A 68 15.05 2.50 5.62
C ASP A 68 15.01 3.46 4.45
N LYS A 69 15.65 3.05 3.36
CA LYS A 69 15.70 3.86 2.17
C LYS A 69 15.01 3.11 1.02
N GLU A 70 15.49 1.91 0.76
CA GLU A 70 14.94 1.09 -0.30
C GLU A 70 13.59 0.52 0.13
N VAL A 71 13.56 -0.01 1.35
CA VAL A 71 12.34 -0.59 1.88
C VAL A 71 11.31 0.52 2.13
N VAL A 72 11.83 1.72 2.35
CA VAL A 72 10.97 2.86 2.59
C VAL A 72 10.58 3.50 1.25
N SER A 73 11.58 3.67 0.40
CA SER A 73 11.36 4.26 -0.90
C SER A 73 10.17 3.58 -1.58
N LEU A 74 10.33 2.29 -1.84
CA LEU A 74 9.29 1.51 -2.50
C LEU A 74 7.96 1.76 -1.78
N ALA A 75 7.99 1.60 -0.46
CA ALA A 75 6.80 1.80 0.34
C ALA A 75 6.19 3.17 0.01
N LYS A 76 7.07 4.15 -0.17
CA LYS A 76 6.64 5.49 -0.50
C LYS A 76 6.00 5.51 -1.88
N VAL A 77 6.74 4.98 -2.84
CA VAL A 77 6.26 4.92 -4.22
C VAL A 77 4.88 4.27 -4.25
N LEU A 78 4.76 3.18 -3.48
CA LEU A 78 3.51 2.46 -3.41
C LEU A 78 2.39 3.42 -2.99
N ILE A 79 2.76 4.36 -2.13
CA ILE A 79 1.80 5.34 -1.65
C ILE A 79 1.47 6.33 -2.77
N LYS A 80 2.54 6.87 -3.37
CA LYS A 80 2.38 7.83 -4.45
C LYS A 80 1.62 7.17 -5.59
N ASN A 81 2.22 6.13 -6.15
CA ASN A 81 1.60 5.41 -7.26
C ASN A 81 0.13 5.18 -6.95
N TRP A 82 -0.12 4.67 -5.75
CA TRP A 82 -1.49 4.40 -5.32
C TRP A 82 -2.24 5.73 -5.25
N LYS A 83 -1.52 6.75 -4.81
CA LYS A 83 -2.10 8.08 -4.69
C LYS A 83 -2.83 8.42 -5.99
N ARG A 84 -2.08 8.42 -7.08
CA ARG A 84 -2.64 8.73 -8.38
C ARG A 84 -4.05 8.14 -8.50
N LEU A 85 -4.14 6.85 -8.27
CA LEU A 85 -5.43 6.17 -8.35
C LEU A 85 -6.52 7.05 -7.73
N LEU A 86 -6.27 7.47 -6.50
CA LEU A 86 -7.21 8.32 -5.80
C LEU A 86 -7.11 9.74 -6.34
N ASP A 87 -5.91 10.31 -6.23
CA ASP A 87 -5.68 11.66 -6.70
C ASP A 87 -6.89 12.53 -6.36
N SER A 88 -7.19 12.60 -5.08
CA SER A 88 -8.32 13.39 -4.61
C SER A 88 -8.32 14.76 -5.30
N PRO A 89 -9.53 15.39 -5.34
CA PRO A 89 -9.67 16.70 -5.96
C PRO A 89 -9.09 17.80 -5.07
N ARG A 90 -7.76 17.79 -4.98
CA ARG A 90 -7.07 18.78 -4.17
C ARG A 90 -6.43 19.85 -5.06
N THR A 91 -5.99 20.91 -4.42
CA THR A 91 -5.35 22.01 -5.15
C THR A 91 -4.55 22.89 -4.19
N THR A 92 -3.29 23.08 -4.53
CA THR A 92 -2.40 23.89 -3.71
C THR A 92 -1.07 24.12 -4.43
N LYS A 93 -0.73 25.39 -4.61
CA LYS A 93 0.50 25.75 -5.27
C LYS A 93 0.43 25.30 -6.74
N GLY A 94 0.99 26.14 -7.61
CA GLY A 94 1.01 25.85 -9.02
C GLY A 94 2.10 24.82 -9.36
N GLU A 95 2.39 24.73 -10.65
CA GLU A 95 3.41 23.80 -11.12
C GLU A 95 4.74 24.52 -11.31
N ARG A 96 5.81 23.84 -10.93
CA ARG A 96 7.14 24.41 -11.05
C ARG A 96 8.18 23.41 -10.56
N GLU A 97 9.40 23.55 -11.08
CA GLU A 97 10.49 22.67 -10.70
C GLU A 97 10.34 21.31 -11.39
N SER A 98 11.46 20.78 -11.83
CA SER A 98 11.48 19.49 -12.50
C SER A 98 12.90 19.13 -12.93
N GLY A 99 13.34 17.97 -12.47
CA GLY A 99 14.68 17.51 -12.79
C GLY A 99 14.97 17.66 -14.29
N PRO A 100 16.26 17.93 -14.61
CA PRO A 100 16.67 18.10 -15.98
C PRO A 100 16.75 16.76 -16.71
N SER A 101 17.09 16.82 -17.99
CA SER A 101 17.19 15.62 -18.79
C SER A 101 17.89 15.95 -20.12
N SER A 102 18.36 14.90 -20.79
CA SER A 102 19.04 15.06 -22.05
C SER A 102 20.33 15.84 -21.86
N GLY A 103 21.41 15.32 -22.43
CA GLY A 103 22.71 15.95 -22.34
C GLY A 103 23.83 14.93 -22.52
N GLY A 1 5.84 -23.27 -6.29
CA GLY A 1 5.99 -23.91 -7.59
C GLY A 1 5.60 -22.97 -8.73
N SER A 2 4.73 -23.47 -9.60
CA SER A 2 4.27 -22.69 -10.73
C SER A 2 3.83 -21.31 -10.26
N SER A 3 3.83 -20.37 -11.20
CA SER A 3 3.44 -19.00 -10.89
C SER A 3 2.18 -19.00 -10.01
N GLY A 4 1.14 -19.63 -10.54
CA GLY A 4 -0.13 -19.72 -9.82
C GLY A 4 -0.60 -21.16 -9.71
N SER A 5 -0.54 -21.69 -8.50
CA SER A 5 -0.95 -23.05 -8.25
C SER A 5 -2.18 -23.07 -7.32
N SER A 6 -3.20 -23.77 -7.77
CA SER A 6 -4.43 -23.87 -6.99
C SER A 6 -4.96 -22.46 -6.65
N GLY A 7 -5.82 -21.97 -7.53
CA GLY A 7 -6.40 -20.65 -7.33
C GLY A 7 -5.31 -19.61 -7.01
N MET A 8 -5.56 -18.84 -5.96
CA MET A 8 -4.62 -17.82 -5.55
C MET A 8 -4.44 -16.75 -6.64
N GLY A 9 -5.23 -15.69 -6.51
CA GLY A 9 -5.18 -14.61 -7.47
C GLY A 9 -4.46 -13.40 -6.90
N LEU A 10 -4.59 -12.28 -7.59
CA LEU A 10 -3.95 -11.04 -7.16
C LEU A 10 -4.40 -10.72 -5.73
N GLU A 11 -5.68 -10.39 -5.60
CA GLU A 11 -6.24 -10.05 -4.30
C GLU A 11 -5.68 -10.98 -3.22
N GLU A 12 -6.00 -12.26 -3.37
CA GLU A 12 -5.53 -13.26 -2.42
C GLU A 12 -4.05 -13.06 -2.13
N GLU A 13 -3.32 -12.66 -3.16
CA GLU A 13 -1.89 -12.42 -3.02
C GLU A 13 -1.63 -11.10 -2.31
N LEU A 14 -2.36 -10.07 -2.73
CA LEU A 14 -2.22 -8.76 -2.13
C LEU A 14 -2.49 -8.86 -0.63
N LEU A 15 -3.61 -9.47 -0.29
CA LEU A 15 -3.99 -9.64 1.09
C LEU A 15 -2.87 -10.39 1.84
N ARG A 16 -2.31 -11.37 1.16
CA ARG A 16 -1.25 -12.16 1.74
C ARG A 16 -0.05 -11.28 2.09
N ILE A 17 0.19 -10.30 1.22
CA ILE A 17 1.30 -9.38 1.42
C ILE A 17 1.01 -8.50 2.64
N ALA A 18 -0.12 -7.81 2.59
CA ALA A 18 -0.52 -6.94 3.68
C ALA A 18 -0.37 -7.69 5.00
N LYS A 19 -0.87 -8.92 5.01
CA LYS A 19 -0.80 -9.74 6.21
C LYS A 19 0.66 -10.08 6.50
N LYS A 20 1.43 -10.17 5.43
CA LYS A 20 2.85 -10.49 5.56
C LYS A 20 3.61 -9.25 6.05
N LEU A 21 3.01 -8.09 5.79
CA LEU A 21 3.61 -6.83 6.19
C LEU A 21 3.09 -6.43 7.57
N GLU A 22 1.78 -6.22 7.64
CA GLU A 22 1.14 -5.85 8.89
C GLU A 22 1.80 -6.57 10.06
N LYS A 23 2.01 -7.87 9.87
CA LYS A 23 2.62 -8.68 10.90
C LYS A 23 3.96 -8.06 11.31
N MET A 24 4.81 -7.84 10.32
CA MET A 24 6.11 -7.25 10.56
C MET A 24 6.00 -6.01 11.44
N VAL A 25 5.11 -5.12 11.04
CA VAL A 25 4.89 -3.88 11.78
C VAL A 25 4.55 -4.22 13.23
N SER A 26 3.65 -5.18 13.39
CA SER A 26 3.22 -5.61 14.71
C SER A 26 4.42 -6.20 15.47
N ARG A 27 5.12 -7.10 14.80
CA ARG A 27 6.28 -7.74 15.40
C ARG A 27 7.47 -6.80 15.39
N LYS A 28 7.25 -5.59 14.87
CA LYS A 28 8.29 -4.59 14.80
C LYS A 28 9.61 -5.26 14.40
N LYS A 29 9.62 -5.79 13.17
CA LYS A 29 10.81 -6.45 12.66
C LYS A 29 11.16 -5.87 11.29
N THR A 30 10.20 -5.93 10.39
CA THR A 30 10.40 -5.41 9.05
C THR A 30 11.79 -5.77 8.54
N GLU A 31 12.05 -7.07 8.46
CA GLU A 31 13.34 -7.55 7.99
C GLU A 31 13.20 -8.23 6.63
N GLY A 32 12.40 -7.61 5.78
CA GLY A 32 12.17 -8.14 4.45
C GLY A 32 10.78 -7.76 3.93
N ALA A 33 10.56 -6.45 3.84
CA ALA A 33 9.30 -5.93 3.38
C ALA A 33 9.45 -5.46 1.93
N LEU A 34 10.70 -5.32 1.51
CA LEU A 34 10.99 -4.88 0.16
C LEU A 34 10.33 -5.83 -0.84
N ASP A 35 10.80 -7.07 -0.82
CA ASP A 35 10.26 -8.09 -1.71
C ASP A 35 8.74 -7.94 -1.79
N LEU A 36 8.12 -7.83 -0.62
CA LEU A 36 6.68 -7.68 -0.54
C LEU A 36 6.26 -6.39 -1.26
N LEU A 37 6.93 -5.30 -0.90
CA LEU A 37 6.64 -4.01 -1.49
C LEU A 37 6.83 -4.11 -3.01
N LYS A 38 7.85 -4.87 -3.40
CA LYS A 38 8.14 -5.05 -4.81
C LYS A 38 6.91 -5.60 -5.53
N LYS A 39 6.54 -6.82 -5.16
CA LYS A 39 5.39 -7.46 -5.76
C LYS A 39 4.26 -6.44 -5.91
N LEU A 40 3.93 -5.80 -4.79
CA LEU A 40 2.87 -4.80 -4.79
C LEU A 40 2.99 -3.94 -6.05
N ASN A 41 4.13 -3.30 -6.18
CA ASN A 41 4.39 -2.44 -7.34
C ASN A 41 3.98 -3.18 -8.61
N SER A 42 4.62 -4.33 -8.82
CA SER A 42 4.33 -5.13 -10.00
C SER A 42 2.83 -5.41 -10.09
N CYS A 43 2.32 -6.11 -9.08
CA CYS A 43 0.91 -6.45 -9.03
C CYS A 43 0.11 -5.22 -9.45
N GLN A 44 -0.86 -5.45 -10.32
CA GLN A 44 -1.70 -4.37 -10.80
C GLN A 44 -2.67 -3.92 -9.69
N MET A 45 -2.16 -3.08 -8.81
CA MET A 45 -2.96 -2.59 -7.71
C MET A 45 -4.00 -1.57 -8.20
N SER A 46 -5.14 -1.57 -7.53
CA SER A 46 -6.22 -0.67 -7.89
C SER A 46 -6.85 -0.07 -6.62
N ILE A 47 -7.88 0.73 -6.84
CA ILE A 47 -8.58 1.37 -5.74
C ILE A 47 -9.30 0.30 -4.91
N GLN A 48 -10.20 -0.40 -5.57
CA GLN A 48 -10.97 -1.44 -4.92
C GLN A 48 -10.04 -2.35 -4.11
N LEU A 49 -8.93 -2.71 -4.73
CA LEU A 49 -7.95 -3.57 -4.09
C LEU A 49 -7.32 -2.82 -2.91
N LEU A 50 -7.09 -1.53 -3.12
CA LEU A 50 -6.49 -0.69 -2.10
C LEU A 50 -7.36 -0.74 -0.84
N GLN A 51 -8.61 -1.12 -1.04
CA GLN A 51 -9.55 -1.20 0.08
C GLN A 51 -9.60 -2.63 0.61
N THR A 52 -10.12 -3.53 -0.23
CA THR A 52 -10.23 -4.93 0.14
C THR A 52 -8.97 -5.39 0.87
N THR A 53 -7.84 -5.26 0.17
CA THR A 53 -6.57 -5.65 0.74
C THR A 53 -6.11 -4.65 1.81
N ARG A 54 -6.61 -3.42 1.67
CA ARG A 54 -6.27 -2.37 2.61
C ARG A 54 -4.75 -2.28 2.77
N ILE A 55 -4.05 -2.62 1.70
CA ILE A 55 -2.60 -2.57 1.71
C ILE A 55 -2.13 -1.12 1.81
N GLY A 56 -3.07 -0.21 1.56
CA GLY A 56 -2.77 1.21 1.62
C GLY A 56 -2.32 1.61 3.03
N VAL A 57 -2.84 0.89 4.01
CA VAL A 57 -2.50 1.15 5.40
C VAL A 57 -1.33 0.26 5.82
N ALA A 58 -1.16 -0.82 5.08
CA ALA A 58 -0.08 -1.76 5.37
C ALA A 58 1.26 -1.10 5.04
N VAL A 59 1.33 -0.56 3.83
CA VAL A 59 2.54 0.10 3.39
C VAL A 59 2.91 1.22 4.36
N ASN A 60 2.01 2.18 4.48
CA ASN A 60 2.21 3.31 5.38
C ASN A 60 2.76 2.79 6.70
N GLY A 61 2.08 1.78 7.23
CA GLY A 61 2.48 1.20 8.50
C GLY A 61 3.99 0.92 8.53
N VAL A 62 4.49 0.48 7.39
CA VAL A 62 5.91 0.17 7.27
C VAL A 62 6.69 1.47 7.09
N ARG A 63 6.20 2.31 6.18
CA ARG A 63 6.84 3.58 5.91
C ARG A 63 7.01 4.38 7.20
N LYS A 64 6.30 3.93 8.23
CA LYS A 64 6.37 4.60 9.52
C LYS A 64 7.32 3.82 10.44
N HIS A 65 7.09 2.52 10.50
CA HIS A 65 7.91 1.65 11.33
C HIS A 65 9.10 1.13 10.52
N CYS A 66 9.38 1.84 9.43
CA CYS A 66 10.47 1.45 8.56
C CYS A 66 11.79 1.85 9.25
N SER A 67 12.88 1.67 8.51
CA SER A 67 14.19 2.01 9.04
C SER A 67 15.27 1.63 8.02
N ASP A 68 14.95 1.86 6.75
CA ASP A 68 15.88 1.56 5.68
C ASP A 68 15.82 2.67 4.63
N LYS A 69 16.16 2.29 3.40
CA LYS A 69 16.14 3.24 2.30
C LYS A 69 15.36 2.65 1.13
N GLU A 70 15.71 1.42 0.78
CA GLU A 70 15.04 0.74 -0.32
C GLU A 70 13.68 0.21 0.14
N VAL A 71 13.61 -0.15 1.41
CA VAL A 71 12.37 -0.68 1.97
C VAL A 71 11.39 0.47 2.16
N VAL A 72 11.94 1.68 2.27
CA VAL A 72 11.12 2.87 2.45
C VAL A 72 10.76 3.45 1.08
N SER A 73 11.77 3.56 0.24
CA SER A 73 11.57 4.10 -1.09
C SER A 73 10.38 3.44 -1.76
N LEU A 74 10.35 2.12 -1.67
CA LEU A 74 9.26 1.34 -2.26
C LEU A 74 7.94 1.74 -1.58
N ALA A 75 7.91 1.58 -0.27
CA ALA A 75 6.72 1.92 0.50
C ALA A 75 6.25 3.31 0.10
N LYS A 76 7.21 4.18 -0.16
CA LYS A 76 6.90 5.55 -0.55
C LYS A 76 6.26 5.55 -1.94
N VAL A 77 6.98 4.98 -2.89
CA VAL A 77 6.50 4.90 -4.26
C VAL A 77 5.08 4.33 -4.26
N LEU A 78 4.91 3.26 -3.51
CA LEU A 78 3.61 2.62 -3.42
C LEU A 78 2.56 3.65 -3.00
N ILE A 79 2.98 4.55 -2.11
CA ILE A 79 2.09 5.58 -1.62
C ILE A 79 1.80 6.58 -2.74
N LYS A 80 2.87 6.98 -3.42
CA LYS A 80 2.76 7.93 -4.52
C LYS A 80 1.89 7.31 -5.62
N ASN A 81 2.41 6.25 -6.22
CA ASN A 81 1.70 5.57 -7.29
C ASN A 81 0.23 5.41 -6.90
N TRP A 82 0.02 4.91 -5.69
CA TRP A 82 -1.33 4.71 -5.18
C TRP A 82 -2.00 6.08 -5.06
N LYS A 83 -1.20 7.05 -4.63
CA LYS A 83 -1.71 8.40 -4.46
C LYS A 83 -2.69 8.72 -5.60
N ARG A 84 -2.19 8.59 -6.82
CA ARG A 84 -3.00 8.86 -7.98
C ARG A 84 -4.34 8.13 -7.89
N LEU A 85 -4.24 6.81 -7.77
CA LEU A 85 -5.43 5.98 -7.66
C LEU A 85 -6.45 6.68 -6.77
N LEU A 86 -6.06 6.93 -5.54
CA LEU A 86 -6.93 7.59 -4.58
C LEU A 86 -7.24 9.00 -5.08
N ASP A 87 -6.19 9.80 -5.24
CA ASP A 87 -6.35 11.16 -5.71
C ASP A 87 -7.57 11.79 -5.04
N SER A 88 -7.53 11.82 -3.71
CA SER A 88 -8.63 12.39 -2.95
C SER A 88 -8.10 13.48 -2.01
N PRO A 89 -8.88 14.59 -1.91
CA PRO A 89 -8.50 15.71 -1.07
C PRO A 89 -8.75 15.37 0.40
N ARG A 90 -8.16 16.19 1.27
CA ARG A 90 -8.30 15.99 2.70
C ARG A 90 -7.58 17.09 3.47
N THR A 91 -6.31 17.29 3.10
CA THR A 91 -5.50 18.31 3.74
C THR A 91 -6.32 19.56 4.01
N THR A 92 -5.95 20.26 5.08
CA THR A 92 -6.65 21.47 5.46
C THR A 92 -5.75 22.35 6.33
N LYS A 93 -5.28 23.44 5.72
CA LYS A 93 -4.42 24.36 6.43
C LYS A 93 -4.10 25.55 5.52
N GLY A 94 -4.08 26.73 6.12
CA GLY A 94 -3.79 27.95 5.38
C GLY A 94 -2.73 28.79 6.09
N GLU A 95 -2.03 29.60 5.31
CA GLU A 95 -0.99 30.45 5.84
C GLU A 95 -1.28 31.91 5.50
N ARG A 96 -1.37 32.18 4.20
CA ARG A 96 -1.65 33.52 3.72
C ARG A 96 -2.69 33.49 2.61
N GLU A 97 -3.33 34.63 2.40
CA GLU A 97 -4.35 34.74 1.38
C GLU A 97 -3.83 35.61 0.22
N SER A 98 -4.51 35.50 -0.91
CA SER A 98 -4.14 36.26 -2.10
C SER A 98 -5.11 37.43 -2.28
N GLY A 99 -4.55 38.53 -2.78
CA GLY A 99 -5.35 39.72 -3.01
C GLY A 99 -5.29 40.14 -4.48
N PRO A 100 -6.44 40.67 -4.98
CA PRO A 100 -6.53 41.12 -6.36
C PRO A 100 -5.79 42.43 -6.56
N SER A 101 -5.76 42.88 -7.81
CA SER A 101 -5.09 44.12 -8.16
C SER A 101 -5.67 44.68 -9.45
N SER A 102 -6.04 45.95 -9.40
CA SER A 102 -6.61 46.62 -10.56
C SER A 102 -5.57 47.57 -11.17
N GLY A 103 -5.04 47.15 -12.31
CA GLY A 103 -4.05 47.95 -13.01
C GLY A 103 -4.63 49.30 -13.42
N GLY A 1 -12.68 -13.35 9.44
CA GLY A 1 -12.74 -13.98 8.13
C GLY A 1 -11.48 -13.69 7.31
N SER A 2 -11.58 -13.94 6.01
CA SER A 2 -10.46 -13.70 5.12
C SER A 2 -9.27 -14.58 5.53
N SER A 3 -9.05 -15.62 4.74
CA SER A 3 -7.95 -16.54 5.00
C SER A 3 -7.24 -16.89 3.70
N GLY A 4 -7.99 -17.49 2.79
CA GLY A 4 -7.46 -17.89 1.50
C GLY A 4 -6.98 -19.34 1.53
N SER A 5 -7.91 -20.23 1.19
CA SER A 5 -7.59 -21.65 1.17
C SER A 5 -6.59 -21.96 0.05
N SER A 6 -6.99 -21.60 -1.16
CA SER A 6 -6.14 -21.83 -2.32
C SER A 6 -6.79 -21.23 -3.57
N GLY A 7 -6.21 -20.14 -4.04
CA GLY A 7 -6.72 -19.46 -5.22
C GLY A 7 -5.59 -18.75 -5.97
N MET A 8 -5.89 -18.41 -7.22
CA MET A 8 -4.91 -17.72 -8.05
C MET A 8 -5.46 -16.38 -8.54
N GLY A 9 -4.97 -15.31 -7.91
CA GLY A 9 -5.41 -13.97 -8.27
C GLY A 9 -4.48 -12.92 -7.67
N LEU A 10 -4.85 -11.66 -7.88
CA LEU A 10 -4.06 -10.56 -7.36
C LEU A 10 -4.50 -10.25 -5.93
N GLU A 11 -5.77 -9.90 -5.79
CA GLU A 11 -6.33 -9.59 -4.49
C GLU A 11 -5.80 -10.56 -3.44
N GLU A 12 -6.06 -11.84 -3.67
CA GLU A 12 -5.62 -12.88 -2.75
C GLU A 12 -4.12 -12.74 -2.48
N GLU A 13 -3.38 -12.50 -3.53
CA GLU A 13 -1.94 -12.33 -3.42
C GLU A 13 -1.61 -11.08 -2.61
N LEU A 14 -2.26 -9.99 -2.97
CA LEU A 14 -2.05 -8.73 -2.28
C LEU A 14 -2.31 -8.91 -0.78
N LEU A 15 -3.31 -9.73 -0.49
CA LEU A 15 -3.67 -10.00 0.89
C LEU A 15 -2.46 -10.58 1.62
N ARG A 16 -2.08 -11.77 1.19
CA ARG A 16 -0.94 -12.45 1.79
C ARG A 16 0.17 -11.45 2.12
N ILE A 17 0.43 -10.57 1.15
CA ILE A 17 1.46 -9.56 1.31
C ILE A 17 1.14 -8.71 2.54
N ALA A 18 0.01 -8.03 2.49
CA ALA A 18 -0.42 -7.19 3.58
C ALA A 18 -0.25 -7.94 4.90
N LYS A 19 -0.93 -9.07 4.99
CA LYS A 19 -0.86 -9.89 6.19
C LYS A 19 0.60 -10.06 6.61
N LYS A 20 1.45 -10.27 5.62
CA LYS A 20 2.87 -10.44 5.87
C LYS A 20 3.43 -9.15 6.46
N LEU A 21 2.94 -8.04 5.94
CA LEU A 21 3.40 -6.74 6.40
C LEU A 21 2.77 -6.44 7.77
N GLU A 22 1.46 -6.30 7.76
CA GLU A 22 0.72 -6.02 8.98
C GLU A 22 1.37 -6.76 10.17
N LYS A 23 1.91 -7.93 9.86
CA LYS A 23 2.56 -8.74 10.88
C LYS A 23 3.89 -8.10 11.27
N MET A 24 4.80 -8.08 10.31
CA MET A 24 6.11 -7.50 10.54
C MET A 24 6.00 -6.10 11.16
N VAL A 25 5.05 -5.34 10.64
CA VAL A 25 4.82 -3.99 11.13
C VAL A 25 4.43 -4.04 12.60
N SER A 26 3.37 -4.80 12.87
CA SER A 26 2.87 -4.94 14.23
C SER A 26 3.97 -5.54 15.12
N ARG A 27 4.55 -6.62 14.64
CA ARG A 27 5.60 -7.30 15.37
C ARG A 27 6.82 -6.38 15.54
N LYS A 28 6.97 -5.48 14.57
CA LYS A 28 8.08 -4.53 14.60
C LYS A 28 9.39 -5.28 14.37
N LYS A 29 9.57 -5.73 13.14
CA LYS A 29 10.77 -6.46 12.77
C LYS A 29 11.12 -6.18 11.31
N THR A 30 10.13 -6.40 10.45
CA THR A 30 10.31 -6.18 9.03
C THR A 30 11.66 -6.72 8.57
N GLU A 31 11.64 -7.96 8.10
CA GLU A 31 12.85 -8.61 7.63
C GLU A 31 12.71 -9.00 6.16
N GLY A 32 11.56 -8.66 5.60
CA GLY A 32 11.30 -8.96 4.20
C GLY A 32 10.13 -8.12 3.67
N ALA A 33 10.29 -6.81 3.82
CA ALA A 33 9.27 -5.87 3.35
C ALA A 33 9.50 -5.55 1.87
N LEU A 34 10.77 -5.30 1.55
CA LEU A 34 11.14 -4.99 0.18
C LEU A 34 10.41 -5.94 -0.77
N ASP A 35 10.77 -7.21 -0.69
CA ASP A 35 10.17 -8.22 -1.53
C ASP A 35 8.66 -7.96 -1.63
N LEU A 36 8.04 -7.79 -0.48
CA LEU A 36 6.61 -7.52 -0.42
C LEU A 36 6.30 -6.25 -1.21
N LEU A 37 7.09 -5.22 -0.95
CA LEU A 37 6.91 -3.95 -1.62
C LEU A 37 7.09 -4.14 -3.12
N LYS A 38 8.10 -4.94 -3.47
CA LYS A 38 8.38 -5.21 -4.87
C LYS A 38 7.11 -5.67 -5.57
N LYS A 39 6.65 -6.84 -5.17
CA LYS A 39 5.44 -7.41 -5.76
C LYS A 39 4.39 -6.30 -5.91
N LEU A 40 4.09 -5.67 -4.78
CA LEU A 40 3.10 -4.59 -4.76
C LEU A 40 3.42 -3.61 -5.90
N ASN A 41 4.67 -3.21 -5.96
CA ASN A 41 5.12 -2.27 -6.98
C ASN A 41 4.90 -2.90 -8.36
N SER A 42 4.92 -4.21 -8.39
CA SER A 42 4.74 -4.95 -9.63
C SER A 42 3.39 -5.67 -9.61
N CYS A 43 2.40 -5.00 -9.06
CA CYS A 43 1.07 -5.57 -8.97
C CYS A 43 0.06 -4.50 -9.39
N GLN A 44 -0.95 -4.94 -10.13
CA GLN A 44 -1.99 -4.03 -10.60
C GLN A 44 -2.94 -3.68 -9.46
N MET A 45 -2.47 -2.81 -8.58
CA MET A 45 -3.26 -2.38 -7.45
C MET A 45 -4.44 -1.53 -7.90
N SER A 46 -5.50 -1.55 -7.09
CA SER A 46 -6.69 -0.79 -7.39
C SER A 46 -7.23 -0.12 -6.13
N ILE A 47 -8.11 0.85 -6.33
CA ILE A 47 -8.69 1.58 -5.22
C ILE A 47 -9.54 0.62 -4.39
N GLN A 48 -10.46 -0.05 -5.07
CA GLN A 48 -11.35 -1.00 -4.40
C GLN A 48 -10.54 -1.98 -3.55
N LEU A 49 -9.51 -2.56 -4.19
CA LEU A 49 -8.66 -3.51 -3.50
C LEU A 49 -7.96 -2.80 -2.33
N LEU A 50 -7.40 -1.64 -2.64
CA LEU A 50 -6.70 -0.86 -1.63
C LEU A 50 -7.51 -0.86 -0.34
N GLN A 51 -8.81 -1.00 -0.49
CA GLN A 51 -9.71 -1.02 0.65
C GLN A 51 -9.82 -2.43 1.23
N THR A 52 -10.16 -3.37 0.35
CA THR A 52 -10.30 -4.76 0.76
C THR A 52 -8.96 -5.28 1.32
N THR A 53 -7.94 -5.20 0.48
CA THR A 53 -6.62 -5.67 0.87
C THR A 53 -6.06 -4.79 1.99
N ARG A 54 -6.47 -3.53 1.98
CA ARG A 54 -6.03 -2.59 2.99
C ARG A 54 -4.50 -2.52 3.01
N ILE A 55 -3.91 -2.72 1.84
CA ILE A 55 -2.46 -2.69 1.71
C ILE A 55 -1.97 -1.26 1.90
N GLY A 56 -2.91 -0.32 1.79
CA GLY A 56 -2.59 1.08 1.94
C GLY A 56 -2.00 1.36 3.33
N VAL A 57 -2.58 0.71 4.33
CA VAL A 57 -2.13 0.89 5.69
C VAL A 57 -0.88 0.05 5.91
N ALA A 58 -0.87 -1.13 5.31
CA ALA A 58 0.27 -2.03 5.43
C ALA A 58 1.55 -1.29 5.04
N VAL A 59 1.57 -0.84 3.81
CA VAL A 59 2.73 -0.11 3.31
C VAL A 59 3.10 1.00 4.29
N ASN A 60 2.23 2.00 4.36
CA ASN A 60 2.45 3.12 5.25
C ASN A 60 2.92 2.60 6.61
N GLY A 61 2.27 1.53 7.06
CA GLY A 61 2.62 0.93 8.34
C GLY A 61 4.11 0.66 8.44
N VAL A 62 4.69 0.27 7.31
CA VAL A 62 6.11 -0.02 7.25
C VAL A 62 6.89 1.28 7.12
N ARG A 63 6.52 2.06 6.11
CA ARG A 63 7.17 3.34 5.87
C ARG A 63 7.23 4.16 7.15
N LYS A 64 6.34 3.81 8.08
CA LYS A 64 6.28 4.51 9.35
C LYS A 64 7.05 3.71 10.40
N HIS A 65 6.89 2.40 10.35
CA HIS A 65 7.57 1.52 11.29
C HIS A 65 8.96 1.16 10.74
N CYS A 66 9.39 1.94 9.77
CA CYS A 66 10.70 1.72 9.16
C CYS A 66 11.21 3.05 8.62
N SER A 67 12.48 3.32 8.91
CA SER A 67 13.11 4.54 8.46
C SER A 67 14.19 4.24 7.44
N ASP A 68 14.13 3.03 6.89
CA ASP A 68 15.09 2.59 5.89
C ASP A 68 15.10 3.59 4.73
N LYS A 69 15.71 3.16 3.64
CA LYS A 69 15.79 3.99 2.45
C LYS A 69 15.17 3.25 1.27
N GLU A 70 15.76 2.09 0.97
CA GLU A 70 15.28 1.27 -0.14
C GLU A 70 13.91 0.68 0.20
N VAL A 71 13.77 0.23 1.44
CA VAL A 71 12.53 -0.35 1.89
C VAL A 71 11.49 0.76 2.12
N VAL A 72 12.01 1.92 2.48
CA VAL A 72 11.15 3.07 2.73
C VAL A 72 10.83 3.76 1.40
N SER A 73 11.73 3.59 0.45
CA SER A 73 11.57 4.20 -0.86
C SER A 73 10.35 3.58 -1.56
N LEU A 74 10.42 2.27 -1.76
CA LEU A 74 9.34 1.55 -2.41
C LEU A 74 8.02 1.86 -1.70
N ALA A 75 8.01 1.59 -0.40
CA ALA A 75 6.82 1.84 0.41
C ALA A 75 6.24 3.20 0.05
N LYS A 76 7.13 4.17 -0.14
CA LYS A 76 6.71 5.51 -0.48
C LYS A 76 6.10 5.50 -1.89
N VAL A 77 6.86 4.95 -2.82
CA VAL A 77 6.40 4.87 -4.20
C VAL A 77 5.01 4.23 -4.24
N LEU A 78 4.84 3.21 -3.41
CA LEU A 78 3.57 2.51 -3.33
C LEU A 78 2.48 3.48 -2.90
N ILE A 79 2.89 4.48 -2.13
CA ILE A 79 1.96 5.48 -1.63
C ILE A 79 1.70 6.51 -2.72
N LYS A 80 2.72 6.74 -3.54
CA LYS A 80 2.61 7.69 -4.62
C LYS A 80 1.76 7.09 -5.75
N ASN A 81 2.26 5.98 -6.28
CA ASN A 81 1.57 5.30 -7.36
C ASN A 81 0.09 5.11 -6.98
N TRP A 82 -0.11 4.66 -5.75
CA TRP A 82 -1.45 4.43 -5.26
C TRP A 82 -2.17 5.79 -5.18
N LYS A 83 -1.36 6.83 -4.96
CA LYS A 83 -1.90 8.17 -4.87
C LYS A 83 -2.76 8.47 -6.09
N ARG A 84 -2.12 8.41 -7.24
CA ARG A 84 -2.82 8.67 -8.50
C ARG A 84 -4.22 8.05 -8.46
N LEU A 85 -4.26 6.77 -8.18
CA LEU A 85 -5.53 6.05 -8.10
C LEU A 85 -6.56 6.93 -7.40
N LEU A 86 -6.25 7.31 -6.17
CA LEU A 86 -7.14 8.14 -5.39
C LEU A 86 -7.18 9.54 -6.00
N ASP A 87 -6.00 10.16 -6.06
CA ASP A 87 -5.89 11.50 -6.61
C ASP A 87 -6.30 11.48 -8.08
N SER A 88 -7.58 11.74 -8.32
CA SER A 88 -8.11 11.75 -9.67
C SER A 88 -9.05 12.94 -9.85
N PRO A 89 -9.10 13.45 -11.11
CA PRO A 89 -9.94 14.59 -11.43
C PRO A 89 -11.42 14.17 -11.50
N ARG A 90 -12.24 14.88 -10.75
CA ARG A 90 -13.67 14.59 -10.73
C ARG A 90 -14.45 15.75 -11.35
N THR A 91 -15.44 15.38 -12.14
CA THR A 91 -16.28 16.38 -12.81
C THR A 91 -15.42 17.30 -13.68
N THR A 92 -16.07 18.29 -14.26
CA THR A 92 -15.39 19.24 -15.11
C THR A 92 -15.76 20.68 -14.73
N LYS A 93 -14.74 21.51 -14.59
CA LYS A 93 -14.95 22.90 -14.23
C LYS A 93 -14.99 23.76 -15.50
N GLY A 94 -15.53 24.95 -15.35
CA GLY A 94 -15.63 25.87 -16.47
C GLY A 94 -15.81 27.32 -15.98
N GLU A 95 -15.53 28.25 -16.88
CA GLU A 95 -15.67 29.66 -16.57
C GLU A 95 -16.96 30.22 -17.15
N ARG A 96 -17.31 31.41 -16.68
CA ARG A 96 -18.52 32.06 -17.15
C ARG A 96 -18.70 33.41 -16.45
N GLU A 97 -19.20 34.38 -17.22
CA GLU A 97 -19.41 35.72 -16.69
C GLU A 97 -18.08 36.39 -16.39
N SER A 98 -17.74 37.37 -17.22
CA SER A 98 -16.49 38.10 -17.04
C SER A 98 -16.55 39.40 -17.84
N GLY A 99 -15.55 40.25 -17.59
CA GLY A 99 -15.47 41.52 -18.28
C GLY A 99 -15.18 41.33 -19.77
N PRO A 100 -14.98 42.49 -20.47
CA PRO A 100 -14.69 42.45 -21.89
C PRO A 100 -13.25 42.01 -22.14
N SER A 101 -12.97 41.72 -23.41
CA SER A 101 -11.64 41.29 -23.81
C SER A 101 -10.87 42.46 -24.42
N SER A 102 -11.42 42.99 -25.49
CA SER A 102 -10.81 44.11 -26.18
C SER A 102 -11.79 44.72 -27.18
N GLY A 103 -12.24 43.89 -28.11
CA GLY A 103 -13.18 44.34 -29.12
C GLY A 103 -13.14 43.43 -30.35
N GLY A 1 -17.37 -8.78 -1.75
CA GLY A 1 -17.17 -8.36 -3.12
C GLY A 1 -17.28 -9.55 -4.08
N SER A 2 -16.19 -10.31 -4.15
CA SER A 2 -16.14 -11.48 -5.01
C SER A 2 -15.77 -12.71 -4.20
N SER A 3 -16.40 -13.83 -4.55
CA SER A 3 -16.14 -15.07 -3.87
C SER A 3 -14.91 -15.76 -4.47
N GLY A 4 -13.99 -16.13 -3.60
CA GLY A 4 -12.76 -16.79 -4.03
C GLY A 4 -12.07 -15.99 -5.13
N SER A 5 -11.17 -15.12 -4.69
CA SER A 5 -10.43 -14.28 -5.62
C SER A 5 -11.39 -13.57 -6.57
N SER A 6 -10.82 -12.81 -7.49
CA SER A 6 -11.61 -12.07 -8.45
C SER A 6 -11.52 -12.73 -9.83
N GLY A 7 -10.34 -12.65 -10.41
CA GLY A 7 -10.11 -13.25 -11.73
C GLY A 7 -8.95 -14.23 -11.68
N MET A 8 -7.80 -13.76 -12.12
CA MET A 8 -6.60 -14.59 -12.13
C MET A 8 -6.17 -14.96 -10.72
N GLY A 9 -5.88 -13.93 -9.93
CA GLY A 9 -5.45 -14.14 -8.56
C GLY A 9 -4.53 -13.01 -8.10
N LEU A 10 -5.13 -11.96 -7.55
CA LEU A 10 -4.37 -10.82 -7.08
C LEU A 10 -4.89 -10.41 -5.71
N GLU A 11 -6.18 -10.09 -5.66
CA GLU A 11 -6.81 -9.68 -4.42
C GLU A 11 -6.27 -10.51 -3.24
N GLU A 12 -5.90 -11.75 -3.56
CA GLU A 12 -5.37 -12.64 -2.55
C GLU A 12 -3.92 -12.29 -2.23
N GLU A 13 -3.07 -12.48 -3.24
CA GLU A 13 -1.66 -12.20 -3.08
C GLU A 13 -1.46 -10.85 -2.38
N LEU A 14 -2.31 -9.91 -2.75
CA LEU A 14 -2.25 -8.57 -2.16
C LEU A 14 -2.48 -8.68 -0.65
N LEU A 15 -3.60 -9.29 -0.29
CA LEU A 15 -3.94 -9.47 1.12
C LEU A 15 -2.81 -10.22 1.82
N ARG A 16 -2.36 -11.28 1.18
CA ARG A 16 -1.29 -12.09 1.74
C ARG A 16 -0.07 -11.22 2.05
N ILE A 17 0.18 -10.26 1.18
CA ILE A 17 1.31 -9.36 1.36
C ILE A 17 1.06 -8.49 2.60
N ALA A 18 -0.04 -7.75 2.56
CA ALA A 18 -0.41 -6.88 3.66
C ALA A 18 -0.29 -7.65 4.97
N LYS A 19 -0.85 -8.85 4.96
CA LYS A 19 -0.82 -9.69 6.15
C LYS A 19 0.63 -10.09 6.45
N LYS A 20 1.42 -10.14 5.39
CA LYS A 20 2.83 -10.49 5.52
C LYS A 20 3.62 -9.28 5.99
N LEU A 21 3.04 -8.11 5.79
CA LEU A 21 3.68 -6.87 6.18
C LEU A 21 3.22 -6.50 7.60
N GLU A 22 1.91 -6.37 7.75
CA GLU A 22 1.34 -6.02 9.04
C GLU A 22 2.09 -6.73 10.16
N LYS A 23 2.23 -8.04 10.01
CA LYS A 23 2.91 -8.84 10.99
C LYS A 23 4.26 -8.20 11.33
N MET A 24 5.01 -7.88 10.29
CA MET A 24 6.30 -7.25 10.45
C MET A 24 6.21 -5.99 11.32
N VAL A 25 5.28 -5.13 10.93
CA VAL A 25 5.08 -3.89 11.66
C VAL A 25 4.59 -4.21 13.08
N SER A 26 3.55 -5.03 13.13
CA SER A 26 2.97 -5.41 14.41
C SER A 26 4.05 -6.02 15.30
N ARG A 27 4.87 -6.87 14.70
CA ARG A 27 5.94 -7.52 15.43
C ARG A 27 7.16 -6.59 15.54
N LYS A 28 7.00 -5.41 14.95
CA LYS A 28 8.07 -4.42 14.97
C LYS A 28 9.38 -5.08 14.53
N LYS A 29 9.46 -5.36 13.24
CA LYS A 29 10.65 -5.99 12.68
C LYS A 29 10.93 -5.41 11.30
N THR A 30 10.06 -5.76 10.36
CA THR A 30 10.20 -5.27 9.00
C THR A 30 11.64 -5.44 8.53
N GLU A 31 11.92 -6.60 7.94
CA GLU A 31 13.25 -6.89 7.44
C GLU A 31 13.18 -7.27 5.96
N GLY A 32 12.19 -8.07 5.62
CA GLY A 32 12.00 -8.51 4.25
C GLY A 32 10.69 -7.98 3.68
N ALA A 33 10.56 -6.66 3.69
CA ALA A 33 9.36 -6.01 3.17
C ALA A 33 9.55 -5.69 1.69
N LEU A 34 10.80 -5.41 1.34
CA LEU A 34 11.13 -5.08 -0.04
C LEU A 34 10.39 -6.04 -0.97
N ASP A 35 10.85 -7.28 -0.98
CA ASP A 35 10.24 -8.30 -1.82
C ASP A 35 8.73 -8.08 -1.86
N LEU A 36 8.14 -7.98 -0.68
CA LEU A 36 6.71 -7.76 -0.56
C LEU A 36 6.33 -6.49 -1.31
N LEU A 37 7.06 -5.43 -1.00
CA LEU A 37 6.80 -4.14 -1.63
C LEU A 37 6.96 -4.27 -3.15
N LYS A 38 8.11 -4.81 -3.54
CA LYS A 38 8.40 -5.00 -4.95
C LYS A 38 7.17 -5.59 -5.64
N LYS A 39 6.61 -6.62 -5.02
CA LYS A 39 5.45 -7.29 -5.56
C LYS A 39 4.31 -6.28 -5.70
N LEU A 40 4.15 -5.46 -4.66
CA LEU A 40 3.11 -4.45 -4.66
C LEU A 40 3.38 -3.45 -5.79
N ASN A 41 4.63 -3.41 -6.22
CA ASN A 41 5.02 -2.50 -7.29
C ASN A 41 4.87 -3.22 -8.64
N SER A 42 4.46 -4.47 -8.56
CA SER A 42 4.28 -5.27 -9.76
C SER A 42 2.89 -5.94 -9.73
N CYS A 43 1.96 -5.26 -9.07
CA CYS A 43 0.61 -5.78 -8.98
C CYS A 43 -0.36 -4.67 -9.43
N GLN A 44 -1.32 -5.07 -10.24
CA GLN A 44 -2.32 -4.13 -10.75
C GLN A 44 -3.26 -3.71 -9.63
N MET A 45 -2.76 -2.83 -8.77
CA MET A 45 -3.56 -2.34 -7.66
C MET A 45 -4.75 -1.52 -8.15
N SER A 46 -5.81 -1.53 -7.35
CA SER A 46 -7.01 -0.79 -7.69
C SER A 46 -7.60 -0.15 -6.44
N ILE A 47 -8.51 0.80 -6.67
CA ILE A 47 -9.16 1.50 -5.58
C ILE A 47 -9.95 0.50 -4.74
N GLN A 48 -10.81 -0.26 -5.42
CA GLN A 48 -11.63 -1.26 -4.75
C GLN A 48 -10.75 -2.18 -3.89
N LEU A 49 -9.70 -2.70 -4.53
CA LEU A 49 -8.78 -3.60 -3.85
C LEU A 49 -8.08 -2.83 -2.72
N LEU A 50 -7.60 -1.65 -3.06
CA LEU A 50 -6.91 -0.81 -2.10
C LEU A 50 -7.68 -0.81 -0.78
N GLN A 51 -8.98 -1.00 -0.89
CA GLN A 51 -9.84 -1.02 0.28
C GLN A 51 -9.85 -2.42 0.90
N THR A 52 -10.22 -3.39 0.07
CA THR A 52 -10.29 -4.77 0.53
C THR A 52 -8.92 -5.21 1.09
N THR A 53 -7.91 -5.11 0.23
CA THR A 53 -6.57 -5.50 0.63
C THR A 53 -6.05 -4.56 1.72
N ARG A 54 -6.54 -3.33 1.69
CA ARG A 54 -6.13 -2.34 2.67
C ARG A 54 -4.61 -2.33 2.83
N ILE A 55 -3.94 -2.59 1.71
CA ILE A 55 -2.48 -2.62 1.70
C ILE A 55 -1.95 -1.20 1.94
N GLY A 56 -2.83 -0.24 1.72
CA GLY A 56 -2.46 1.16 1.90
C GLY A 56 -1.97 1.42 3.33
N VAL A 57 -2.72 0.87 4.28
CA VAL A 57 -2.37 1.03 5.68
C VAL A 57 -1.12 0.22 5.99
N ALA A 58 -0.99 -0.90 5.31
CA ALA A 58 0.16 -1.77 5.50
C ALA A 58 1.43 -1.02 5.10
N VAL A 59 1.54 -0.75 3.81
CA VAL A 59 2.70 -0.04 3.29
C VAL A 59 3.04 1.11 4.22
N ASN A 60 2.11 2.05 4.34
CA ASN A 60 2.30 3.20 5.19
C ASN A 60 2.71 2.74 6.59
N GLY A 61 1.99 1.74 7.08
CA GLY A 61 2.26 1.20 8.39
C GLY A 61 3.73 0.80 8.53
N VAL A 62 4.31 0.39 7.41
CA VAL A 62 5.70 -0.01 7.38
C VAL A 62 6.58 1.22 7.22
N ARG A 63 6.28 2.00 6.21
CA ARG A 63 7.03 3.21 5.93
C ARG A 63 7.15 4.06 7.20
N LYS A 64 6.24 3.81 8.13
CA LYS A 64 6.23 4.55 9.38
C LYS A 64 7.33 4.00 10.30
N HIS A 65 7.21 2.73 10.62
CA HIS A 65 8.19 2.07 11.48
C HIS A 65 9.48 1.83 10.69
N CYS A 66 9.32 1.35 9.48
CA CYS A 66 10.46 1.07 8.62
C CYS A 66 11.37 2.30 8.63
N SER A 67 12.63 2.06 9.00
CA SER A 67 13.61 3.12 9.06
C SER A 67 14.58 3.02 7.88
N ASP A 68 14.52 1.87 7.21
CA ASP A 68 15.38 1.62 6.08
C ASP A 68 15.22 2.75 5.06
N LYS A 69 15.84 2.57 3.91
CA LYS A 69 15.77 3.57 2.85
C LYS A 69 15.12 2.95 1.61
N GLU A 70 15.68 1.83 1.19
CA GLU A 70 15.15 1.13 0.02
C GLU A 70 13.76 0.56 0.31
N VAL A 71 13.67 -0.13 1.44
CA VAL A 71 12.41 -0.72 1.84
C VAL A 71 11.35 0.38 2.01
N VAL A 72 11.82 1.53 2.46
CA VAL A 72 10.95 2.67 2.66
C VAL A 72 10.70 3.37 1.32
N SER A 73 11.72 3.35 0.48
CA SER A 73 11.63 3.97 -0.82
C SER A 73 10.38 3.47 -1.55
N LEU A 74 10.38 2.17 -1.83
CA LEU A 74 9.26 1.55 -2.51
C LEU A 74 7.96 1.85 -1.75
N ALA A 75 8.00 1.57 -0.45
CA ALA A 75 6.85 1.79 0.40
C ALA A 75 6.27 3.19 0.10
N LYS A 76 7.17 4.13 -0.13
CA LYS A 76 6.77 5.49 -0.42
C LYS A 76 6.08 5.53 -1.78
N VAL A 77 6.79 5.06 -2.79
CA VAL A 77 6.26 5.02 -4.14
C VAL A 77 4.87 4.38 -4.13
N LEU A 78 4.79 3.24 -3.45
CA LEU A 78 3.53 2.53 -3.36
C LEU A 78 2.43 3.48 -2.90
N ILE A 79 2.80 4.37 -1.98
CA ILE A 79 1.86 5.34 -1.47
C ILE A 79 1.50 6.34 -2.57
N LYS A 80 2.53 6.96 -3.11
CA LYS A 80 2.35 7.93 -4.18
C LYS A 80 1.60 7.28 -5.34
N ASN A 81 2.23 6.28 -5.92
CA ASN A 81 1.63 5.56 -7.05
C ASN A 81 0.13 5.38 -6.78
N TRP A 82 -0.18 4.91 -5.59
CA TRP A 82 -1.57 4.69 -5.21
C TRP A 82 -2.25 6.05 -5.12
N LYS A 83 -1.57 6.98 -4.44
CA LYS A 83 -2.09 8.32 -4.27
C LYS A 83 -2.55 8.86 -5.63
N ARG A 84 -1.93 8.34 -6.67
CA ARG A 84 -2.26 8.76 -8.02
C ARG A 84 -3.41 7.92 -8.58
N LEU A 85 -3.50 6.69 -8.08
CA LEU A 85 -4.53 5.78 -8.51
C LEU A 85 -5.83 6.08 -7.75
N LEU A 86 -5.68 6.34 -6.46
CA LEU A 86 -6.83 6.65 -5.62
C LEU A 86 -7.47 7.94 -6.12
N ASP A 87 -6.67 8.98 -6.20
CA ASP A 87 -7.15 10.27 -6.65
C ASP A 87 -7.60 10.16 -8.11
N SER A 88 -8.83 9.72 -8.29
CA SER A 88 -9.38 9.57 -9.62
C SER A 88 -9.28 10.89 -10.39
N PRO A 89 -8.95 10.77 -11.70
CA PRO A 89 -8.81 11.94 -12.55
C PRO A 89 -10.18 12.51 -12.91
N ARG A 90 -10.99 11.67 -13.54
CA ARG A 90 -12.33 12.09 -13.95
C ARG A 90 -13.20 12.32 -12.71
N THR A 91 -14.17 13.22 -12.89
CA THR A 91 -15.08 13.54 -11.79
C THR A 91 -16.22 14.44 -12.30
N THR A 92 -17.40 14.21 -11.75
CA THR A 92 -18.56 14.99 -12.13
C THR A 92 -18.37 16.47 -11.76
N LYS A 93 -19.10 17.32 -12.47
CA LYS A 93 -19.02 18.75 -12.22
C LYS A 93 -18.96 18.99 -10.71
N GLY A 94 -18.12 19.95 -10.33
CA GLY A 94 -17.97 20.30 -8.93
C GLY A 94 -18.91 21.44 -8.54
N GLU A 95 -18.71 22.57 -9.22
CA GLU A 95 -19.53 23.75 -8.95
C GLU A 95 -21.01 23.36 -8.83
N ARG A 96 -21.73 24.14 -8.04
CA ARG A 96 -23.14 23.88 -7.83
C ARG A 96 -23.91 25.19 -7.76
N GLU A 97 -23.43 26.09 -6.92
CA GLU A 97 -24.06 27.39 -6.75
C GLU A 97 -24.51 27.94 -8.10
N SER A 98 -25.58 28.72 -8.06
CA SER A 98 -26.12 29.31 -9.26
C SER A 98 -26.77 30.66 -8.94
N GLY A 99 -27.07 31.40 -10.00
CA GLY A 99 -27.70 32.70 -9.85
C GLY A 99 -29.02 32.77 -10.61
N PRO A 100 -30.10 32.31 -9.93
CA PRO A 100 -31.42 32.32 -10.54
C PRO A 100 -32.01 33.73 -10.57
N SER A 101 -32.82 33.98 -11.58
CA SER A 101 -33.45 35.28 -11.75
C SER A 101 -34.89 35.12 -12.23
N SER A 102 -35.81 35.39 -11.33
CA SER A 102 -37.23 35.28 -11.66
C SER A 102 -37.61 36.30 -12.72
N GLY A 103 -37.84 35.80 -13.93
CA GLY A 103 -38.22 36.66 -15.04
C GLY A 103 -37.54 36.20 -16.33
N GLY A 1 -13.25 -23.79 8.72
CA GLY A 1 -12.19 -22.90 8.26
C GLY A 1 -11.28 -23.60 7.25
N SER A 2 -10.58 -22.80 6.48
CA SER A 2 -9.66 -23.32 5.48
C SER A 2 -8.57 -22.29 5.16
N SER A 3 -7.39 -22.55 5.72
CA SER A 3 -6.26 -21.66 5.51
C SER A 3 -4.97 -22.48 5.38
N GLY A 4 -4.46 -22.52 4.15
CA GLY A 4 -3.24 -23.26 3.87
C GLY A 4 -3.16 -23.64 2.39
N SER A 5 -3.06 -22.61 1.56
CA SER A 5 -2.98 -22.81 0.13
C SER A 5 -2.45 -21.55 -0.55
N SER A 6 -1.70 -21.75 -1.63
CA SER A 6 -1.14 -20.64 -2.37
C SER A 6 -2.25 -19.70 -2.82
N GLY A 7 -3.17 -20.24 -3.62
CA GLY A 7 -4.28 -19.46 -4.12
C GLY A 7 -3.97 -18.88 -5.51
N MET A 8 -4.98 -18.26 -6.10
CA MET A 8 -4.83 -17.66 -7.41
C MET A 8 -5.52 -16.30 -7.48
N GLY A 9 -4.95 -15.41 -8.28
CA GLY A 9 -5.50 -14.09 -8.44
C GLY A 9 -4.51 -13.02 -7.98
N LEU A 10 -5.03 -11.81 -7.81
CA LEU A 10 -4.20 -10.69 -7.37
C LEU A 10 -4.59 -10.31 -5.95
N GLU A 11 -5.88 -10.03 -5.77
CA GLU A 11 -6.38 -9.64 -4.46
C GLU A 11 -5.85 -10.59 -3.39
N GLU A 12 -6.15 -11.87 -3.57
CA GLU A 12 -5.72 -12.88 -2.63
C GLU A 12 -4.23 -12.70 -2.30
N GLU A 13 -3.42 -12.68 -3.36
CA GLU A 13 -1.99 -12.51 -3.20
C GLU A 13 -1.68 -11.23 -2.43
N LEU A 14 -2.36 -10.15 -2.84
CA LEU A 14 -2.16 -8.87 -2.20
C LEU A 14 -2.33 -9.02 -0.68
N LEU A 15 -3.35 -9.79 -0.30
CA LEU A 15 -3.63 -10.03 1.09
C LEU A 15 -2.40 -10.65 1.76
N ARG A 16 -2.04 -11.83 1.26
CA ARG A 16 -0.88 -12.54 1.79
C ARG A 16 0.25 -11.56 2.10
N ILE A 17 0.44 -10.61 1.20
CA ILE A 17 1.48 -9.61 1.36
C ILE A 17 1.16 -8.76 2.59
N ALA A 18 0.09 -7.99 2.48
CA ALA A 18 -0.33 -7.12 3.57
C ALA A 18 -0.22 -7.89 4.89
N LYS A 19 -0.96 -8.99 4.96
CA LYS A 19 -0.97 -9.82 6.16
C LYS A 19 0.47 -10.03 6.62
N LYS A 20 1.37 -10.15 5.66
CA LYS A 20 2.78 -10.35 5.95
C LYS A 20 3.36 -9.07 6.52
N LEU A 21 3.14 -7.98 5.80
CA LEU A 21 3.63 -6.68 6.22
C LEU A 21 3.05 -6.33 7.60
N GLU A 22 1.72 -6.31 7.65
CA GLU A 22 1.03 -6.00 8.88
C GLU A 22 1.68 -6.73 10.06
N LYS A 23 1.98 -8.00 9.83
CA LYS A 23 2.60 -8.83 10.85
C LYS A 23 3.96 -8.24 11.21
N MET A 24 4.82 -8.15 10.20
CA MET A 24 6.16 -7.61 10.40
C MET A 24 6.11 -6.35 11.26
N VAL A 25 5.22 -5.44 10.89
CA VAL A 25 5.07 -4.20 11.61
C VAL A 25 4.72 -4.50 13.07
N SER A 26 3.59 -5.15 13.25
CA SER A 26 3.14 -5.49 14.59
C SER A 26 4.31 -6.00 15.42
N ARG A 27 4.97 -7.04 14.91
CA ARG A 27 6.11 -7.62 15.59
C ARG A 27 7.27 -6.63 15.62
N LYS A 28 7.27 -5.74 14.64
CA LYS A 28 8.32 -4.73 14.53
C LYS A 28 9.63 -5.42 14.14
N LYS A 29 9.63 -5.99 12.94
CA LYS A 29 10.80 -6.67 12.44
C LYS A 29 10.63 -6.95 10.95
N THR A 30 10.63 -5.88 10.18
CA THR A 30 10.47 -6.00 8.73
C THR A 30 11.78 -6.45 8.08
N GLU A 31 11.97 -7.76 8.08
CA GLU A 31 13.17 -8.33 7.50
C GLU A 31 12.85 -8.97 6.14
N GLY A 32 12.20 -8.19 5.30
CA GLY A 32 11.83 -8.66 3.98
C GLY A 32 10.57 -7.95 3.46
N ALA A 33 10.57 -6.64 3.64
CA ALA A 33 9.45 -5.83 3.21
C ALA A 33 9.64 -5.43 1.74
N LEU A 34 10.86 -5.00 1.43
CA LEU A 34 11.19 -4.60 0.07
C LEU A 34 10.56 -5.58 -0.91
N ASP A 35 10.91 -6.85 -0.74
CA ASP A 35 10.39 -7.90 -1.60
C ASP A 35 8.87 -7.73 -1.74
N LEU A 36 8.20 -7.78 -0.60
CA LEU A 36 6.76 -7.64 -0.58
C LEU A 36 6.35 -6.38 -1.36
N LEU A 37 7.00 -5.28 -1.00
CA LEU A 37 6.72 -4.01 -1.64
C LEU A 37 6.90 -4.16 -3.16
N LYS A 38 8.02 -4.75 -3.53
CA LYS A 38 8.33 -4.96 -4.94
C LYS A 38 7.11 -5.59 -5.62
N LYS A 39 6.75 -6.77 -5.14
CA LYS A 39 5.61 -7.48 -5.68
C LYS A 39 4.44 -6.52 -5.86
N LEU A 40 4.05 -5.90 -4.76
CA LEU A 40 2.95 -4.96 -4.78
C LEU A 40 3.06 -4.07 -6.01
N ASN A 41 4.21 -3.40 -6.12
CA ASN A 41 4.45 -2.52 -7.25
C ASN A 41 3.96 -3.19 -8.53
N SER A 42 4.51 -4.36 -8.80
CA SER A 42 4.14 -5.11 -9.99
C SER A 42 2.64 -5.36 -10.00
N CYS A 43 2.15 -5.91 -8.90
CA CYS A 43 0.74 -6.21 -8.77
C CYS A 43 -0.06 -4.97 -9.19
N GLN A 44 -1.00 -5.19 -10.09
CA GLN A 44 -1.83 -4.10 -10.58
C GLN A 44 -2.85 -3.69 -9.52
N MET A 45 -2.35 -2.99 -8.50
CA MET A 45 -3.20 -2.52 -7.42
C MET A 45 -4.34 -1.66 -7.95
N SER A 46 -5.44 -1.65 -7.21
CA SER A 46 -6.60 -0.87 -7.59
C SER A 46 -7.19 -0.18 -6.37
N ILE A 47 -8.10 0.75 -6.62
CA ILE A 47 -8.75 1.49 -5.56
C ILE A 47 -9.52 0.52 -4.67
N GLN A 48 -10.44 -0.20 -5.29
CA GLN A 48 -11.26 -1.17 -4.57
C GLN A 48 -10.37 -2.12 -3.76
N LEU A 49 -9.37 -2.66 -4.45
CA LEU A 49 -8.44 -3.58 -3.81
C LEU A 49 -7.69 -2.85 -2.70
N LEU A 50 -7.40 -1.58 -2.95
CA LEU A 50 -6.68 -0.76 -1.99
C LEU A 50 -7.49 -0.70 -0.69
N GLN A 51 -8.78 -0.96 -0.82
CA GLN A 51 -9.67 -0.94 0.33
C GLN A 51 -9.82 -2.34 0.92
N THR A 52 -9.89 -3.32 0.02
CA THR A 52 -10.03 -4.70 0.44
C THR A 52 -8.73 -5.22 1.07
N THR A 53 -7.68 -5.15 0.27
CA THR A 53 -6.37 -5.60 0.74
C THR A 53 -5.84 -4.68 1.82
N ARG A 54 -6.41 -3.47 1.87
CA ARG A 54 -6.01 -2.49 2.86
C ARG A 54 -4.48 -2.40 2.94
N ILE A 55 -3.84 -2.70 1.81
CA ILE A 55 -2.40 -2.67 1.73
C ILE A 55 -1.92 -1.22 1.86
N GLY A 56 -2.86 -0.31 1.71
CA GLY A 56 -2.56 1.11 1.81
C GLY A 56 -2.03 1.46 3.21
N VAL A 57 -2.59 0.80 4.19
CA VAL A 57 -2.19 1.02 5.58
C VAL A 57 -0.99 0.14 5.91
N ALA A 58 -0.93 -1.00 5.24
CA ALA A 58 0.16 -1.94 5.45
C ALA A 58 1.48 -1.27 5.11
N VAL A 59 1.51 -0.65 3.93
CA VAL A 59 2.70 0.04 3.48
C VAL A 59 3.04 1.17 4.44
N ASN A 60 2.15 2.16 4.47
CA ASN A 60 2.34 3.30 5.35
C ASN A 60 2.82 2.82 6.72
N GLY A 61 2.15 1.79 7.21
CA GLY A 61 2.50 1.22 8.51
C GLY A 61 4.00 0.96 8.60
N VAL A 62 4.57 0.51 7.50
CA VAL A 62 5.99 0.23 7.44
C VAL A 62 6.77 1.53 7.27
N ARG A 63 6.40 2.27 6.23
CA ARG A 63 7.05 3.54 5.96
C ARG A 63 7.08 4.42 7.21
N LYS A 64 6.21 4.07 8.15
CA LYS A 64 6.14 4.81 9.40
C LYS A 64 6.87 4.04 10.50
N HIS A 65 6.68 2.73 10.47
CA HIS A 65 7.32 1.86 11.45
C HIS A 65 8.72 1.48 10.97
N CYS A 66 9.19 2.21 9.97
CA CYS A 66 10.50 1.96 9.41
C CYS A 66 11.03 3.27 8.80
N SER A 67 12.33 3.47 8.94
CA SER A 67 12.96 4.66 8.42
C SER A 67 14.07 4.27 7.43
N ASP A 68 14.02 3.03 6.99
CA ASP A 68 15.02 2.53 6.05
C ASP A 68 15.05 3.43 4.82
N LYS A 69 15.68 2.92 3.77
CA LYS A 69 15.79 3.66 2.52
C LYS A 69 14.97 2.96 1.44
N GLU A 70 15.47 1.81 1.02
CA GLU A 70 14.79 1.03 -0.01
C GLU A 70 13.41 0.59 0.48
N VAL A 71 13.40 -0.03 1.65
CA VAL A 71 12.16 -0.51 2.25
C VAL A 71 11.19 0.66 2.37
N VAL A 72 11.75 1.84 2.59
CA VAL A 72 10.94 3.04 2.74
C VAL A 72 10.64 3.61 1.36
N SER A 73 11.53 3.32 0.42
CA SER A 73 11.37 3.80 -0.94
C SER A 73 10.16 3.13 -1.60
N LEU A 74 10.26 1.82 -1.74
CA LEU A 74 9.18 1.05 -2.35
C LEU A 74 7.86 1.46 -1.73
N ALA A 75 7.86 1.57 -0.40
CA ALA A 75 6.67 1.96 0.33
C ALA A 75 6.17 3.31 -0.20
N LYS A 76 7.11 4.22 -0.39
CA LYS A 76 6.78 5.54 -0.89
C LYS A 76 6.17 5.42 -2.28
N VAL A 77 6.90 4.74 -3.16
CA VAL A 77 6.44 4.55 -4.52
C VAL A 77 5.02 3.98 -4.50
N LEU A 78 4.81 3.03 -3.60
CA LEU A 78 3.51 2.40 -3.47
C LEU A 78 2.49 3.45 -3.03
N ILE A 79 2.93 4.34 -2.16
CA ILE A 79 2.07 5.40 -1.65
C ILE A 79 1.83 6.43 -2.76
N LYS A 80 2.90 6.75 -3.48
CA LYS A 80 2.82 7.71 -4.56
C LYS A 80 1.93 7.15 -5.67
N ASN A 81 2.42 6.08 -6.28
CA ASN A 81 1.68 5.44 -7.36
C ASN A 81 0.20 5.35 -6.98
N TRP A 82 -0.05 4.78 -5.81
CA TRP A 82 -1.40 4.63 -5.32
C TRP A 82 -2.03 6.02 -5.23
N LYS A 83 -1.22 6.98 -4.78
CA LYS A 83 -1.68 8.35 -4.64
C LYS A 83 -2.54 8.72 -5.85
N ARG A 84 -2.05 8.35 -7.03
CA ARG A 84 -2.76 8.63 -8.26
C ARG A 84 -4.21 8.13 -8.16
N LEU A 85 -4.34 6.84 -7.88
CA LEU A 85 -5.65 6.23 -7.76
C LEU A 85 -6.60 7.20 -7.05
N LEU A 86 -6.12 7.72 -5.92
CA LEU A 86 -6.91 8.66 -5.14
C LEU A 86 -6.91 10.02 -5.83
N ASP A 87 -5.71 10.58 -5.98
CA ASP A 87 -5.57 11.88 -6.61
C ASP A 87 -6.75 12.77 -6.22
N SER A 88 -7.16 12.63 -4.98
CA SER A 88 -8.28 13.42 -4.47
C SER A 88 -9.55 13.10 -5.28
N PRO A 89 -10.17 11.95 -4.93
CA PRO A 89 -11.38 11.52 -5.60
C PRO A 89 -12.59 12.34 -5.14
N ARG A 90 -12.73 12.43 -3.83
CA ARG A 90 -13.83 13.18 -3.25
C ARG A 90 -13.71 13.21 -1.72
N THR A 91 -13.29 14.36 -1.22
CA THR A 91 -13.13 14.54 0.22
C THR A 91 -13.54 15.95 0.63
N THR A 92 -13.02 16.92 -0.10
CA THR A 92 -13.33 18.31 0.18
C THR A 92 -12.92 18.67 1.62
N LYS A 93 -11.70 19.14 1.76
CA LYS A 93 -11.19 19.52 3.06
C LYS A 93 -12.28 20.25 3.84
N GLY A 94 -12.27 20.02 5.15
CA GLY A 94 -13.26 20.64 6.03
C GLY A 94 -12.58 21.25 7.26
N GLU A 95 -12.45 20.42 8.29
CA GLU A 95 -11.83 20.85 9.53
C GLU A 95 -10.42 20.27 9.65
N ARG A 96 -9.54 21.07 10.24
CA ARG A 96 -8.16 20.64 10.44
C ARG A 96 -7.70 20.96 11.86
N GLU A 97 -7.48 19.91 12.62
CA GLU A 97 -7.04 20.06 14.00
C GLU A 97 -5.54 19.79 14.10
N SER A 98 -4.83 20.77 14.64
CA SER A 98 -3.39 20.65 14.81
C SER A 98 -2.94 21.38 16.07
N GLY A 99 -1.81 20.96 16.60
CA GLY A 99 -1.26 21.56 17.80
C GLY A 99 0.23 21.86 17.64
N PRO A 100 0.54 23.17 17.51
CA PRO A 100 1.92 23.61 17.36
C PRO A 100 2.68 23.52 18.68
N SER A 101 3.90 23.01 18.59
CA SER A 101 4.74 22.87 19.76
C SER A 101 6.05 23.63 19.58
N SER A 102 6.74 23.30 18.49
CA SER A 102 8.00 23.95 18.18
C SER A 102 7.96 24.55 16.77
N GLY A 103 8.00 25.87 16.72
CA GLY A 103 7.96 26.58 15.46
C GLY A 103 8.90 27.78 15.47
N GLY A 1 6.01 -37.48 -1.62
CA GLY A 1 6.35 -36.08 -1.44
C GLY A 1 5.18 -35.30 -0.87
N SER A 2 4.99 -34.10 -1.41
CA SER A 2 3.91 -33.24 -0.97
C SER A 2 3.17 -32.66 -2.18
N SER A 3 2.00 -32.10 -1.91
CA SER A 3 1.20 -31.51 -2.96
C SER A 3 1.70 -30.10 -3.27
N GLY A 4 1.19 -29.54 -4.37
CA GLY A 4 1.56 -28.20 -4.79
C GLY A 4 0.68 -27.72 -5.94
N SER A 5 1.12 -26.62 -6.55
CA SER A 5 0.38 -26.05 -7.66
C SER A 5 -1.00 -25.59 -7.19
N SER A 6 -1.28 -24.33 -7.45
CA SER A 6 -2.57 -23.75 -7.06
C SER A 6 -2.69 -22.33 -7.60
N GLY A 7 -3.92 -21.85 -7.66
CA GLY A 7 -4.18 -20.51 -8.15
C GLY A 7 -4.51 -19.55 -7.00
N MET A 8 -4.23 -18.28 -7.24
CA MET A 8 -4.49 -17.26 -6.23
C MET A 8 -5.06 -15.99 -6.87
N GLY A 9 -4.25 -15.39 -7.73
CA GLY A 9 -4.65 -14.17 -8.42
C GLY A 9 -3.88 -12.97 -7.89
N LEU A 10 -4.56 -11.83 -7.85
CA LEU A 10 -3.96 -10.61 -7.37
C LEU A 10 -4.49 -10.29 -5.97
N GLU A 11 -5.79 -10.00 -5.92
CA GLU A 11 -6.43 -9.68 -4.65
C GLU A 11 -5.87 -10.56 -3.54
N GLU A 12 -5.67 -11.83 -3.86
CA GLU A 12 -5.13 -12.77 -2.89
C GLU A 12 -3.71 -12.38 -2.50
N GLU A 13 -2.82 -12.44 -3.48
CA GLU A 13 -1.43 -12.09 -3.25
C GLU A 13 -1.33 -10.78 -2.48
N LEU A 14 -2.24 -9.88 -2.79
CA LEU A 14 -2.26 -8.58 -2.14
C LEU A 14 -2.54 -8.77 -0.65
N LEU A 15 -3.57 -9.55 -0.37
CA LEU A 15 -3.96 -9.83 1.01
C LEU A 15 -2.81 -10.55 1.72
N ARG A 16 -2.25 -11.53 1.02
CA ARG A 16 -1.15 -12.30 1.58
C ARG A 16 -0.01 -11.38 1.99
N ILE A 17 0.22 -10.37 1.16
CA ILE A 17 1.28 -9.42 1.43
C ILE A 17 0.92 -8.59 2.67
N ALA A 18 -0.15 -7.82 2.53
CA ALA A 18 -0.61 -6.99 3.63
C ALA A 18 -0.51 -7.76 4.94
N LYS A 19 -1.25 -8.86 5.00
CA LYS A 19 -1.25 -9.71 6.18
C LYS A 19 0.18 -9.90 6.66
N LYS A 20 1.07 -10.15 5.70
CA LYS A 20 2.47 -10.35 6.01
C LYS A 20 3.06 -9.07 6.62
N LEU A 21 2.84 -7.97 5.91
CA LEU A 21 3.34 -6.69 6.36
C LEU A 21 2.76 -6.37 7.74
N GLU A 22 1.43 -6.29 7.78
CA GLU A 22 0.74 -6.00 9.03
C GLU A 22 1.35 -6.82 10.17
N LYS A 23 1.63 -8.08 9.87
CA LYS A 23 2.20 -8.97 10.86
C LYS A 23 3.61 -8.47 11.24
N MET A 24 4.46 -8.39 10.23
CA MET A 24 5.83 -7.94 10.44
C MET A 24 5.85 -6.68 11.30
N VAL A 25 5.15 -5.66 10.82
CA VAL A 25 5.09 -4.40 11.53
C VAL A 25 4.70 -4.65 13.00
N SER A 26 3.51 -5.22 13.17
CA SER A 26 3.02 -5.52 14.50
C SER A 26 4.13 -6.18 15.33
N ARG A 27 4.68 -7.24 14.78
CA ARG A 27 5.74 -7.98 15.44
C ARG A 27 6.97 -7.09 15.61
N LYS A 28 7.08 -6.11 14.72
CA LYS A 28 8.21 -5.20 14.75
C LYS A 28 9.48 -5.95 14.40
N LYS A 29 9.53 -6.42 13.15
CA LYS A 29 10.68 -7.16 12.67
C LYS A 29 11.01 -6.72 11.25
N THR A 30 10.02 -6.86 10.37
CA THR A 30 10.19 -6.49 8.98
C THR A 30 11.55 -6.94 8.47
N GLU A 31 11.62 -8.21 8.10
CA GLU A 31 12.86 -8.78 7.59
C GLU A 31 12.68 -9.20 6.12
N GLY A 32 11.74 -8.55 5.46
CA GLY A 32 11.46 -8.85 4.07
C GLY A 32 10.30 -8.00 3.55
N ALA A 33 10.29 -6.75 3.97
CA ALA A 33 9.25 -5.82 3.56
C ALA A 33 9.44 -5.47 2.08
N LEU A 34 10.70 -5.19 1.74
CA LEU A 34 11.04 -4.83 0.38
C LEU A 34 10.36 -5.81 -0.59
N ASP A 35 10.80 -7.07 -0.50
CA ASP A 35 10.24 -8.10 -1.36
C ASP A 35 8.73 -7.90 -1.48
N LEU A 36 8.09 -7.78 -0.32
CA LEU A 36 6.64 -7.59 -0.29
C LEU A 36 6.28 -6.34 -1.09
N LEU A 37 6.96 -5.25 -0.76
CA LEU A 37 6.72 -3.98 -1.44
C LEU A 37 6.91 -4.17 -2.95
N LYS A 38 8.00 -4.85 -3.28
CA LYS A 38 8.32 -5.10 -4.69
C LYS A 38 7.09 -5.67 -5.38
N LYS A 39 6.65 -6.83 -4.90
CA LYS A 39 5.49 -7.49 -5.47
C LYS A 39 4.38 -6.47 -5.67
N LEU A 40 4.11 -5.71 -4.61
CA LEU A 40 3.07 -4.70 -4.65
C LEU A 40 3.33 -3.76 -5.83
N ASN A 41 4.57 -3.31 -5.93
CA ASN A 41 4.96 -2.42 -7.01
C ASN A 41 4.70 -3.10 -8.35
N SER A 42 4.71 -4.42 -8.33
CA SER A 42 4.47 -5.20 -9.53
C SER A 42 3.12 -5.89 -9.44
N CYS A 43 2.15 -5.17 -8.90
CA CYS A 43 0.80 -5.70 -8.75
C CYS A 43 -0.19 -4.65 -9.24
N GLN A 44 -1.08 -5.08 -10.13
CA GLN A 44 -2.07 -4.19 -10.69
C GLN A 44 -3.12 -3.84 -9.62
N MET A 45 -2.67 -3.10 -8.61
CA MET A 45 -3.55 -2.69 -7.53
C MET A 45 -4.67 -1.79 -8.06
N SER A 46 -5.82 -1.88 -7.39
CA SER A 46 -6.96 -1.08 -7.77
C SER A 46 -7.52 -0.34 -6.54
N ILE A 47 -8.51 0.49 -6.80
CA ILE A 47 -9.13 1.26 -5.72
C ILE A 47 -9.92 0.32 -4.82
N GLN A 48 -10.83 -0.42 -5.44
CA GLN A 48 -11.65 -1.37 -4.71
C GLN A 48 -10.78 -2.27 -3.84
N LEU A 49 -9.71 -2.76 -4.44
CA LEU A 49 -8.79 -3.64 -3.74
C LEU A 49 -8.04 -2.84 -2.67
N LEU A 50 -7.82 -1.57 -2.98
CA LEU A 50 -7.12 -0.69 -2.06
C LEU A 50 -7.86 -0.66 -0.72
N GLN A 51 -9.14 -1.00 -0.78
CA GLN A 51 -9.96 -1.02 0.42
C GLN A 51 -10.00 -2.43 1.01
N THR A 52 -10.09 -3.41 0.12
CA THR A 52 -10.13 -4.80 0.54
C THR A 52 -8.77 -5.23 1.13
N THR A 53 -7.73 -4.92 0.37
CA THR A 53 -6.38 -5.26 0.80
C THR A 53 -5.86 -4.23 1.81
N ARG A 54 -6.49 -3.06 1.79
CA ARG A 54 -6.10 -1.99 2.69
C ARG A 54 -4.58 -1.96 2.86
N ILE A 55 -3.89 -2.36 1.81
CA ILE A 55 -2.43 -2.39 1.82
C ILE A 55 -1.90 -0.95 1.90
N GLY A 56 -2.81 -0.01 1.69
CA GLY A 56 -2.45 1.40 1.73
C GLY A 56 -1.94 1.79 3.12
N VAL A 57 -2.44 1.08 4.11
CA VAL A 57 -2.06 1.34 5.49
C VAL A 57 -0.90 0.43 5.87
N ALA A 58 -0.83 -0.71 5.20
CA ALA A 58 0.22 -1.68 5.45
C ALA A 58 1.57 -1.07 5.08
N VAL A 59 1.62 -0.54 3.86
CA VAL A 59 2.85 0.07 3.38
C VAL A 59 3.28 1.19 4.34
N ASN A 60 2.41 2.17 4.48
CA ASN A 60 2.69 3.30 5.36
C ASN A 60 3.33 2.78 6.65
N GLY A 61 2.65 1.84 7.28
CA GLY A 61 3.15 1.26 8.51
C GLY A 61 4.65 0.96 8.42
N VAL A 62 5.04 0.41 7.28
CA VAL A 62 6.44 0.08 7.04
C VAL A 62 7.22 1.37 6.80
N ARG A 63 6.62 2.25 6.02
CA ARG A 63 7.26 3.52 5.69
C ARG A 63 7.54 4.31 6.96
N LYS A 64 6.94 3.86 8.05
CA LYS A 64 7.12 4.51 9.34
C LYS A 64 8.02 3.65 10.23
N HIS A 65 7.70 2.37 10.28
CA HIS A 65 8.46 1.43 11.09
C HIS A 65 9.81 1.17 10.41
N CYS A 66 9.75 0.93 9.11
CA CYS A 66 10.95 0.67 8.34
C CYS A 66 11.58 2.00 7.94
N SER A 67 12.87 1.96 7.70
CA SER A 67 13.61 3.15 7.32
C SER A 67 14.96 2.77 6.72
N ASP A 68 14.94 1.73 5.90
CA ASP A 68 16.15 1.25 5.26
C ASP A 68 16.39 2.04 3.97
N LYS A 69 15.59 3.08 3.81
CA LYS A 69 15.70 3.93 2.63
C LYS A 69 15.08 3.21 1.43
N GLU A 70 15.59 2.02 1.16
CA GLU A 70 15.09 1.24 0.04
C GLU A 70 13.68 0.75 0.33
N VAL A 71 13.52 0.11 1.48
CA VAL A 71 12.22 -0.41 1.88
C VAL A 71 11.23 0.75 2.02
N VAL A 72 11.78 1.90 2.37
CA VAL A 72 10.96 3.10 2.54
C VAL A 72 10.71 3.74 1.16
N SER A 73 11.73 3.66 0.33
CA SER A 73 11.64 4.23 -1.01
C SER A 73 10.41 3.67 -1.73
N LEU A 74 10.40 2.35 -1.89
CA LEU A 74 9.30 1.69 -2.55
C LEU A 74 8.00 2.04 -1.85
N ALA A 75 7.94 1.69 -0.57
CA ALA A 75 6.75 1.97 0.23
C ALA A 75 6.22 3.35 -0.12
N LYS A 76 7.14 4.29 -0.28
CA LYS A 76 6.78 5.65 -0.62
C LYS A 76 6.14 5.68 -2.01
N VAL A 77 6.88 5.14 -2.97
CA VAL A 77 6.41 5.09 -4.34
C VAL A 77 5.01 4.46 -4.38
N LEU A 78 4.88 3.36 -3.66
CA LEU A 78 3.61 2.65 -3.60
C LEU A 78 2.53 3.61 -3.12
N ILE A 79 2.91 4.47 -2.19
CA ILE A 79 1.98 5.44 -1.65
C ILE A 79 1.64 6.48 -2.72
N LYS A 80 2.67 6.97 -3.38
CA LYS A 80 2.50 7.96 -4.42
C LYS A 80 1.56 7.41 -5.50
N ASN A 81 2.04 6.39 -6.20
CA ASN A 81 1.26 5.77 -7.25
C ASN A 81 -0.17 5.54 -6.74
N TRP A 82 -0.26 4.78 -5.66
CA TRP A 82 -1.56 4.47 -5.07
C TRP A 82 -2.34 5.78 -4.94
N LYS A 83 -1.61 6.84 -4.63
CA LYS A 83 -2.22 8.15 -4.48
C LYS A 83 -2.99 8.51 -5.76
N ARG A 84 -2.23 8.66 -6.83
CA ARG A 84 -2.83 9.00 -8.11
C ARG A 84 -3.75 7.88 -8.58
N LEU A 85 -3.67 6.75 -7.88
CA LEU A 85 -4.48 5.60 -8.22
C LEU A 85 -5.83 5.70 -7.51
N LEU A 86 -5.76 6.03 -6.22
CA LEU A 86 -6.96 6.17 -5.41
C LEU A 86 -7.41 7.63 -5.43
N ASP A 87 -6.52 8.49 -4.95
CA ASP A 87 -6.81 9.92 -4.90
C ASP A 87 -6.94 10.46 -6.33
N SER A 88 -5.98 10.09 -7.15
CA SER A 88 -5.96 10.53 -8.54
C SER A 88 -5.86 12.05 -8.60
N PRO A 89 -5.22 12.54 -9.71
CA PRO A 89 -5.05 13.97 -9.90
C PRO A 89 -6.37 14.63 -10.31
N ARG A 90 -6.72 15.68 -9.58
CA ARG A 90 -7.94 16.41 -9.86
C ARG A 90 -7.74 17.38 -11.03
N THR A 91 -8.84 17.96 -11.49
CA THR A 91 -8.79 18.89 -12.60
C THR A 91 -9.83 20.00 -12.41
N THR A 92 -11.06 19.56 -12.12
CA THR A 92 -12.15 20.50 -11.91
C THR A 92 -12.54 20.55 -10.44
N LYS A 93 -12.97 21.73 -10.02
CA LYS A 93 -13.36 21.93 -8.63
C LYS A 93 -12.13 22.18 -7.78
N GLY A 94 -12.25 23.16 -6.90
CA GLY A 94 -11.15 23.52 -6.01
C GLY A 94 -11.36 24.91 -5.40
N GLU A 95 -11.38 25.91 -6.26
CA GLU A 95 -11.58 27.28 -5.81
C GLU A 95 -10.42 27.71 -4.92
N ARG A 96 -10.07 28.98 -5.04
CA ARG A 96 -8.99 29.55 -4.25
C ARG A 96 -9.45 29.80 -2.82
N GLU A 97 -8.55 29.54 -1.88
CA GLU A 97 -8.86 29.74 -0.46
C GLU A 97 -8.55 31.18 -0.06
N SER A 98 -9.01 31.54 1.14
CA SER A 98 -8.78 32.87 1.65
C SER A 98 -9.40 33.91 0.70
N GLY A 99 -9.69 35.07 1.27
CA GLY A 99 -10.29 36.15 0.49
C GLY A 99 -9.82 37.51 1.00
N PRO A 100 -10.55 38.02 2.03
CA PRO A 100 -10.24 39.31 2.62
C PRO A 100 -9.00 39.20 3.51
N SER A 101 -8.23 40.29 3.53
CA SER A 101 -7.02 40.34 4.33
C SER A 101 -7.37 40.60 5.81
N SER A 102 -6.72 39.85 6.68
CA SER A 102 -6.95 39.98 8.11
C SER A 102 -6.31 41.27 8.62
N GLY A 103 -7.06 41.96 9.47
CA GLY A 103 -6.57 43.21 10.04
C GLY A 103 -5.90 42.97 11.38
N GLY A 1 -20.16 -11.84 -5.20
CA GLY A 1 -19.74 -12.40 -6.48
C GLY A 1 -18.61 -13.40 -6.29
N SER A 2 -18.37 -14.18 -7.34
CA SER A 2 -17.32 -15.18 -7.30
C SER A 2 -15.99 -14.56 -7.76
N SER A 3 -14.91 -15.21 -7.37
CA SER A 3 -13.58 -14.74 -7.73
C SER A 3 -13.29 -15.07 -9.19
N GLY A 4 -13.36 -16.35 -9.51
CA GLY A 4 -13.11 -16.79 -10.87
C GLY A 4 -11.68 -17.32 -11.02
N SER A 5 -11.57 -18.64 -11.10
CA SER A 5 -10.27 -19.27 -11.24
C SER A 5 -9.62 -18.83 -12.55
N SER A 6 -8.32 -18.57 -12.47
CA SER A 6 -7.57 -18.15 -13.63
C SER A 6 -6.08 -18.43 -13.42
N GLY A 7 -5.59 -18.06 -12.25
CA GLY A 7 -4.19 -18.27 -11.93
C GLY A 7 -3.74 -17.32 -10.82
N MET A 8 -3.50 -17.89 -9.64
CA MET A 8 -3.06 -17.11 -8.50
C MET A 8 -4.05 -15.98 -8.20
N GLY A 9 -3.84 -14.85 -8.85
CA GLY A 9 -4.70 -13.70 -8.66
C GLY A 9 -3.91 -12.50 -8.15
N LEU A 10 -4.64 -11.42 -7.86
CA LEU A 10 -4.02 -10.21 -7.38
C LEU A 10 -4.47 -9.96 -5.94
N GLU A 11 -5.78 -9.85 -5.77
CA GLU A 11 -6.35 -9.61 -4.46
C GLU A 11 -5.87 -10.67 -3.46
N GLU A 12 -6.05 -11.93 -3.85
CA GLU A 12 -5.65 -13.04 -3.01
C GLU A 12 -4.16 -12.91 -2.65
N GLU A 13 -3.40 -12.38 -3.60
CA GLU A 13 -1.98 -12.20 -3.40
C GLU A 13 -1.71 -10.95 -2.54
N LEU A 14 -2.48 -9.91 -2.82
CA LEU A 14 -2.33 -8.66 -2.10
C LEU A 14 -2.55 -8.92 -0.60
N LEU A 15 -3.65 -9.58 -0.30
CA LEU A 15 -3.99 -9.90 1.08
C LEU A 15 -2.81 -10.64 1.73
N ARG A 16 -2.27 -11.59 0.99
CA ARG A 16 -1.14 -12.37 1.48
C ARG A 16 0.00 -11.44 1.89
N ILE A 17 0.29 -10.48 1.04
CA ILE A 17 1.35 -9.52 1.30
C ILE A 17 1.00 -8.71 2.56
N ALA A 18 -0.09 -7.97 2.46
CA ALA A 18 -0.54 -7.15 3.58
C ALA A 18 -0.39 -7.95 4.88
N LYS A 19 -1.17 -9.02 4.97
CA LYS A 19 -1.15 -9.86 6.15
C LYS A 19 0.30 -10.05 6.60
N LYS A 20 1.18 -10.20 5.62
CA LYS A 20 2.60 -10.38 5.90
C LYS A 20 3.17 -9.09 6.50
N LEU A 21 2.91 -8.00 5.80
CA LEU A 21 3.39 -6.69 6.24
C LEU A 21 2.77 -6.37 7.60
N GLU A 22 1.45 -6.33 7.62
CA GLU A 22 0.73 -6.03 8.84
C GLU A 22 1.31 -6.83 10.01
N LYS A 23 1.62 -8.09 9.75
CA LYS A 23 2.18 -8.95 10.76
C LYS A 23 3.55 -8.40 11.19
N MET A 24 4.41 -8.22 10.21
CA MET A 24 5.75 -7.70 10.47
C MET A 24 5.68 -6.43 11.33
N VAL A 25 4.86 -5.50 10.88
CA VAL A 25 4.69 -4.24 11.60
C VAL A 25 4.36 -4.54 13.06
N SER A 26 3.27 -5.25 13.26
CA SER A 26 2.83 -5.61 14.60
C SER A 26 4.04 -6.00 15.46
N ARG A 27 4.76 -6.99 14.97
CA ARG A 27 5.94 -7.49 15.68
C ARG A 27 7.03 -6.41 15.67
N LYS A 28 7.00 -5.58 14.65
CA LYS A 28 7.98 -4.52 14.52
C LYS A 28 9.35 -5.13 14.17
N LYS A 29 9.40 -5.74 13.00
CA LYS A 29 10.64 -6.37 12.56
C LYS A 29 10.91 -5.97 11.10
N THR A 30 9.90 -6.15 10.27
CA THR A 30 10.01 -5.81 8.86
C THR A 30 11.42 -6.13 8.35
N GLU A 31 11.58 -7.35 7.87
CA GLU A 31 12.86 -7.79 7.34
C GLU A 31 12.76 -8.04 5.83
N GLY A 32 11.65 -8.64 5.44
CA GLY A 32 11.42 -8.92 4.03
C GLY A 32 10.22 -8.15 3.50
N ALA A 33 10.23 -6.85 3.76
CA ALA A 33 9.14 -6.00 3.31
C ALA A 33 9.37 -5.60 1.86
N LEU A 34 10.64 -5.43 1.52
CA LEU A 34 11.01 -5.07 0.16
C LEU A 34 10.29 -5.99 -0.84
N ASP A 35 10.68 -7.25 -0.80
CA ASP A 35 10.08 -8.24 -1.68
C ASP A 35 8.57 -7.97 -1.80
N LEU A 36 7.96 -7.74 -0.64
CA LEU A 36 6.54 -7.48 -0.59
C LEU A 36 6.23 -6.16 -1.32
N LEU A 37 6.97 -5.13 -0.94
CA LEU A 37 6.80 -3.82 -1.55
C LEU A 37 7.04 -3.94 -3.06
N LYS A 38 7.92 -4.85 -3.42
CA LYS A 38 8.24 -5.08 -4.83
C LYS A 38 6.98 -5.53 -5.57
N LYS A 39 6.54 -6.73 -5.25
CA LYS A 39 5.36 -7.29 -5.88
C LYS A 39 4.29 -6.21 -5.98
N LEU A 40 3.97 -5.62 -4.84
CA LEU A 40 2.96 -4.59 -4.79
C LEU A 40 3.18 -3.62 -5.96
N ASN A 41 4.44 -3.30 -6.19
CA ASN A 41 4.80 -2.39 -7.27
C ASN A 41 4.44 -3.03 -8.61
N SER A 42 4.83 -4.29 -8.75
CA SER A 42 4.55 -5.02 -9.97
C SER A 42 3.18 -5.70 -9.88
N CYS A 43 2.21 -4.93 -9.41
CA CYS A 43 0.86 -5.45 -9.26
C CYS A 43 -0.12 -4.33 -9.60
N GLN A 44 -1.00 -4.62 -10.56
CA GLN A 44 -1.99 -3.65 -10.98
C GLN A 44 -3.01 -3.40 -9.88
N MET A 45 -2.52 -2.85 -8.78
CA MET A 45 -3.37 -2.56 -7.63
C MET A 45 -4.45 -1.54 -8.00
N SER A 46 -5.58 -1.65 -7.32
CA SER A 46 -6.69 -0.75 -7.56
C SER A 46 -7.15 -0.12 -6.24
N ILE A 47 -8.31 0.53 -6.31
CA ILE A 47 -8.87 1.17 -5.14
C ILE A 47 -9.58 0.14 -4.28
N GLN A 48 -10.53 -0.55 -4.90
CA GLN A 48 -11.29 -1.57 -4.20
C GLN A 48 -10.37 -2.47 -3.38
N LEU A 49 -9.27 -2.87 -4.02
CA LEU A 49 -8.29 -3.71 -3.36
C LEU A 49 -7.61 -2.92 -2.24
N LEU A 50 -7.25 -1.69 -2.57
CA LEU A 50 -6.58 -0.82 -1.61
C LEU A 50 -7.36 -0.84 -0.29
N GLN A 51 -8.64 -1.14 -0.40
CA GLN A 51 -9.51 -1.19 0.77
C GLN A 51 -9.50 -2.60 1.36
N THR A 52 -10.02 -3.53 0.59
CA THR A 52 -10.09 -4.92 1.03
C THR A 52 -8.74 -5.35 1.61
N THR A 53 -7.72 -5.23 0.79
CA THR A 53 -6.37 -5.61 1.21
C THR A 53 -5.87 -4.66 2.30
N ARG A 54 -6.33 -3.42 2.22
CA ARG A 54 -5.94 -2.42 3.20
C ARG A 54 -4.42 -2.33 3.27
N ILE A 55 -3.79 -2.57 2.14
CA ILE A 55 -2.33 -2.51 2.06
C ILE A 55 -1.87 -1.07 2.28
N GLY A 56 -2.70 -0.14 1.86
CA GLY A 56 -2.39 1.27 1.99
C GLY A 56 -1.82 1.58 3.37
N VAL A 57 -2.39 0.93 4.37
CA VAL A 57 -1.95 1.12 5.74
C VAL A 57 -0.73 0.23 6.01
N ALA A 58 -0.68 -0.89 5.31
CA ALA A 58 0.41 -1.82 5.45
C ALA A 58 1.72 -1.13 5.05
N VAL A 59 1.76 -0.70 3.81
CA VAL A 59 2.94 -0.03 3.28
C VAL A 59 3.32 1.13 4.22
N ASN A 60 2.44 2.11 4.26
CA ASN A 60 2.66 3.28 5.11
C ASN A 60 3.13 2.81 6.50
N GLY A 61 2.39 1.85 7.04
CA GLY A 61 2.70 1.31 8.35
C GLY A 61 4.20 1.00 8.46
N VAL A 62 4.74 0.48 7.37
CA VAL A 62 6.15 0.13 7.33
C VAL A 62 6.99 1.41 7.28
N ARG A 63 6.66 2.26 6.32
CA ARG A 63 7.37 3.52 6.15
C ARG A 63 7.50 4.24 7.49
N LYS A 64 6.62 3.87 8.41
CA LYS A 64 6.63 4.47 9.73
C LYS A 64 7.37 3.55 10.70
N HIS A 65 7.12 2.27 10.56
CA HIS A 65 7.76 1.27 11.41
C HIS A 65 9.10 0.86 10.80
N CYS A 66 9.57 1.69 9.88
CA CYS A 66 10.85 1.42 9.22
C CYS A 66 11.45 2.76 8.79
N SER A 67 12.74 2.91 9.07
CA SER A 67 13.44 4.13 8.71
C SER A 67 14.41 3.86 7.56
N ASP A 68 14.31 2.64 7.02
CA ASP A 68 15.18 2.25 5.92
C ASP A 68 15.09 3.29 4.81
N LYS A 69 15.75 2.98 3.70
CA LYS A 69 15.76 3.88 2.56
C LYS A 69 15.04 3.22 1.38
N GLU A 70 15.45 1.99 1.09
CA GLU A 70 14.85 1.24 0.01
C GLU A 70 13.45 0.77 0.40
N VAL A 71 13.37 0.18 1.57
CA VAL A 71 12.09 -0.33 2.07
C VAL A 71 11.14 0.85 2.28
N VAL A 72 11.72 2.00 2.58
CA VAL A 72 10.94 3.20 2.82
C VAL A 72 10.65 3.87 1.47
N SER A 73 11.66 3.88 0.62
CA SER A 73 11.52 4.49 -0.70
C SER A 73 10.39 3.82 -1.48
N LEU A 74 10.57 2.52 -1.72
CA LEU A 74 9.58 1.75 -2.44
C LEU A 74 8.19 2.06 -1.89
N ALA A 75 8.07 1.97 -0.57
CA ALA A 75 6.81 2.23 0.09
C ALA A 75 6.25 3.57 -0.40
N LYS A 76 7.12 4.57 -0.38
CA LYS A 76 6.73 5.91 -0.82
C LYS A 76 6.20 5.83 -2.25
N VAL A 77 6.98 5.19 -3.10
CA VAL A 77 6.59 5.04 -4.50
C VAL A 77 5.20 4.41 -4.58
N LEU A 78 5.00 3.38 -3.76
CA LEU A 78 3.72 2.69 -3.72
C LEU A 78 2.65 3.64 -3.21
N ILE A 79 3.09 4.64 -2.47
CA ILE A 79 2.17 5.62 -1.90
C ILE A 79 1.86 6.68 -2.97
N LYS A 80 2.82 6.90 -3.85
CA LYS A 80 2.65 7.87 -4.91
C LYS A 80 1.69 7.31 -5.96
N ASN A 81 2.15 6.26 -6.63
CA ASN A 81 1.33 5.63 -7.65
C ASN A 81 -0.09 5.42 -7.12
N TRP A 82 -0.16 4.94 -5.89
CA TRP A 82 -1.45 4.69 -5.25
C TRP A 82 -2.16 6.03 -5.11
N LYS A 83 -1.38 7.06 -4.83
CA LYS A 83 -1.93 8.40 -4.67
C LYS A 83 -2.69 8.79 -5.94
N ARG A 84 -2.05 8.55 -7.07
CA ARG A 84 -2.66 8.86 -8.35
C ARG A 84 -3.71 7.83 -8.71
N LEU A 85 -3.58 6.65 -8.11
CA LEU A 85 -4.52 5.57 -8.37
C LEU A 85 -5.83 5.86 -7.63
N LEU A 86 -5.69 6.31 -6.40
CA LEU A 86 -6.86 6.62 -5.59
C LEU A 86 -7.42 7.98 -6.01
N ASP A 87 -6.58 9.00 -5.89
CA ASP A 87 -6.98 10.34 -6.25
C ASP A 87 -8.44 10.57 -5.84
N SER A 88 -8.67 10.46 -4.54
CA SER A 88 -10.01 10.64 -3.99
C SER A 88 -10.10 12.01 -3.30
N PRO A 89 -10.91 12.91 -3.93
CA PRO A 89 -11.09 14.25 -3.39
C PRO A 89 -12.01 14.22 -2.18
N ARG A 90 -11.47 13.73 -1.07
CA ARG A 90 -12.23 13.65 0.16
C ARG A 90 -12.11 14.95 0.95
N THR A 91 -10.87 15.38 1.15
CA THR A 91 -10.61 16.60 1.88
C THR A 91 -9.26 17.20 1.45
N THR A 92 -9.12 18.49 1.70
CA THR A 92 -7.90 19.19 1.35
C THR A 92 -7.10 19.55 2.61
N LYS A 93 -5.80 19.38 2.52
CA LYS A 93 -4.92 19.70 3.64
C LYS A 93 -4.51 21.16 3.56
N GLY A 94 -4.14 21.69 4.72
CA GLY A 94 -3.72 23.08 4.81
C GLY A 94 -2.20 23.21 4.67
N GLU A 95 -1.68 24.33 5.15
CA GLU A 95 -0.25 24.58 5.09
C GLU A 95 0.18 25.45 6.28
N ARG A 96 -0.42 26.62 6.36
CA ARG A 96 -0.11 27.54 7.44
C ARG A 96 -0.54 26.96 8.79
N GLU A 97 0.25 27.26 9.81
CA GLU A 97 -0.04 26.78 11.15
C GLU A 97 0.12 25.25 11.20
N SER A 98 1.34 24.83 11.48
CA SER A 98 1.64 23.41 11.57
C SER A 98 2.27 23.09 12.93
N GLY A 99 2.11 21.83 13.33
CA GLY A 99 2.65 21.39 14.60
C GLY A 99 3.21 19.97 14.49
N PRO A 100 4.34 19.85 13.75
CA PRO A 100 4.98 18.56 13.56
C PRO A 100 5.72 18.12 14.83
N SER A 101 6.47 19.05 15.39
CA SER A 101 7.23 18.77 16.60
C SER A 101 6.31 18.14 17.65
N SER A 102 6.94 17.67 18.72
CA SER A 102 6.19 17.04 19.81
C SER A 102 7.15 16.66 20.94
N GLY A 103 8.13 15.84 20.60
CA GLY A 103 9.11 15.38 21.57
C GLY A 103 10.53 15.67 21.10
N GLY A 1 -14.37 -7.85 6.54
CA GLY A 1 -14.72 -9.26 6.46
C GLY A 1 -14.87 -9.69 5.00
N SER A 2 -14.02 -10.64 4.60
CA SER A 2 -14.04 -11.14 3.25
C SER A 2 -15.29 -11.99 3.03
N SER A 3 -16.02 -11.66 1.98
CA SER A 3 -17.24 -12.38 1.66
C SER A 3 -17.82 -11.86 0.34
N GLY A 4 -18.29 -12.79 -0.46
CA GLY A 4 -18.88 -12.44 -1.76
C GLY A 4 -18.13 -13.13 -2.90
N SER A 5 -17.10 -12.45 -3.39
CA SER A 5 -16.31 -12.99 -4.49
C SER A 5 -15.05 -13.64 -3.94
N SER A 6 -14.77 -14.84 -4.43
CA SER A 6 -13.59 -15.58 -4.00
C SER A 6 -12.87 -16.17 -5.22
N GLY A 7 -11.81 -15.50 -5.61
CA GLY A 7 -11.02 -15.94 -6.74
C GLY A 7 -9.56 -15.54 -6.59
N MET A 8 -8.75 -16.50 -6.14
CA MET A 8 -7.33 -16.25 -5.93
C MET A 8 -6.70 -15.65 -7.20
N GLY A 9 -5.65 -14.86 -6.97
CA GLY A 9 -4.96 -14.22 -8.06
C GLY A 9 -4.14 -13.03 -7.58
N LEU A 10 -4.76 -11.85 -7.66
CA LEU A 10 -4.10 -10.63 -7.23
C LEU A 10 -4.61 -10.25 -5.83
N GLU A 11 -5.90 -9.95 -5.77
CA GLU A 11 -6.52 -9.57 -4.51
C GLU A 11 -6.01 -10.47 -3.38
N GLU A 12 -6.18 -11.77 -3.57
CA GLU A 12 -5.75 -12.74 -2.59
C GLU A 12 -4.27 -12.54 -2.26
N GLU A 13 -3.44 -12.66 -3.29
CA GLU A 13 -2.01 -12.49 -3.12
C GLU A 13 -1.71 -11.18 -2.41
N LEU A 14 -2.36 -10.12 -2.87
CA LEU A 14 -2.17 -8.81 -2.29
C LEU A 14 -2.38 -8.89 -0.77
N LEU A 15 -3.46 -9.56 -0.39
CA LEU A 15 -3.78 -9.73 1.01
C LEU A 15 -2.59 -10.35 1.74
N ARG A 16 -2.26 -11.56 1.33
CA ARG A 16 -1.14 -12.28 1.93
C ARG A 16 0.02 -11.32 2.20
N ILE A 17 0.29 -10.47 1.21
CA ILE A 17 1.37 -9.50 1.32
C ILE A 17 1.10 -8.59 2.52
N ALA A 18 0.01 -7.84 2.42
CA ALA A 18 -0.37 -6.93 3.48
C ALA A 18 -0.25 -7.64 4.83
N LYS A 19 -1.02 -8.72 4.95
CA LYS A 19 -1.01 -9.50 6.18
C LYS A 19 0.42 -9.70 6.65
N LYS A 20 1.30 -9.97 5.69
CA LYS A 20 2.70 -10.18 5.98
C LYS A 20 3.31 -8.88 6.52
N LEU A 21 3.08 -7.80 5.78
CA LEU A 21 3.59 -6.50 6.17
C LEU A 21 3.06 -6.14 7.56
N GLU A 22 1.74 -6.05 7.64
CA GLU A 22 1.09 -5.71 8.90
C GLU A 22 1.80 -6.41 10.07
N LYS A 23 1.94 -7.72 9.94
CA LYS A 23 2.60 -8.51 10.97
C LYS A 23 3.97 -7.91 11.27
N MET A 24 4.82 -7.92 10.25
CA MET A 24 6.15 -7.39 10.38
C MET A 24 6.16 -6.09 11.21
N VAL A 25 5.26 -5.19 10.83
CA VAL A 25 5.14 -3.92 11.53
C VAL A 25 4.79 -4.18 12.99
N SER A 26 3.61 -4.74 13.21
CA SER A 26 3.16 -5.04 14.55
C SER A 26 4.30 -5.64 15.37
N ARG A 27 4.86 -6.71 14.82
CA ARG A 27 5.95 -7.40 15.50
C ARG A 27 7.18 -6.48 15.58
N LYS A 28 7.26 -5.58 14.61
CA LYS A 28 8.37 -4.64 14.56
C LYS A 28 9.66 -5.39 14.21
N LYS A 29 9.71 -5.87 12.97
CA LYS A 29 10.87 -6.59 12.49
C LYS A 29 11.19 -6.16 11.06
N THR A 30 10.17 -6.20 10.22
CA THR A 30 10.33 -5.80 8.83
C THR A 30 11.68 -6.29 8.30
N GLU A 31 11.81 -7.60 8.23
CA GLU A 31 13.05 -8.21 7.74
C GLU A 31 12.81 -8.84 6.36
N GLY A 32 12.02 -8.15 5.56
CA GLY A 32 11.71 -8.63 4.22
C GLY A 32 10.45 -7.95 3.67
N ALA A 33 10.40 -6.64 3.86
CA ALA A 33 9.26 -5.86 3.39
C ALA A 33 9.45 -5.54 1.90
N LEU A 34 10.70 -5.30 1.54
CA LEU A 34 11.03 -4.99 0.16
C LEU A 34 10.28 -5.96 -0.77
N ASP A 35 10.75 -7.20 -0.76
CA ASP A 35 10.14 -8.22 -1.59
C ASP A 35 8.62 -8.00 -1.66
N LEU A 36 8.05 -7.77 -0.49
CA LEU A 36 6.62 -7.53 -0.40
C LEU A 36 6.26 -6.25 -1.15
N LEU A 37 6.97 -5.18 -0.80
CA LEU A 37 6.74 -3.90 -1.43
C LEU A 37 6.93 -4.04 -2.94
N LYS A 38 7.94 -4.80 -3.32
CA LYS A 38 8.24 -5.03 -4.72
C LYS A 38 7.01 -5.64 -5.40
N LYS A 39 6.63 -6.81 -4.92
CA LYS A 39 5.48 -7.51 -5.48
C LYS A 39 4.33 -6.52 -5.68
N LEU A 40 4.20 -5.62 -4.71
CA LEU A 40 3.15 -4.62 -4.76
C LEU A 40 3.42 -3.67 -5.94
N ASN A 41 4.66 -3.22 -6.03
CA ASN A 41 5.06 -2.32 -7.08
C ASN A 41 4.71 -2.95 -8.44
N SER A 42 5.12 -4.20 -8.59
CA SER A 42 4.87 -4.91 -9.82
C SER A 42 3.37 -5.21 -9.96
N CYS A 43 2.82 -5.82 -8.92
CA CYS A 43 1.41 -6.16 -8.91
C CYS A 43 0.62 -4.92 -9.36
N GLN A 44 -0.48 -5.18 -10.07
CA GLN A 44 -1.32 -4.11 -10.57
C GLN A 44 -2.39 -3.77 -9.53
N MET A 45 -1.98 -2.98 -8.54
CA MET A 45 -2.89 -2.56 -7.49
C MET A 45 -4.03 -1.72 -8.05
N SER A 46 -5.16 -1.75 -7.35
CA SER A 46 -6.32 -0.99 -7.76
C SER A 46 -6.92 -0.26 -6.56
N ILE A 47 -7.83 0.66 -6.86
CA ILE A 47 -8.48 1.43 -5.82
C ILE A 47 -9.38 0.51 -5.01
N GLN A 48 -10.33 -0.11 -5.69
CA GLN A 48 -11.26 -1.01 -5.04
C GLN A 48 -10.50 -2.00 -4.15
N LEU A 49 -9.49 -2.61 -4.73
CA LEU A 49 -8.68 -3.57 -4.00
C LEU A 49 -7.98 -2.87 -2.84
N LEU A 50 -7.40 -1.72 -3.15
CA LEU A 50 -6.70 -0.94 -2.14
C LEU A 50 -7.54 -0.88 -0.87
N GLN A 51 -8.84 -0.99 -1.06
CA GLN A 51 -9.77 -0.95 0.06
C GLN A 51 -9.92 -2.34 0.68
N THR A 52 -10.22 -3.30 -0.17
CA THR A 52 -10.39 -4.68 0.29
C THR A 52 -9.08 -5.20 0.89
N THR A 53 -8.01 -5.07 0.12
CA THR A 53 -6.71 -5.52 0.56
C THR A 53 -6.18 -4.62 1.68
N ARG A 54 -6.57 -3.35 1.62
CA ARG A 54 -6.15 -2.39 2.62
C ARG A 54 -4.63 -2.38 2.74
N ILE A 55 -3.97 -2.66 1.62
CA ILE A 55 -2.52 -2.68 1.60
C ILE A 55 -1.98 -1.27 1.81
N GLY A 56 -2.89 -0.31 1.73
CA GLY A 56 -2.53 1.09 1.92
C GLY A 56 -1.97 1.33 3.32
N VAL A 57 -2.67 0.80 4.31
CA VAL A 57 -2.26 0.94 5.69
C VAL A 57 -1.06 0.04 5.96
N ALA A 58 -1.00 -1.05 5.21
CA ALA A 58 0.09 -2.01 5.37
C ALA A 58 1.41 -1.32 5.01
N VAL A 59 1.54 -0.98 3.74
CA VAL A 59 2.74 -0.32 3.26
C VAL A 59 3.13 0.81 4.23
N ASN A 60 2.23 1.78 4.32
CA ASN A 60 2.45 2.91 5.21
C ASN A 60 2.97 2.41 6.55
N GLY A 61 2.28 1.40 7.07
CA GLY A 61 2.66 0.82 8.36
C GLY A 61 4.17 0.59 8.43
N VAL A 62 4.73 0.18 7.30
CA VAL A 62 6.16 -0.08 7.23
C VAL A 62 6.91 1.26 7.15
N ARG A 63 6.41 2.13 6.29
CA ARG A 63 7.03 3.43 6.11
C ARG A 63 7.18 4.14 7.45
N LYS A 64 6.48 3.61 8.45
CA LYS A 64 6.54 4.18 9.78
C LYS A 64 7.53 3.37 10.63
N HIS A 65 7.34 2.07 10.62
CA HIS A 65 8.20 1.18 11.38
C HIS A 65 9.39 0.76 10.52
N CYS A 66 9.62 1.53 9.48
CA CYS A 66 10.72 1.25 8.56
C CYS A 66 12.04 1.65 9.26
N SER A 67 13.11 1.59 8.49
CA SER A 67 14.43 1.94 9.01
C SER A 67 15.50 1.64 7.96
N ASP A 68 15.16 1.94 6.72
CA ASP A 68 16.09 1.72 5.62
C ASP A 68 15.96 2.86 4.61
N LYS A 69 16.29 2.55 3.37
CA LYS A 69 16.21 3.54 2.30
C LYS A 69 15.31 3.01 1.18
N GLU A 70 15.70 1.86 0.64
CA GLU A 70 14.95 1.23 -0.43
C GLU A 70 13.59 0.76 0.09
N VAL A 71 13.64 -0.02 1.16
CA VAL A 71 12.42 -0.55 1.76
C VAL A 71 11.44 0.60 2.01
N VAL A 72 12.00 1.77 2.26
CA VAL A 72 11.18 2.96 2.51
C VAL A 72 10.82 3.60 1.17
N SER A 73 11.79 3.65 0.28
CA SER A 73 11.58 4.23 -1.03
C SER A 73 10.35 3.62 -1.69
N LEU A 74 10.33 2.29 -1.73
CA LEU A 74 9.22 1.57 -2.32
C LEU A 74 7.92 1.97 -1.62
N ALA A 75 7.87 1.69 -0.32
CA ALA A 75 6.71 2.01 0.47
C ALA A 75 6.16 3.38 0.04
N LYS A 76 7.10 4.29 -0.21
CA LYS A 76 6.72 5.63 -0.63
C LYS A 76 6.08 5.57 -2.00
N VAL A 77 6.83 5.04 -2.96
CA VAL A 77 6.34 4.91 -4.32
C VAL A 77 4.95 4.29 -4.30
N LEU A 78 4.81 3.25 -3.51
CA LEU A 78 3.53 2.55 -3.40
C LEU A 78 2.48 3.51 -2.87
N ILE A 79 2.93 4.43 -2.02
CA ILE A 79 2.04 5.41 -1.42
C ILE A 79 1.67 6.46 -2.49
N LYS A 80 2.70 6.90 -3.21
CA LYS A 80 2.50 7.89 -4.25
C LYS A 80 1.65 7.29 -5.37
N ASN A 81 2.22 6.30 -6.04
CA ASN A 81 1.52 5.64 -7.13
C ASN A 81 0.06 5.44 -6.76
N TRP A 82 -0.16 4.78 -5.62
CA TRP A 82 -1.50 4.53 -5.15
C TRP A 82 -2.23 5.88 -5.03
N LYS A 83 -1.51 6.85 -4.47
CA LYS A 83 -2.06 8.18 -4.29
C LYS A 83 -2.89 8.55 -5.53
N ARG A 84 -2.23 8.49 -6.68
CA ARG A 84 -2.90 8.82 -7.93
C ARG A 84 -4.14 7.95 -8.11
N LEU A 85 -3.94 6.65 -7.98
CA LEU A 85 -5.04 5.71 -8.14
C LEU A 85 -6.25 6.20 -7.34
N LEU A 86 -6.03 6.36 -6.04
CA LEU A 86 -7.09 6.82 -5.16
C LEU A 86 -7.56 8.21 -5.62
N ASP A 87 -6.59 9.11 -5.75
CA ASP A 87 -6.88 10.47 -6.17
C ASP A 87 -7.94 10.43 -7.28
N SER A 88 -7.58 9.81 -8.38
CA SER A 88 -8.49 9.70 -9.52
C SER A 88 -8.82 11.09 -10.05
N PRO A 89 -9.32 11.12 -11.31
CA PRO A 89 -9.68 12.37 -11.95
C PRO A 89 -10.99 12.92 -11.38
N ARG A 90 -10.87 13.69 -10.33
CA ARG A 90 -12.03 14.28 -9.69
C ARG A 90 -11.63 15.51 -8.86
N THR A 91 -12.63 16.29 -8.50
CA THR A 91 -12.39 17.49 -7.71
C THR A 91 -12.47 17.18 -6.22
N THR A 92 -11.44 17.61 -5.50
CA THR A 92 -11.38 17.38 -4.06
C THR A 92 -10.59 18.50 -3.38
N LYS A 93 -11.25 19.16 -2.44
CA LYS A 93 -10.63 20.24 -1.70
C LYS A 93 -9.86 21.13 -2.68
N GLY A 94 -10.60 21.97 -3.39
CA GLY A 94 -10.00 22.87 -4.35
C GLY A 94 -8.92 23.73 -3.69
N GLU A 95 -9.34 24.52 -2.72
CA GLU A 95 -8.41 25.39 -2.01
C GLU A 95 -7.11 24.65 -1.71
N ARG A 96 -7.25 23.54 -1.00
CA ARG A 96 -6.09 22.73 -0.65
C ARG A 96 -5.15 23.53 0.26
N GLU A 97 -4.65 22.84 1.28
CA GLU A 97 -3.74 23.47 2.22
C GLU A 97 -2.29 23.23 1.80
N SER A 98 -1.55 24.33 1.71
CA SER A 98 -0.15 24.25 1.32
C SER A 98 0.74 24.25 2.57
N GLY A 99 1.72 23.36 2.56
CA GLY A 99 2.64 23.25 3.68
C GLY A 99 3.88 24.12 3.45
N PRO A 100 4.31 24.80 4.55
CA PRO A 100 5.48 25.67 4.47
C PRO A 100 6.77 24.85 4.44
N SER A 101 7.81 25.48 3.94
CA SER A 101 9.11 24.82 3.83
C SER A 101 9.98 25.19 5.03
N SER A 102 10.71 26.28 4.88
CA SER A 102 11.59 26.74 5.93
C SER A 102 11.09 28.09 6.48
N GLY A 103 11.65 28.47 7.61
CA GLY A 103 11.27 29.73 8.24
C GLY A 103 9.94 29.59 9.01
N GLY A 1 -1.66 -25.98 -6.87
CA GLY A 1 -1.83 -27.27 -7.55
C GLY A 1 -3.08 -27.99 -7.02
N SER A 2 -2.88 -28.73 -5.94
CA SER A 2 -3.97 -29.48 -5.33
C SER A 2 -3.78 -29.55 -3.82
N SER A 3 -4.91 -29.64 -3.12
CA SER A 3 -4.87 -29.70 -1.67
C SER A 3 -4.00 -28.58 -1.11
N GLY A 4 -4.59 -27.39 -1.02
CA GLY A 4 -3.88 -26.24 -0.50
C GLY A 4 -4.77 -25.00 -0.49
N SER A 5 -5.17 -24.60 -1.68
CA SER A 5 -6.03 -23.43 -1.83
C SER A 5 -6.81 -23.52 -3.15
N SER A 6 -8.07 -23.10 -3.08
CA SER A 6 -8.93 -23.12 -4.24
C SER A 6 -8.90 -21.76 -4.95
N GLY A 7 -7.93 -21.61 -5.84
CA GLY A 7 -7.77 -20.37 -6.58
C GLY A 7 -6.73 -19.46 -5.92
N MET A 8 -6.20 -18.55 -6.73
CA MET A 8 -5.19 -17.62 -6.23
C MET A 8 -5.02 -16.44 -7.20
N GLY A 9 -5.80 -15.39 -6.94
CA GLY A 9 -5.75 -14.20 -7.77
C GLY A 9 -4.79 -13.17 -7.18
N LEU A 10 -4.84 -11.97 -7.75
CA LEU A 10 -3.99 -10.89 -7.29
C LEU A 10 -4.45 -10.43 -5.90
N GLU A 11 -5.70 -10.01 -5.83
CA GLU A 11 -6.27 -9.54 -4.59
C GLU A 11 -5.96 -10.54 -3.47
N GLU A 12 -6.21 -11.80 -3.75
CA GLU A 12 -5.97 -12.86 -2.78
C GLU A 12 -4.48 -12.90 -2.41
N GLU A 13 -3.66 -12.42 -3.33
CA GLU A 13 -2.22 -12.39 -3.11
C GLU A 13 -1.82 -11.14 -2.35
N LEU A 14 -2.41 -10.02 -2.76
CA LEU A 14 -2.13 -8.75 -2.12
C LEU A 14 -2.37 -8.87 -0.62
N LEU A 15 -3.43 -9.58 -0.27
CA LEU A 15 -3.79 -9.77 1.12
C LEU A 15 -2.59 -10.37 1.86
N ARG A 16 -2.28 -11.61 1.51
CA ARG A 16 -1.16 -12.30 2.13
C ARG A 16 0.00 -11.34 2.37
N ILE A 17 0.29 -10.54 1.35
CA ILE A 17 1.37 -9.57 1.44
C ILE A 17 1.12 -8.64 2.63
N ALA A 18 0.00 -7.93 2.57
CA ALA A 18 -0.37 -7.01 3.63
C ALA A 18 -0.17 -7.69 4.98
N LYS A 19 -0.93 -8.76 5.19
CA LYS A 19 -0.85 -9.51 6.43
C LYS A 19 0.61 -9.64 6.85
N LYS A 20 1.48 -9.73 5.85
CA LYS A 20 2.91 -9.85 6.09
C LYS A 20 3.46 -8.49 6.55
N LEU A 21 3.13 -7.47 5.76
CA LEU A 21 3.60 -6.13 6.07
C LEU A 21 3.00 -5.68 7.41
N GLU A 22 1.79 -6.16 7.67
CA GLU A 22 1.10 -5.82 8.90
C GLU A 22 1.71 -6.58 10.08
N LYS A 23 2.05 -7.84 9.81
CA LYS A 23 2.64 -8.69 10.84
C LYS A 23 4.04 -8.18 11.18
N MET A 24 4.91 -8.21 10.16
CA MET A 24 6.27 -7.75 10.34
C MET A 24 6.32 -6.46 11.15
N VAL A 25 5.35 -5.60 10.90
CA VAL A 25 5.26 -4.33 11.61
C VAL A 25 4.90 -4.59 13.07
N SER A 26 3.68 -5.04 13.27
CA SER A 26 3.19 -5.33 14.62
C SER A 26 4.27 -6.06 15.41
N ARG A 27 4.77 -7.13 14.81
CA ARG A 27 5.80 -7.94 15.46
C ARG A 27 7.09 -7.12 15.62
N LYS A 28 7.27 -6.17 14.70
CA LYS A 28 8.44 -5.31 14.73
C LYS A 28 9.66 -6.13 14.30
N LYS A 29 9.72 -6.41 13.00
CA LYS A 29 10.84 -7.16 12.45
C LYS A 29 11.16 -6.65 11.06
N THR A 30 10.13 -6.64 10.21
CA THR A 30 10.30 -6.17 8.84
C THR A 30 11.67 -6.59 8.29
N GLU A 31 11.75 -7.86 7.91
CA GLU A 31 12.98 -8.39 7.36
C GLU A 31 12.80 -8.77 5.89
N GLY A 32 11.56 -8.66 5.43
CA GLY A 32 11.23 -8.99 4.05
C GLY A 32 10.06 -8.14 3.55
N ALA A 33 10.23 -6.83 3.66
CA ALA A 33 9.20 -5.90 3.23
C ALA A 33 9.42 -5.56 1.75
N LEU A 34 10.67 -5.28 1.42
CA LEU A 34 11.02 -4.94 0.05
C LEU A 34 10.33 -5.91 -0.91
N ASP A 35 10.72 -7.17 -0.80
CA ASP A 35 10.16 -8.20 -1.65
C ASP A 35 8.65 -7.97 -1.80
N LEU A 36 8.00 -7.80 -0.66
CA LEU A 36 6.56 -7.57 -0.64
C LEU A 36 6.25 -6.30 -1.44
N LEU A 37 6.97 -5.24 -1.09
CA LEU A 37 6.77 -3.97 -1.76
C LEU A 37 6.97 -4.15 -3.27
N LYS A 38 8.03 -4.87 -3.62
CA LYS A 38 8.33 -5.13 -5.01
C LYS A 38 7.09 -5.69 -5.71
N LYS A 39 6.63 -6.83 -5.19
CA LYS A 39 5.46 -7.48 -5.75
C LYS A 39 4.34 -6.44 -5.93
N LEU A 40 4.02 -5.77 -4.83
CA LEU A 40 2.98 -4.75 -4.85
C LEU A 40 3.17 -3.85 -6.07
N ASN A 41 4.35 -3.26 -6.14
CA ASN A 41 4.68 -2.37 -7.25
C ASN A 41 4.18 -3.00 -8.55
N SER A 42 4.70 -4.19 -8.84
CA SER A 42 4.32 -4.90 -10.04
C SER A 42 2.81 -5.17 -10.05
N CYS A 43 2.37 -5.89 -9.02
CA CYS A 43 0.97 -6.22 -8.90
C CYS A 43 0.15 -4.97 -9.25
N GLN A 44 -0.80 -5.16 -10.17
CA GLN A 44 -1.65 -4.08 -10.60
C GLN A 44 -2.65 -3.71 -9.50
N MET A 45 -2.21 -2.86 -8.59
CA MET A 45 -3.07 -2.44 -7.49
C MET A 45 -4.13 -1.45 -7.96
N SER A 46 -5.24 -1.44 -7.24
CA SER A 46 -6.34 -0.55 -7.59
C SER A 46 -6.98 -0.01 -6.31
N ILE A 47 -7.86 0.98 -6.51
CA ILE A 47 -8.54 1.60 -5.38
C ILE A 47 -9.38 0.53 -4.66
N GLN A 48 -10.19 -0.17 -5.44
CA GLN A 48 -11.04 -1.20 -4.88
C GLN A 48 -10.21 -2.20 -4.06
N LEU A 49 -9.18 -2.73 -4.70
CA LEU A 49 -8.30 -3.68 -4.03
C LEU A 49 -7.67 -3.02 -2.80
N LEU A 50 -7.05 -1.87 -3.03
CA LEU A 50 -6.41 -1.14 -1.95
C LEU A 50 -7.31 -1.18 -0.71
N GLN A 51 -8.59 -0.95 -0.94
CA GLN A 51 -9.55 -0.96 0.15
C GLN A 51 -9.65 -2.36 0.76
N THR A 52 -10.15 -3.29 -0.05
CA THR A 52 -10.30 -4.67 0.40
C THR A 52 -8.99 -5.17 1.02
N THR A 53 -7.94 -5.14 0.20
CA THR A 53 -6.64 -5.58 0.66
C THR A 53 -6.17 -4.76 1.86
N ARG A 54 -6.39 -3.46 1.76
CA ARG A 54 -6.00 -2.55 2.84
C ARG A 54 -4.48 -2.47 2.93
N ILE A 55 -3.83 -2.66 1.79
CA ILE A 55 -2.38 -2.61 1.74
C ILE A 55 -1.92 -1.17 1.97
N GLY A 56 -2.84 -0.24 1.74
CA GLY A 56 -2.54 1.17 1.93
C GLY A 56 -2.05 1.44 3.35
N VAL A 57 -2.68 0.75 4.30
CA VAL A 57 -2.32 0.92 5.71
C VAL A 57 -1.09 0.06 6.01
N ALA A 58 -0.97 -1.04 5.26
CA ALA A 58 0.15 -1.94 5.45
C ALA A 58 1.46 -1.20 5.12
N VAL A 59 1.56 -0.78 3.87
CA VAL A 59 2.75 -0.08 3.42
C VAL A 59 3.09 1.04 4.43
N ASN A 60 2.16 1.98 4.55
CA ASN A 60 2.34 3.09 5.47
C ASN A 60 2.86 2.56 6.80
N GLY A 61 2.18 1.53 7.30
CA GLY A 61 2.56 0.92 8.56
C GLY A 61 4.05 0.61 8.60
N VAL A 62 4.58 0.29 7.44
CA VAL A 62 6.00 -0.04 7.32
C VAL A 62 6.80 1.26 7.16
N ARG A 63 6.34 2.08 6.22
CA ARG A 63 7.01 3.35 5.96
C ARG A 63 7.07 4.19 7.22
N LYS A 64 6.26 3.80 8.20
CA LYS A 64 6.21 4.51 9.46
C LYS A 64 7.30 3.95 10.39
N HIS A 65 7.19 2.67 10.69
CA HIS A 65 8.15 2.02 11.56
C HIS A 65 9.47 1.82 10.81
N CYS A 66 9.35 1.36 9.57
CA CYS A 66 10.52 1.12 8.75
C CYS A 66 11.30 2.43 8.64
N SER A 67 12.56 2.38 9.07
CA SER A 67 13.42 3.55 9.03
C SER A 67 14.42 3.43 7.87
N ASP A 68 14.43 2.25 7.27
CA ASP A 68 15.32 1.99 6.15
C ASP A 68 15.14 3.08 5.09
N LYS A 69 15.81 2.88 3.97
CA LYS A 69 15.74 3.85 2.88
C LYS A 69 15.07 3.17 1.68
N GLU A 70 15.66 2.08 1.24
CA GLU A 70 15.13 1.35 0.09
C GLU A 70 13.74 0.80 0.41
N VAL A 71 13.66 0.09 1.53
CA VAL A 71 12.39 -0.49 1.95
C VAL A 71 11.37 0.62 2.11
N VAL A 72 11.84 1.77 2.57
CA VAL A 72 10.98 2.92 2.78
C VAL A 72 10.75 3.63 1.43
N SER A 73 11.66 3.38 0.51
CA SER A 73 11.57 3.98 -0.82
C SER A 73 10.32 3.45 -1.54
N LEU A 74 10.36 2.17 -1.86
CA LEU A 74 9.26 1.54 -2.55
C LEU A 74 7.95 1.86 -1.82
N ALA A 75 7.96 1.62 -0.52
CA ALA A 75 6.79 1.89 0.30
C ALA A 75 6.22 3.26 -0.06
N LYS A 76 7.13 4.22 -0.16
CA LYS A 76 6.73 5.58 -0.49
C LYS A 76 6.08 5.60 -1.88
N VAL A 77 6.77 4.97 -2.82
CA VAL A 77 6.29 4.91 -4.19
C VAL A 77 4.89 4.28 -4.20
N LEU A 78 4.76 3.18 -3.47
CA LEU A 78 3.49 2.49 -3.38
C LEU A 78 2.39 3.48 -2.97
N ILE A 79 2.74 4.33 -2.01
CA ILE A 79 1.81 5.32 -1.52
C ILE A 79 1.44 6.28 -2.65
N LYS A 80 2.48 6.77 -3.32
CA LYS A 80 2.29 7.69 -4.42
C LYS A 80 1.56 6.98 -5.57
N ASN A 81 2.26 6.02 -6.17
CA ASN A 81 1.70 5.27 -7.27
C ASN A 81 0.22 4.97 -6.98
N TRP A 82 -0.08 4.82 -5.69
CA TRP A 82 -1.43 4.54 -5.27
C TRP A 82 -2.20 5.86 -5.23
N LYS A 83 -1.64 6.81 -4.48
CA LYS A 83 -2.25 8.12 -4.35
C LYS A 83 -2.83 8.55 -5.71
N ARG A 84 -2.06 8.29 -6.75
CA ARG A 84 -2.47 8.65 -8.09
C ARG A 84 -3.85 8.05 -8.40
N LEU A 85 -3.98 6.77 -8.11
CA LEU A 85 -5.24 6.07 -8.34
C LEU A 85 -6.40 6.89 -7.75
N LEU A 86 -6.29 7.15 -6.45
CA LEU A 86 -7.31 7.93 -5.76
C LEU A 86 -7.43 9.30 -6.42
N ASP A 87 -6.28 9.95 -6.57
CA ASP A 87 -6.25 11.27 -7.17
C ASP A 87 -7.20 11.30 -8.38
N SER A 88 -6.93 10.43 -9.33
CA SER A 88 -7.75 10.35 -10.53
C SER A 88 -7.77 11.71 -11.24
N PRO A 89 -8.08 11.66 -12.56
CA PRO A 89 -8.14 12.87 -13.36
C PRO A 89 -9.42 13.66 -13.06
N ARG A 90 -10.50 12.93 -12.88
CA ARG A 90 -11.78 13.55 -12.59
C ARG A 90 -12.18 14.50 -13.71
N THR A 91 -13.40 15.01 -13.62
CA THR A 91 -13.92 15.93 -14.62
C THR A 91 -13.50 15.48 -16.02
N THR A 92 -13.81 14.23 -16.32
CA THR A 92 -13.46 13.67 -17.62
C THR A 92 -14.66 12.94 -18.21
N LYS A 93 -15.33 13.61 -19.14
CA LYS A 93 -16.49 13.05 -19.80
C LYS A 93 -17.62 12.88 -18.77
N GLY A 94 -18.42 13.93 -18.65
CA GLY A 94 -19.53 13.93 -17.72
C GLY A 94 -19.45 15.12 -16.76
N GLU A 95 -20.28 15.05 -15.73
CA GLU A 95 -20.31 16.12 -14.74
C GLU A 95 -19.33 15.82 -13.61
N ARG A 96 -18.81 16.88 -13.02
CA ARG A 96 -17.85 16.75 -11.93
C ARG A 96 -18.51 17.15 -10.61
N GLU A 97 -18.27 16.33 -9.59
CA GLU A 97 -18.83 16.58 -8.27
C GLU A 97 -17.71 16.85 -7.27
N SER A 98 -18.11 17.36 -6.11
CA SER A 98 -17.16 17.67 -5.06
C SER A 98 -16.25 18.83 -5.51
N GLY A 99 -15.70 19.52 -4.53
CA GLY A 99 -14.82 20.64 -4.79
C GLY A 99 -14.24 21.21 -3.50
N PRO A 100 -14.04 22.55 -3.51
CA PRO A 100 -13.49 23.23 -2.34
C PRO A 100 -14.54 23.36 -1.24
N SER A 101 -14.16 22.91 -0.05
CA SER A 101 -15.05 22.96 1.10
C SER A 101 -14.28 22.69 2.39
N SER A 102 -14.10 23.75 3.17
CA SER A 102 -13.38 23.64 4.42
C SER A 102 -13.57 24.92 5.25
N GLY A 103 -13.25 24.81 6.53
CA GLY A 103 -13.39 25.94 7.44
C GLY A 103 -14.05 25.52 8.74
N GLY A 1 -11.19 -10.30 6.29
CA GLY A 1 -10.55 -11.59 6.17
C GLY A 1 -10.59 -12.09 4.73
N SER A 2 -9.61 -12.93 4.39
CA SER A 2 -9.52 -13.48 3.06
C SER A 2 -10.59 -14.57 2.87
N SER A 3 -10.51 -15.57 3.73
CA SER A 3 -11.46 -16.68 3.67
C SER A 3 -11.61 -17.16 2.23
N GLY A 4 -10.76 -18.11 1.86
CA GLY A 4 -10.80 -18.66 0.52
C GLY A 4 -10.05 -19.99 0.46
N SER A 5 -10.71 -20.99 -0.13
CA SER A 5 -10.12 -22.30 -0.25
C SER A 5 -9.98 -22.67 -1.73
N SER A 6 -8.82 -23.20 -2.07
CA SER A 6 -8.53 -23.60 -3.44
C SER A 6 -8.97 -22.50 -4.40
N GLY A 7 -8.04 -21.58 -4.65
CA GLY A 7 -8.31 -20.47 -5.55
C GLY A 7 -7.26 -19.36 -5.39
N MET A 8 -6.76 -18.89 -6.52
CA MET A 8 -5.76 -17.84 -6.51
C MET A 8 -6.31 -16.56 -7.17
N GLY A 9 -5.61 -15.46 -6.91
CA GLY A 9 -6.01 -14.19 -7.46
C GLY A 9 -5.14 -13.06 -6.90
N LEU A 10 -5.21 -11.91 -7.57
CA LEU A 10 -4.44 -10.75 -7.15
C LEU A 10 -4.77 -10.43 -5.69
N GLU A 11 -6.06 -10.23 -5.44
CA GLU A 11 -6.51 -9.92 -4.09
C GLU A 11 -5.88 -10.86 -3.07
N GLU A 12 -6.23 -12.13 -3.19
CA GLU A 12 -5.71 -13.14 -2.29
C GLU A 12 -4.21 -12.92 -2.07
N GLU A 13 -3.52 -12.61 -3.15
CA GLU A 13 -2.09 -12.37 -3.08
C GLU A 13 -1.80 -11.05 -2.35
N LEU A 14 -2.56 -10.04 -2.73
CA LEU A 14 -2.40 -8.72 -2.13
C LEU A 14 -2.59 -8.83 -0.62
N LEU A 15 -3.68 -9.49 -0.25
CA LEU A 15 -3.99 -9.67 1.16
C LEU A 15 -2.82 -10.36 1.86
N ARG A 16 -2.30 -11.39 1.19
CA ARG A 16 -1.19 -12.14 1.73
C ARG A 16 -0.02 -11.21 2.05
N ILE A 17 0.27 -10.33 1.11
CA ILE A 17 1.36 -9.37 1.28
C ILE A 17 1.09 -8.52 2.52
N ALA A 18 0.01 -7.74 2.44
CA ALA A 18 -0.36 -6.87 3.54
C ALA A 18 -0.18 -7.62 4.86
N LYS A 19 -0.82 -8.79 4.93
CA LYS A 19 -0.74 -9.61 6.13
C LYS A 19 0.73 -9.80 6.51
N LYS A 20 1.55 -10.06 5.50
CA LYS A 20 2.96 -10.27 5.71
C LYS A 20 3.58 -8.99 6.28
N LEU A 21 2.97 -7.87 5.94
CA LEU A 21 3.45 -6.58 6.41
C LEU A 21 2.82 -6.27 7.77
N GLU A 22 1.52 -6.04 7.75
CA GLU A 22 0.78 -5.74 8.97
C GLU A 22 1.31 -6.59 10.12
N LYS A 23 1.79 -7.78 9.77
CA LYS A 23 2.32 -8.70 10.76
C LYS A 23 3.70 -8.22 11.21
N MET A 24 4.65 -8.31 10.28
CA MET A 24 6.01 -7.90 10.56
C MET A 24 6.04 -6.53 11.25
N VAL A 25 5.13 -5.66 10.82
CA VAL A 25 5.05 -4.33 11.39
C VAL A 25 4.57 -4.43 12.84
N SER A 26 3.49 -5.17 13.03
CA SER A 26 2.94 -5.35 14.36
C SER A 26 3.97 -6.01 15.27
N ARG A 27 4.70 -6.95 14.70
CA ARG A 27 5.73 -7.66 15.46
C ARG A 27 6.99 -6.81 15.56
N LYS A 28 7.18 -5.95 14.57
CA LYS A 28 8.34 -5.09 14.55
C LYS A 28 9.59 -5.91 14.23
N LYS A 29 9.58 -6.51 13.05
CA LYS A 29 10.70 -7.33 12.62
C LYS A 29 10.64 -7.52 11.10
N THR A 30 10.48 -6.40 10.41
CA THR A 30 10.41 -6.42 8.97
C THR A 30 11.72 -6.92 8.36
N GLU A 31 11.70 -8.15 7.89
CA GLU A 31 12.88 -8.76 7.29
C GLU A 31 12.67 -8.96 5.79
N GLY A 32 11.40 -8.99 5.40
CA GLY A 32 11.06 -9.18 4.00
C GLY A 32 10.00 -8.16 3.56
N ALA A 33 10.30 -6.90 3.79
CA ALA A 33 9.39 -5.83 3.41
C ALA A 33 9.60 -5.47 1.95
N LEU A 34 10.86 -5.22 1.61
CA LEU A 34 11.21 -4.86 0.24
C LEU A 34 10.53 -5.84 -0.72
N ASP A 35 10.86 -7.11 -0.58
CA ASP A 35 10.29 -8.14 -1.43
C ASP A 35 8.79 -7.92 -1.56
N LEU A 36 8.16 -7.66 -0.41
CA LEU A 36 6.72 -7.43 -0.38
C LEU A 36 6.40 -6.16 -1.18
N LEU A 37 7.15 -5.11 -0.88
CA LEU A 37 6.95 -3.84 -1.57
C LEU A 37 7.13 -4.04 -3.07
N LYS A 38 8.03 -4.95 -3.41
CA LYS A 38 8.31 -5.25 -4.81
C LYS A 38 7.05 -5.82 -5.46
N LYS A 39 6.68 -7.01 -5.01
CA LYS A 39 5.50 -7.68 -5.53
C LYS A 39 4.39 -6.65 -5.74
N LEU A 40 4.20 -5.82 -4.72
CA LEU A 40 3.17 -4.79 -4.79
C LEU A 40 3.39 -3.92 -6.03
N ASN A 41 4.62 -3.47 -6.18
CA ASN A 41 4.97 -2.65 -7.32
C ASN A 41 4.83 -3.46 -8.61
N SER A 42 4.80 -4.78 -8.44
CA SER A 42 4.67 -5.67 -9.57
C SER A 42 3.30 -6.34 -9.56
N CYS A 43 2.32 -5.60 -9.04
CA CYS A 43 0.97 -6.11 -8.96
C CYS A 43 0.01 -5.02 -9.44
N GLN A 44 -0.94 -5.43 -10.27
CA GLN A 44 -1.91 -4.50 -10.81
C GLN A 44 -2.88 -4.05 -9.72
N MET A 45 -2.36 -3.25 -8.79
CA MET A 45 -3.17 -2.75 -7.69
C MET A 45 -4.31 -1.88 -8.20
N SER A 46 -5.39 -1.86 -7.44
CA SER A 46 -6.56 -1.08 -7.81
C SER A 46 -7.11 -0.36 -6.57
N ILE A 47 -7.92 0.65 -6.84
CA ILE A 47 -8.53 1.43 -5.77
C ILE A 47 -9.42 0.52 -4.92
N GLN A 48 -10.35 -0.13 -5.59
CA GLN A 48 -11.26 -1.03 -4.91
C GLN A 48 -10.49 -2.01 -4.01
N LEU A 49 -9.55 -2.71 -4.64
CA LEU A 49 -8.74 -3.67 -3.92
C LEU A 49 -8.00 -2.96 -2.79
N LEU A 50 -7.38 -1.84 -3.14
CA LEU A 50 -6.63 -1.06 -2.18
C LEU A 50 -7.39 -1.04 -0.85
N GLN A 51 -8.70 -0.89 -0.96
CA GLN A 51 -9.55 -0.85 0.22
C GLN A 51 -9.62 -2.23 0.87
N THR A 52 -10.16 -3.18 0.11
CA THR A 52 -10.29 -4.54 0.61
C THR A 52 -8.96 -5.03 1.16
N THR A 53 -7.95 -5.02 0.32
CA THR A 53 -6.61 -5.46 0.71
C THR A 53 -6.07 -4.58 1.83
N ARG A 54 -6.49 -3.32 1.80
CA ARG A 54 -6.05 -2.35 2.80
C ARG A 54 -4.53 -2.35 2.90
N ILE A 55 -3.89 -2.58 1.76
CA ILE A 55 -2.44 -2.60 1.70
C ILE A 55 -1.90 -1.18 1.91
N GLY A 56 -2.77 -0.21 1.64
CA GLY A 56 -2.40 1.18 1.80
C GLY A 56 -1.88 1.46 3.21
N VAL A 57 -2.56 0.87 4.18
CA VAL A 57 -2.17 1.04 5.57
C VAL A 57 -0.93 0.20 5.86
N ALA A 58 -0.86 -0.95 5.20
CA ALA A 58 0.27 -1.84 5.38
C ALA A 58 1.57 -1.10 5.03
N VAL A 59 1.69 -0.77 3.75
CA VAL A 59 2.87 -0.07 3.28
C VAL A 59 3.27 0.99 4.30
N ASN A 60 2.40 1.99 4.46
CA ASN A 60 2.66 3.06 5.40
C ASN A 60 3.13 2.47 6.72
N GLY A 61 2.38 1.49 7.20
CA GLY A 61 2.71 0.84 8.46
C GLY A 61 4.20 0.51 8.52
N VAL A 62 4.75 0.15 7.36
CA VAL A 62 6.16 -0.19 7.29
C VAL A 62 6.99 1.09 7.22
N ARG A 63 6.63 1.94 6.27
CA ARG A 63 7.33 3.20 6.10
C ARG A 63 7.31 4.01 7.39
N LYS A 64 6.41 3.61 8.28
CA LYS A 64 6.27 4.28 9.57
C LYS A 64 7.09 3.53 10.62
N HIS A 65 7.53 2.34 10.25
CA HIS A 65 8.31 1.51 11.15
C HIS A 65 9.59 1.04 10.45
N CYS A 66 9.91 1.74 9.35
CA CYS A 66 11.09 1.40 8.58
C CYS A 66 11.92 2.67 8.39
N SER A 67 13.12 2.65 8.94
CA SER A 67 14.02 3.80 8.83
C SER A 67 14.84 3.70 7.55
N ASP A 68 14.86 2.49 6.99
CA ASP A 68 15.61 2.26 5.76
C ASP A 68 15.26 3.36 4.75
N LYS A 69 16.00 3.34 3.64
CA LYS A 69 15.78 4.32 2.59
C LYS A 69 15.22 3.61 1.35
N GLU A 70 15.65 2.37 1.18
CA GLU A 70 15.19 1.58 0.05
C GLU A 70 13.83 0.95 0.34
N VAL A 71 13.73 0.36 1.53
CA VAL A 71 12.50 -0.27 1.94
C VAL A 71 11.39 0.78 2.04
N VAL A 72 11.81 2.00 2.37
CA VAL A 72 10.87 3.11 2.50
C VAL A 72 10.62 3.73 1.13
N SER A 73 11.69 3.79 0.34
CA SER A 73 11.60 4.36 -0.99
C SER A 73 10.41 3.76 -1.73
N LEU A 74 10.42 2.44 -1.85
CA LEU A 74 9.35 1.75 -2.53
C LEU A 74 8.03 1.99 -1.80
N ALA A 75 8.07 1.81 -0.50
CA ALA A 75 6.89 2.01 0.33
C ALA A 75 6.26 3.36 -0.03
N LYS A 76 7.11 4.33 -0.31
CA LYS A 76 6.63 5.66 -0.66
C LYS A 76 5.96 5.60 -2.05
N VAL A 77 6.74 5.15 -3.02
CA VAL A 77 6.24 5.05 -4.38
C VAL A 77 4.88 4.35 -4.37
N LEU A 78 4.79 3.33 -3.52
CA LEU A 78 3.55 2.57 -3.40
C LEU A 78 2.43 3.50 -2.95
N ILE A 79 2.77 4.38 -2.02
CA ILE A 79 1.80 5.33 -1.49
C ILE A 79 1.39 6.30 -2.60
N LYS A 80 2.39 6.80 -3.31
CA LYS A 80 2.15 7.73 -4.39
C LYS A 80 1.44 7.01 -5.54
N ASN A 81 2.18 6.10 -6.17
CA ASN A 81 1.64 5.33 -7.27
C ASN A 81 0.18 4.96 -6.97
N TRP A 82 -0.09 4.79 -5.69
CA TRP A 82 -1.44 4.44 -5.26
C TRP A 82 -2.27 5.72 -5.19
N LYS A 83 -1.75 6.69 -4.46
CA LYS A 83 -2.42 7.97 -4.30
C LYS A 83 -3.02 8.38 -5.65
N ARG A 84 -2.15 8.44 -6.65
CA ARG A 84 -2.57 8.83 -7.98
C ARG A 84 -3.92 8.17 -8.32
N LEU A 85 -4.05 6.91 -7.92
CA LEU A 85 -5.27 6.17 -8.18
C LEU A 85 -6.45 6.89 -7.52
N LEU A 86 -6.27 7.20 -6.24
CA LEU A 86 -7.31 7.89 -5.50
C LEU A 86 -7.39 9.34 -5.96
N ASP A 87 -6.27 10.03 -5.80
CA ASP A 87 -6.20 11.44 -6.20
C ASP A 87 -7.52 12.13 -5.85
N SER A 88 -8.14 11.64 -4.77
CA SER A 88 -9.40 12.22 -4.33
C SER A 88 -9.15 13.51 -3.55
N PRO A 89 -10.12 14.45 -3.67
CA PRO A 89 -10.01 15.72 -2.99
C PRO A 89 -10.29 15.57 -1.49
N ARG A 90 -9.62 16.41 -0.71
CA ARG A 90 -9.78 16.39 0.74
C ARG A 90 -8.65 17.17 1.41
N THR A 91 -7.50 17.16 0.77
CA THR A 91 -6.34 17.86 1.29
C THR A 91 -6.61 19.36 1.34
N THR A 92 -7.62 19.79 0.59
CA THR A 92 -7.98 21.19 0.54
C THR A 92 -8.45 21.66 1.92
N LYS A 93 -7.57 22.40 2.59
CA LYS A 93 -7.87 22.92 3.91
C LYS A 93 -7.87 24.45 3.87
N GLY A 94 -8.68 25.03 4.73
CA GLY A 94 -8.77 26.48 4.81
C GLY A 94 -7.52 27.08 5.46
N GLU A 95 -7.75 28.09 6.29
CA GLU A 95 -6.66 28.76 6.97
C GLU A 95 -7.10 29.21 8.36
N ARG A 96 -6.12 29.57 9.18
CA ARG A 96 -6.39 30.02 10.53
C ARG A 96 -7.21 31.32 10.50
N GLU A 97 -8.27 31.33 11.30
CA GLU A 97 -9.14 32.50 11.36
C GLU A 97 -9.28 32.97 12.81
N SER A 98 -9.90 34.13 12.97
CA SER A 98 -10.10 34.70 14.29
C SER A 98 -10.95 33.76 15.14
N GLY A 99 -10.96 34.04 16.44
CA GLY A 99 -11.74 33.23 17.37
C GLY A 99 -12.94 34.01 17.90
N PRO A 100 -14.06 33.26 18.10
CA PRO A 100 -15.28 33.87 18.60
C PRO A 100 -15.18 34.16 20.10
N SER A 101 -16.27 34.64 20.65
CA SER A 101 -16.32 34.97 22.07
C SER A 101 -17.38 34.12 22.77
N SER A 102 -18.61 34.22 22.26
CA SER A 102 -19.72 33.48 22.82
C SER A 102 -19.88 33.82 24.30
N GLY A 103 -20.99 33.37 24.86
CA GLY A 103 -21.28 33.61 26.26
C GLY A 103 -22.71 34.10 26.45
N GLY A 1 10.31 -17.07 -22.92
CA GLY A 1 10.31 -17.66 -21.59
C GLY A 1 10.43 -16.59 -20.51
N SER A 2 9.29 -16.01 -20.17
CA SER A 2 9.26 -14.96 -19.16
C SER A 2 7.81 -14.71 -18.72
N SER A 3 6.99 -14.35 -19.69
CA SER A 3 5.58 -14.07 -19.41
C SER A 3 4.74 -15.31 -19.74
N GLY A 4 4.33 -15.99 -18.68
CA GLY A 4 3.51 -17.18 -18.84
C GLY A 4 2.33 -17.17 -17.87
N SER A 5 2.31 -18.16 -17.00
CA SER A 5 1.24 -18.27 -16.02
C SER A 5 1.83 -18.38 -14.61
N SER A 6 1.32 -17.55 -13.72
CA SER A 6 1.78 -17.54 -12.35
C SER A 6 0.77 -16.82 -11.46
N GLY A 7 0.16 -17.59 -10.55
CA GLY A 7 -0.82 -17.04 -9.64
C GLY A 7 -2.18 -16.88 -10.33
N MET A 8 -3.21 -17.32 -9.62
CA MET A 8 -4.57 -17.26 -10.14
C MET A 8 -5.40 -16.22 -9.37
N GLY A 9 -4.81 -15.04 -9.19
CA GLY A 9 -5.48 -13.97 -8.47
C GLY A 9 -4.48 -12.95 -7.96
N LEU A 10 -4.95 -11.73 -7.80
CA LEU A 10 -4.11 -10.65 -7.30
C LEU A 10 -4.51 -10.29 -5.88
N GLU A 11 -5.81 -10.11 -5.69
CA GLU A 11 -6.34 -9.77 -4.38
C GLU A 11 -5.76 -10.69 -3.32
N GLU A 12 -6.09 -11.97 -3.44
CA GLU A 12 -5.62 -12.97 -2.51
C GLU A 12 -4.12 -12.81 -2.28
N GLU A 13 -3.44 -12.38 -3.33
CA GLU A 13 -2.00 -12.18 -3.27
C GLU A 13 -1.68 -10.91 -2.48
N LEU A 14 -2.40 -9.85 -2.82
CA LEU A 14 -2.19 -8.57 -2.16
C LEU A 14 -2.42 -8.74 -0.65
N LEU A 15 -3.55 -9.32 -0.31
CA LEU A 15 -3.89 -9.56 1.08
C LEU A 15 -2.76 -10.32 1.76
N ARG A 16 -2.28 -11.34 1.08
CA ARG A 16 -1.20 -12.16 1.59
C ARG A 16 -0.01 -11.29 1.99
N ILE A 17 0.35 -10.39 1.08
CA ILE A 17 1.46 -9.48 1.32
C ILE A 17 1.17 -8.64 2.55
N ALA A 18 0.20 -7.75 2.40
CA ALA A 18 -0.19 -6.87 3.49
C ALA A 18 -0.16 -7.65 4.81
N LYS A 19 -1.02 -8.66 4.87
CA LYS A 19 -1.10 -9.48 6.07
C LYS A 19 0.32 -9.78 6.57
N LYS A 20 1.18 -10.12 5.63
CA LYS A 20 2.57 -10.43 5.97
C LYS A 20 3.22 -9.20 6.60
N LEU A 21 3.04 -8.06 5.95
CA LEU A 21 3.59 -6.82 6.43
C LEU A 21 2.97 -6.47 7.78
N GLU A 22 1.65 -6.60 7.84
CA GLU A 22 0.92 -6.30 9.06
C GLU A 22 1.63 -6.96 10.26
N LYS A 23 2.06 -8.19 10.06
CA LYS A 23 2.74 -8.93 11.11
C LYS A 23 4.09 -8.26 11.40
N MET A 24 4.88 -8.14 10.35
CA MET A 24 6.20 -7.53 10.47
C MET A 24 6.12 -6.19 11.21
N VAL A 25 5.15 -5.38 10.80
CA VAL A 25 4.96 -4.09 11.41
C VAL A 25 4.66 -4.27 12.90
N SER A 26 3.71 -5.14 13.19
CA SER A 26 3.32 -5.41 14.56
C SER A 26 4.56 -5.81 15.38
N ARG A 27 5.23 -6.84 14.91
CA ARG A 27 6.42 -7.32 15.60
C ARG A 27 7.56 -6.32 15.44
N LYS A 28 7.32 -5.33 14.59
CA LYS A 28 8.32 -4.31 14.34
C LYS A 28 9.66 -4.96 14.02
N LYS A 29 9.72 -5.58 12.84
CA LYS A 29 10.92 -6.26 12.40
C LYS A 29 10.75 -6.72 10.95
N THR A 30 10.53 -5.74 10.08
CA THR A 30 10.34 -6.03 8.66
C THR A 30 11.64 -6.56 8.06
N GLU A 31 11.90 -7.83 8.32
CA GLU A 31 13.10 -8.46 7.80
C GLU A 31 12.83 -9.07 6.42
N GLY A 32 12.08 -8.33 5.61
CA GLY A 32 11.74 -8.78 4.28
C GLY A 32 10.48 -8.09 3.77
N ALA A 33 10.48 -6.77 3.88
CA ALA A 33 9.35 -5.97 3.45
C ALA A 33 9.51 -5.65 1.95
N LEU A 34 10.74 -5.35 1.57
CA LEU A 34 11.04 -5.02 0.20
C LEU A 34 10.33 -6.01 -0.73
N ASP A 35 10.81 -7.24 -0.73
CA ASP A 35 10.22 -8.28 -1.55
C ASP A 35 8.72 -8.06 -1.66
N LEU A 36 8.09 -7.90 -0.50
CA LEU A 36 6.66 -7.68 -0.46
C LEU A 36 6.32 -6.40 -1.23
N LEU A 37 6.98 -5.33 -0.84
CA LEU A 37 6.76 -4.04 -1.49
C LEU A 37 7.01 -4.18 -2.99
N LYS A 38 8.18 -4.69 -3.32
CA LYS A 38 8.56 -4.88 -4.71
C LYS A 38 7.38 -5.50 -5.47
N LYS A 39 6.94 -6.66 -4.99
CA LYS A 39 5.82 -7.34 -5.62
C LYS A 39 4.68 -6.36 -5.83
N LEU A 40 4.26 -5.73 -4.75
CA LEU A 40 3.19 -4.76 -4.81
C LEU A 40 3.41 -3.82 -5.99
N ASN A 41 4.58 -3.19 -5.98
CA ASN A 41 4.92 -2.25 -7.05
C ASN A 41 4.73 -2.95 -8.40
N SER A 42 4.86 -4.26 -8.38
CA SER A 42 4.70 -5.04 -9.60
C SER A 42 3.36 -5.79 -9.57
N CYS A 43 2.34 -5.09 -9.09
CA CYS A 43 1.02 -5.68 -9.01
C CYS A 43 0.00 -4.64 -9.48
N GLN A 44 -0.91 -5.09 -10.32
CA GLN A 44 -1.94 -4.22 -10.86
C GLN A 44 -2.98 -3.90 -9.78
N MET A 45 -2.54 -3.13 -8.79
CA MET A 45 -3.42 -2.75 -7.69
C MET A 45 -4.45 -1.73 -8.16
N SER A 46 -5.60 -1.76 -7.50
CA SER A 46 -6.69 -0.85 -7.82
C SER A 46 -7.21 -0.16 -6.56
N ILE A 47 -8.25 0.62 -6.73
CA ILE A 47 -8.85 1.33 -5.62
C ILE A 47 -9.61 0.34 -4.74
N GLN A 48 -10.52 -0.38 -5.36
CA GLN A 48 -11.32 -1.36 -4.65
C GLN A 48 -10.42 -2.27 -3.81
N LEU A 49 -9.39 -2.80 -4.46
CA LEU A 49 -8.45 -3.68 -3.79
C LEU A 49 -7.70 -2.89 -2.72
N LEU A 50 -7.33 -1.67 -3.08
CA LEU A 50 -6.61 -0.80 -2.16
C LEU A 50 -7.36 -0.75 -0.83
N GLN A 51 -8.64 -1.06 -0.88
CA GLN A 51 -9.47 -1.05 0.30
C GLN A 51 -9.54 -2.44 0.92
N THR A 52 -10.11 -3.37 0.17
CA THR A 52 -10.23 -4.73 0.64
C THR A 52 -8.91 -5.22 1.23
N THR A 53 -7.87 -5.17 0.41
CA THR A 53 -6.56 -5.60 0.84
C THR A 53 -6.05 -4.71 1.98
N ARG A 54 -6.44 -3.44 1.90
CA ARG A 54 -6.04 -2.48 2.91
C ARG A 54 -4.51 -2.38 2.98
N ILE A 55 -3.89 -2.62 1.83
CA ILE A 55 -2.44 -2.56 1.75
C ILE A 55 -1.97 -1.12 1.95
N GLY A 56 -2.89 -0.20 1.74
CA GLY A 56 -2.59 1.21 1.89
C GLY A 56 -2.10 1.51 3.31
N VAL A 57 -2.65 0.77 4.27
CA VAL A 57 -2.28 0.95 5.66
C VAL A 57 -1.05 0.08 5.97
N ALA A 58 -0.97 -1.04 5.26
CA ALA A 58 0.14 -1.96 5.46
C ALA A 58 1.44 -1.27 5.07
N VAL A 59 1.48 -0.80 3.84
CA VAL A 59 2.66 -0.11 3.32
C VAL A 59 3.04 1.02 4.28
N ASN A 60 2.12 1.95 4.42
CA ASN A 60 2.33 3.09 5.30
C ASN A 60 2.83 2.60 6.65
N GLY A 61 2.18 1.56 7.15
CA GLY A 61 2.55 0.98 8.43
C GLY A 61 4.04 0.69 8.49
N VAL A 62 4.59 0.30 7.34
CA VAL A 62 6.01 0.00 7.25
C VAL A 62 6.80 1.29 7.11
N ARG A 63 6.41 2.09 6.12
CA ARG A 63 7.08 3.35 5.86
C ARG A 63 7.15 4.18 7.15
N LYS A 64 6.28 3.83 8.09
CA LYS A 64 6.24 4.53 9.36
C LYS A 64 7.00 3.72 10.40
N HIS A 65 6.81 2.41 10.35
CA HIS A 65 7.47 1.52 11.28
C HIS A 65 8.85 1.14 10.75
N CYS A 66 9.30 1.92 9.77
CA CYS A 66 10.61 1.68 9.17
C CYS A 66 11.12 3.01 8.61
N SER A 67 12.40 3.26 8.84
CA SER A 67 13.02 4.48 8.37
C SER A 67 14.08 4.15 7.31
N ASP A 68 14.02 2.92 6.82
CA ASP A 68 14.95 2.47 5.80
C ASP A 68 14.92 3.44 4.62
N LYS A 69 15.58 3.04 3.55
CA LYS A 69 15.63 3.85 2.34
C LYS A 69 14.99 3.09 1.19
N GLU A 70 15.54 1.91 0.92
CA GLU A 70 15.04 1.07 -0.15
C GLU A 70 13.67 0.51 0.21
N VAL A 71 13.56 0.01 1.43
CA VAL A 71 12.31 -0.56 1.91
C VAL A 71 11.28 0.56 2.06
N VAL A 72 11.78 1.74 2.41
CA VAL A 72 10.92 2.89 2.59
C VAL A 72 10.61 3.52 1.24
N SER A 73 11.58 3.38 0.33
CA SER A 73 11.42 3.93 -1.01
C SER A 73 10.16 3.36 -1.67
N LEU A 74 10.20 2.07 -1.93
CA LEU A 74 9.08 1.39 -2.55
C LEU A 74 7.80 1.72 -1.78
N ALA A 75 7.89 1.62 -0.47
CA ALA A 75 6.75 1.92 0.39
C ALA A 75 6.18 3.29 0.03
N LYS A 76 7.09 4.24 -0.12
CA LYS A 76 6.70 5.60 -0.46
C LYS A 76 6.08 5.61 -1.86
N VAL A 77 6.83 5.05 -2.80
CA VAL A 77 6.37 4.99 -4.18
C VAL A 77 4.98 4.34 -4.22
N LEU A 78 4.85 3.27 -3.47
CA LEU A 78 3.58 2.55 -3.41
C LEU A 78 2.47 3.52 -2.99
N ILE A 79 2.83 4.44 -2.11
CA ILE A 79 1.88 5.43 -1.62
C ILE A 79 1.58 6.43 -2.74
N LYS A 80 2.64 6.93 -3.35
CA LYS A 80 2.51 7.90 -4.42
C LYS A 80 1.78 7.24 -5.61
N ASN A 81 2.44 6.23 -6.17
CA ASN A 81 1.88 5.52 -7.29
C ASN A 81 0.38 5.28 -7.06
N TRP A 82 0.08 4.74 -5.88
CA TRP A 82 -1.29 4.46 -5.51
C TRP A 82 -2.05 5.79 -5.45
N LYS A 83 -1.37 6.78 -4.87
CA LYS A 83 -1.96 8.10 -4.74
C LYS A 83 -2.80 8.41 -5.98
N ARG A 84 -2.16 8.29 -7.13
CA ARG A 84 -2.83 8.55 -8.40
C ARG A 84 -4.28 8.07 -8.34
N LEU A 85 -4.43 6.78 -8.03
CA LEU A 85 -5.75 6.19 -7.93
C LEU A 85 -6.71 7.19 -7.27
N LEU A 86 -6.30 7.64 -6.09
CA LEU A 86 -7.11 8.59 -5.33
C LEU A 86 -6.95 9.98 -5.95
N ASP A 87 -5.72 10.47 -5.93
CA ASP A 87 -5.44 11.78 -6.48
C ASP A 87 -6.62 12.72 -6.21
N SER A 88 -7.13 12.62 -5.00
CA SER A 88 -8.26 13.45 -4.60
C SER A 88 -7.81 14.53 -3.62
N PRO A 89 -8.55 15.67 -3.62
CA PRO A 89 -8.22 16.77 -2.75
C PRO A 89 -8.65 16.47 -1.31
N ARG A 90 -9.88 16.02 -1.16
CA ARG A 90 -10.42 15.69 0.14
C ARG A 90 -10.16 16.83 1.13
N THR A 91 -11.12 17.74 1.19
CA THR A 91 -11.02 18.88 2.08
C THR A 91 -10.99 18.43 3.53
N THR A 92 -9.85 18.67 4.17
CA THR A 92 -9.66 18.29 5.56
C THR A 92 -8.40 18.91 6.14
N LYS A 93 -8.43 19.16 7.44
CA LYS A 93 -7.29 19.76 8.11
C LYS A 93 -6.70 18.75 9.10
N GLY A 94 -5.41 18.52 8.95
CA GLY A 94 -4.71 17.58 9.82
C GLY A 94 -3.52 18.25 10.52
N GLU A 95 -2.82 17.46 11.31
CA GLU A 95 -1.67 17.97 12.04
C GLU A 95 -0.42 17.14 11.71
N ARG A 96 0.72 17.79 11.76
CA ARG A 96 1.98 17.12 11.47
C ARG A 96 2.46 16.35 12.71
N GLU A 97 2.76 15.08 12.49
CA GLU A 97 3.24 14.24 13.57
C GLU A 97 4.76 14.10 13.51
N SER A 98 5.41 14.69 14.50
CA SER A 98 6.87 14.64 14.57
C SER A 98 7.33 15.13 15.94
N GLY A 99 8.58 14.82 16.24
CA GLY A 99 9.16 15.21 17.52
C GLY A 99 10.18 14.17 18.00
N PRO A 100 9.64 13.07 18.59
CA PRO A 100 10.50 12.00 19.09
C PRO A 100 11.06 11.16 17.94
N SER A 101 11.74 11.85 17.03
CA SER A 101 12.34 11.18 15.89
C SER A 101 13.79 10.82 16.19
N SER A 102 14.19 9.64 15.73
CA SER A 102 15.55 9.17 15.94
C SER A 102 16.08 8.51 14.67
N GLY A 103 17.05 9.16 14.07
CA GLY A 103 17.66 8.64 12.84
C GLY A 103 18.75 7.62 13.17
N GLY A 1 -19.56 -17.90 1.82
CA GLY A 1 -18.24 -17.67 1.26
C GLY A 1 -17.27 -18.78 1.68
N SER A 2 -16.92 -19.61 0.71
CA SER A 2 -16.01 -20.71 0.95
C SER A 2 -14.58 -20.18 1.15
N SER A 3 -13.78 -20.96 1.86
CA SER A 3 -12.41 -20.58 2.12
C SER A 3 -11.65 -20.40 0.80
N GLY A 4 -11.20 -19.17 0.57
CA GLY A 4 -10.47 -18.86 -0.65
C GLY A 4 -9.26 -17.97 -0.34
N SER A 5 -8.23 -18.58 0.21
CA SER A 5 -7.03 -17.85 0.55
C SER A 5 -5.81 -18.50 -0.12
N SER A 6 -4.79 -17.69 -0.34
CA SER A 6 -3.57 -18.16 -0.97
C SER A 6 -3.90 -18.76 -2.34
N GLY A 7 -2.84 -19.02 -3.11
CA GLY A 7 -3.00 -19.59 -4.43
C GLY A 7 -2.58 -18.58 -5.51
N MET A 8 -3.17 -18.74 -6.69
CA MET A 8 -2.87 -17.86 -7.81
C MET A 8 -3.89 -16.72 -7.89
N GLY A 9 -3.40 -15.58 -8.35
CA GLY A 9 -4.24 -14.40 -8.48
C GLY A 9 -3.51 -13.14 -8.05
N LEU A 10 -4.29 -12.12 -7.69
CA LEU A 10 -3.72 -10.86 -7.25
C LEU A 10 -4.29 -10.51 -5.88
N GLU A 11 -5.60 -10.33 -5.83
CA GLU A 11 -6.26 -10.00 -4.59
C GLU A 11 -5.77 -10.90 -3.46
N GLU A 12 -6.03 -12.19 -3.60
CA GLU A 12 -5.62 -13.15 -2.59
C GLU A 12 -4.15 -12.95 -2.25
N GLU A 13 -3.41 -12.44 -3.21
CA GLU A 13 -1.98 -12.20 -3.03
C GLU A 13 -1.77 -10.88 -2.26
N LEU A 14 -2.46 -9.85 -2.72
CA LEU A 14 -2.36 -8.55 -2.10
C LEU A 14 -2.58 -8.68 -0.59
N LEU A 15 -3.66 -9.38 -0.24
CA LEU A 15 -3.99 -9.59 1.15
C LEU A 15 -2.83 -10.32 1.85
N ARG A 16 -2.37 -11.38 1.20
CA ARG A 16 -1.28 -12.17 1.74
C ARG A 16 -0.11 -11.26 2.11
N ILE A 17 0.21 -10.36 1.19
CA ILE A 17 1.31 -9.42 1.41
C ILE A 17 1.02 -8.57 2.64
N ALA A 18 -0.02 -7.74 2.52
CA ALA A 18 -0.41 -6.87 3.62
C ALA A 18 -0.32 -7.65 4.94
N LYS A 19 -1.07 -8.74 5.00
CA LYS A 19 -1.09 -9.57 6.18
C LYS A 19 0.35 -9.77 6.68
N LYS A 20 1.25 -9.97 5.72
CA LYS A 20 2.65 -10.18 6.04
C LYS A 20 3.24 -8.89 6.62
N LEU A 21 3.02 -7.81 5.89
CA LEU A 21 3.52 -6.51 6.32
C LEU A 21 2.92 -6.16 7.68
N GLU A 22 1.59 -6.11 7.72
CA GLU A 22 0.89 -5.78 8.95
C GLU A 22 1.49 -6.55 10.13
N LYS A 23 1.78 -7.83 9.88
CA LYS A 23 2.36 -8.67 10.91
C LYS A 23 3.73 -8.12 11.29
N MET A 24 4.65 -8.16 10.33
CA MET A 24 6.00 -7.67 10.56
C MET A 24 5.99 -6.41 11.44
N VAL A 25 5.12 -5.48 11.07
CA VAL A 25 5.00 -4.24 11.81
C VAL A 25 4.56 -4.55 13.25
N SER A 26 3.38 -5.13 13.36
CA SER A 26 2.84 -5.48 14.65
C SER A 26 3.93 -6.10 15.53
N ARG A 27 4.62 -7.07 14.96
CA ARG A 27 5.69 -7.74 15.67
C ARG A 27 6.91 -6.81 15.80
N LYS A 28 7.04 -5.92 14.85
CA LYS A 28 8.14 -4.98 14.86
C LYS A 28 9.44 -5.72 14.53
N LYS A 29 9.60 -6.04 13.25
CA LYS A 29 10.78 -6.75 12.81
C LYS A 29 11.12 -6.31 11.37
N THR A 30 10.15 -6.46 10.49
CA THR A 30 10.32 -6.09 9.11
C THR A 30 11.71 -6.54 8.61
N GLU A 31 11.76 -7.78 8.16
CA GLU A 31 13.00 -8.34 7.65
C GLU A 31 12.83 -8.78 6.20
N GLY A 32 11.69 -8.42 5.64
CA GLY A 32 11.39 -8.76 4.25
C GLY A 32 10.23 -7.93 3.72
N ALA A 33 10.37 -6.62 3.85
CA ALA A 33 9.34 -5.71 3.39
C ALA A 33 9.56 -5.41 1.90
N LEU A 34 10.82 -5.29 1.53
CA LEU A 34 11.19 -5.01 0.15
C LEU A 34 10.47 -6.01 -0.77
N ASP A 35 10.84 -7.27 -0.62
CA ASP A 35 10.25 -8.31 -1.43
C ASP A 35 8.74 -8.05 -1.57
N LEU A 36 8.11 -7.77 -0.44
CA LEU A 36 6.69 -7.51 -0.43
C LEU A 36 6.41 -6.23 -1.23
N LEU A 37 7.02 -5.14 -0.79
CA LEU A 37 6.86 -3.86 -1.45
C LEU A 37 7.04 -4.03 -2.95
N LYS A 38 8.03 -4.85 -3.30
CA LYS A 38 8.33 -5.12 -4.69
C LYS A 38 7.08 -5.66 -5.39
N LYS A 39 6.68 -6.85 -4.97
CA LYS A 39 5.51 -7.49 -5.53
C LYS A 39 4.40 -6.45 -5.72
N LEU A 40 4.13 -5.73 -4.64
CA LEU A 40 3.11 -4.70 -4.68
C LEU A 40 3.37 -3.76 -5.85
N ASN A 41 4.62 -3.37 -5.99
CA ASN A 41 5.03 -2.48 -7.06
C ASN A 41 4.82 -3.17 -8.41
N SER A 42 4.89 -4.50 -8.37
CA SER A 42 4.71 -5.29 -9.58
C SER A 42 3.40 -6.07 -9.50
N CYS A 43 2.35 -5.37 -9.09
CA CYS A 43 1.05 -5.98 -8.97
C CYS A 43 -0.01 -4.97 -9.44
N GLN A 44 -0.85 -5.42 -10.36
CA GLN A 44 -1.89 -4.58 -10.91
C GLN A 44 -2.91 -4.23 -9.81
N MET A 45 -2.50 -3.34 -8.93
CA MET A 45 -3.36 -2.92 -7.83
C MET A 45 -4.47 -2.00 -8.33
N SER A 46 -5.59 -2.03 -7.63
CA SER A 46 -6.73 -1.21 -8.00
C SER A 46 -7.25 -0.47 -6.76
N ILE A 47 -8.18 0.44 -7.01
CA ILE A 47 -8.77 1.23 -5.93
C ILE A 47 -9.62 0.32 -5.05
N GLN A 48 -10.63 -0.28 -5.68
CA GLN A 48 -11.53 -1.17 -4.95
C GLN A 48 -10.73 -2.19 -4.15
N LEU A 49 -9.73 -2.76 -4.82
CA LEU A 49 -8.88 -3.76 -4.17
C LEU A 49 -8.09 -3.10 -3.04
N LEU A 50 -7.54 -1.93 -3.35
CA LEU A 50 -6.76 -1.19 -2.37
C LEU A 50 -7.48 -1.23 -1.01
N GLN A 51 -8.79 -1.10 -1.07
CA GLN A 51 -9.60 -1.13 0.13
C GLN A 51 -9.67 -2.55 0.70
N THR A 52 -10.29 -3.43 -0.07
CA THR A 52 -10.43 -4.81 0.34
C THR A 52 -9.11 -5.34 0.90
N THR A 53 -8.03 -4.95 0.25
CA THR A 53 -6.71 -5.38 0.67
C THR A 53 -6.19 -4.48 1.79
N ARG A 54 -6.56 -3.21 1.70
CA ARG A 54 -6.14 -2.24 2.71
C ARG A 54 -4.62 -2.24 2.84
N ILE A 55 -3.95 -2.47 1.73
CA ILE A 55 -2.50 -2.51 1.71
C ILE A 55 -1.96 -1.09 1.94
N GLY A 56 -2.82 -0.11 1.67
CA GLY A 56 -2.44 1.28 1.84
C GLY A 56 -1.96 1.55 3.26
N VAL A 57 -2.48 0.76 4.19
CA VAL A 57 -2.12 0.90 5.59
C VAL A 57 -0.90 0.02 5.89
N ALA A 58 -0.82 -1.07 5.14
CA ALA A 58 0.29 -2.00 5.31
C ALA A 58 1.60 -1.31 4.94
N VAL A 59 1.67 -0.87 3.69
CA VAL A 59 2.86 -0.20 3.20
C VAL A 59 3.26 0.90 4.18
N ASN A 60 2.37 1.87 4.34
CA ASN A 60 2.63 2.98 5.25
C ASN A 60 3.18 2.43 6.56
N GLY A 61 2.45 1.51 7.16
CA GLY A 61 2.86 0.91 8.41
C GLY A 61 4.37 0.69 8.44
N VAL A 62 4.91 0.31 7.29
CA VAL A 62 6.34 0.07 7.17
C VAL A 62 7.06 1.41 7.08
N ARG A 63 6.56 2.26 6.20
CA ARG A 63 7.15 3.58 6.01
C ARG A 63 7.33 4.28 7.36
N LYS A 64 6.62 3.77 8.35
CA LYS A 64 6.68 4.35 9.69
C LYS A 64 7.76 3.62 10.50
N HIS A 65 7.63 2.30 10.55
CA HIS A 65 8.57 1.49 11.29
C HIS A 65 9.73 1.08 10.37
N CYS A 66 9.87 1.83 9.28
CA CYS A 66 10.92 1.55 8.32
C CYS A 66 12.26 1.97 8.95
N SER A 67 13.28 2.03 8.10
CA SER A 67 14.61 2.40 8.56
C SER A 67 15.57 2.42 7.37
N ASP A 68 15.38 1.48 6.47
CA ASP A 68 16.23 1.38 5.29
C ASP A 68 15.86 2.50 4.31
N LYS A 69 16.39 2.38 3.11
CA LYS A 69 16.13 3.37 2.07
C LYS A 69 15.23 2.76 0.99
N GLU A 70 15.77 1.72 0.35
CA GLU A 70 15.03 1.04 -0.71
C GLU A 70 13.71 0.50 -0.16
N VAL A 71 13.73 0.14 1.12
CA VAL A 71 12.55 -0.40 1.77
C VAL A 71 11.54 0.74 2.00
N VAL A 72 12.07 1.95 2.05
CA VAL A 72 11.24 3.12 2.25
C VAL A 72 10.83 3.70 0.90
N SER A 73 11.83 3.91 0.06
CA SER A 73 11.59 4.46 -1.27
C SER A 73 10.38 3.77 -1.91
N LEU A 74 10.41 2.44 -1.87
CA LEU A 74 9.33 1.66 -2.46
C LEU A 74 8.02 2.00 -1.73
N ALA A 75 8.03 1.79 -0.42
CA ALA A 75 6.86 2.06 0.38
C ALA A 75 6.28 3.43 -0.01
N LYS A 76 7.17 4.34 -0.35
CA LYS A 76 6.77 5.67 -0.75
C LYS A 76 6.06 5.60 -2.12
N VAL A 77 6.81 5.10 -3.10
CA VAL A 77 6.27 4.97 -4.44
C VAL A 77 4.89 4.32 -4.37
N LEU A 78 4.81 3.26 -3.59
CA LEU A 78 3.55 2.54 -3.43
C LEU A 78 2.48 3.50 -2.90
N ILE A 79 2.91 4.35 -1.98
CA ILE A 79 2.00 5.33 -1.39
C ILE A 79 1.60 6.35 -2.45
N LYS A 80 2.60 6.98 -3.04
CA LYS A 80 2.37 7.98 -4.06
C LYS A 80 1.49 7.38 -5.16
N ASN A 81 2.04 6.36 -5.82
CA ASN A 81 1.33 5.70 -6.89
C ASN A 81 -0.15 5.56 -6.51
N TRP A 82 -0.38 4.88 -5.40
CA TRP A 82 -1.73 4.68 -4.92
C TRP A 82 -2.37 6.05 -4.70
N LYS A 83 -1.59 6.95 -4.14
CA LYS A 83 -2.06 8.30 -3.87
C LYS A 83 -2.63 8.90 -5.15
N ARG A 84 -2.18 8.33 -6.27
CA ARG A 84 -2.62 8.81 -7.57
C ARG A 84 -3.82 7.98 -8.06
N LEU A 85 -3.78 6.70 -7.72
CA LEU A 85 -4.86 5.79 -8.11
C LEU A 85 -6.20 6.40 -7.71
N LEU A 86 -6.23 6.94 -6.50
CA LEU A 86 -7.45 7.55 -5.99
C LEU A 86 -7.76 8.81 -6.79
N ASP A 87 -6.73 9.60 -7.04
CA ASP A 87 -6.89 10.83 -7.79
C ASP A 87 -7.12 10.49 -9.27
N SER A 88 -8.37 10.25 -9.60
CA SER A 88 -8.73 9.91 -10.96
C SER A 88 -8.94 11.19 -11.78
N PRO A 89 -8.74 11.06 -13.12
CA PRO A 89 -8.91 12.19 -14.02
C PRO A 89 -10.38 12.51 -14.23
N ARG A 90 -10.76 13.70 -13.80
CA ARG A 90 -12.15 14.14 -13.94
C ARG A 90 -12.20 15.65 -14.17
N THR A 91 -13.29 16.08 -14.79
CA THR A 91 -13.48 17.50 -15.07
C THR A 91 -14.50 18.10 -14.10
N THR A 92 -14.59 19.43 -14.15
CA THR A 92 -15.51 20.14 -13.29
C THR A 92 -16.66 20.73 -14.11
N LYS A 93 -17.80 20.92 -13.46
CA LYS A 93 -18.96 21.47 -14.11
C LYS A 93 -18.79 22.98 -14.24
N GLY A 94 -18.87 23.45 -15.48
CA GLY A 94 -18.74 24.88 -15.75
C GLY A 94 -18.59 25.13 -17.25
N GLU A 95 -19.60 25.76 -17.82
CA GLU A 95 -19.60 26.07 -19.24
C GLU A 95 -20.68 27.10 -19.56
N ARG A 96 -20.33 28.01 -20.47
CA ARG A 96 -21.25 29.05 -20.87
C ARG A 96 -22.61 28.45 -21.25
N GLU A 97 -23.64 29.27 -21.13
CA GLU A 97 -24.98 28.83 -21.46
C GLU A 97 -25.00 28.10 -22.80
N SER A 98 -25.50 26.88 -22.78
CA SER A 98 -25.58 26.08 -23.99
C SER A 98 -26.81 25.17 -23.95
N GLY A 99 -27.23 24.73 -25.12
CA GLY A 99 -28.40 23.87 -25.24
C GLY A 99 -28.15 22.54 -24.53
N PRO A 100 -28.89 22.33 -23.41
CA PRO A 100 -28.76 21.10 -22.64
C PRO A 100 -29.46 19.94 -23.35
N SER A 101 -29.33 18.76 -22.75
CA SER A 101 -29.93 17.57 -23.32
C SER A 101 -30.76 16.85 -22.25
N SER A 102 -31.68 16.02 -22.72
CA SER A 102 -32.55 15.28 -21.82
C SER A 102 -33.45 16.24 -21.04
N GLY A 103 -34.65 15.77 -20.75
CA GLY A 103 -35.61 16.57 -20.01
C GLY A 103 -37.03 16.38 -20.55
N GLY A 1 -10.09 -10.41 -17.50
CA GLY A 1 -10.93 -11.36 -18.20
C GLY A 1 -12.41 -11.07 -17.93
N SER A 2 -12.97 -11.86 -17.02
CA SER A 2 -14.37 -11.70 -16.66
C SER A 2 -14.65 -12.40 -15.33
N SER A 3 -15.03 -11.60 -14.34
CA SER A 3 -15.33 -12.13 -13.02
C SER A 3 -15.94 -11.03 -12.15
N GLY A 4 -16.82 -11.46 -11.25
CA GLY A 4 -17.48 -10.53 -10.35
C GLY A 4 -17.36 -10.99 -8.90
N SER A 5 -17.88 -12.19 -8.65
CA SER A 5 -17.83 -12.76 -7.31
C SER A 5 -16.39 -12.83 -6.82
N SER A 6 -16.22 -12.64 -5.52
CA SER A 6 -14.90 -12.69 -4.92
C SER A 6 -14.13 -13.90 -5.44
N GLY A 7 -12.83 -13.90 -5.16
CA GLY A 7 -11.97 -14.98 -5.60
C GLY A 7 -11.08 -14.55 -6.76
N MET A 8 -9.99 -13.86 -6.41
CA MET A 8 -9.06 -13.38 -7.40
C MET A 8 -7.62 -13.75 -7.03
N GLY A 9 -6.79 -13.90 -8.05
CA GLY A 9 -5.39 -14.24 -7.85
C GLY A 9 -4.63 -13.10 -7.19
N LEU A 10 -4.58 -11.98 -7.89
CA LEU A 10 -3.89 -10.81 -7.39
C LEU A 10 -4.52 -10.37 -6.06
N GLU A 11 -5.81 -10.07 -6.13
CA GLU A 11 -6.54 -9.65 -4.95
C GLU A 11 -6.07 -10.44 -3.72
N GLU A 12 -5.79 -11.71 -3.96
CA GLU A 12 -5.34 -12.60 -2.90
C GLU A 12 -3.92 -12.24 -2.49
N GLU A 13 -2.98 -12.51 -3.39
CA GLU A 13 -1.58 -12.23 -3.14
C GLU A 13 -1.43 -10.88 -2.45
N LEU A 14 -2.33 -9.96 -2.79
CA LEU A 14 -2.31 -8.63 -2.20
C LEU A 14 -2.58 -8.74 -0.70
N LEU A 15 -3.64 -9.45 -0.37
CA LEU A 15 -4.01 -9.63 1.02
C LEU A 15 -2.89 -10.36 1.76
N ARG A 16 -2.44 -11.44 1.15
CA ARG A 16 -1.37 -12.24 1.73
C ARG A 16 -0.19 -11.34 2.11
N ILE A 17 0.18 -10.48 1.18
CA ILE A 17 1.28 -9.56 1.40
C ILE A 17 0.98 -8.69 2.63
N ALA A 18 -0.06 -7.89 2.51
CA ALA A 18 -0.46 -7.01 3.59
C ALA A 18 -0.31 -7.75 4.92
N LYS A 19 -1.03 -8.85 5.04
CA LYS A 19 -0.98 -9.66 6.25
C LYS A 19 0.48 -9.81 6.70
N LYS A 20 1.31 -10.17 5.74
CA LYS A 20 2.72 -10.35 6.02
C LYS A 20 3.31 -9.06 6.59
N LEU A 21 3.05 -7.98 5.87
CA LEU A 21 3.55 -6.67 6.28
C LEU A 21 2.99 -6.35 7.67
N GLU A 22 1.68 -6.20 7.73
CA GLU A 22 1.01 -5.89 8.99
C GLU A 22 1.68 -6.64 10.14
N LYS A 23 1.86 -7.94 9.93
CA LYS A 23 2.48 -8.79 10.93
C LYS A 23 3.86 -8.22 11.28
N MET A 24 4.71 -8.16 10.27
CA MET A 24 6.06 -7.65 10.45
C MET A 24 6.06 -6.39 11.32
N VAL A 25 5.18 -5.46 10.96
CA VAL A 25 5.07 -4.21 11.70
C VAL A 25 4.59 -4.51 13.12
N SER A 26 3.53 -5.30 13.20
CA SER A 26 2.96 -5.66 14.49
C SER A 26 4.06 -6.21 15.41
N ARG A 27 4.89 -7.07 14.84
CA ARG A 27 5.98 -7.68 15.59
C ARG A 27 7.21 -6.78 15.55
N LYS A 28 7.00 -5.56 15.06
CA LYS A 28 8.08 -4.60 14.96
C LYS A 28 9.35 -5.31 14.51
N LYS A 29 9.34 -5.77 13.26
CA LYS A 29 10.48 -6.47 12.70
C LYS A 29 10.78 -5.91 11.32
N THR A 30 9.82 -6.06 10.42
CA THR A 30 9.97 -5.57 9.06
C THR A 30 11.40 -5.76 8.58
N GLU A 31 11.70 -6.99 8.16
CA GLU A 31 13.03 -7.32 7.68
C GLU A 31 13.00 -7.57 6.17
N GLY A 32 11.98 -8.30 5.74
CA GLY A 32 11.82 -8.62 4.33
C GLY A 32 10.56 -7.97 3.76
N ALA A 33 10.45 -6.66 3.99
CA ALA A 33 9.30 -5.92 3.50
C ALA A 33 9.51 -5.58 2.03
N LEU A 34 10.75 -5.29 1.69
CA LEU A 34 11.09 -4.94 0.32
C LEU A 34 10.41 -5.92 -0.64
N ASP A 35 10.82 -7.17 -0.54
CA ASP A 35 10.25 -8.21 -1.39
C ASP A 35 8.75 -7.99 -1.53
N LEU A 36 8.10 -7.83 -0.38
CA LEU A 36 6.66 -7.61 -0.36
C LEU A 36 6.33 -6.34 -1.16
N LEU A 37 6.99 -5.25 -0.77
CA LEU A 37 6.79 -3.98 -1.44
C LEU A 37 7.00 -4.15 -2.94
N LYS A 38 8.07 -4.86 -3.27
CA LYS A 38 8.41 -5.10 -4.66
C LYS A 38 7.17 -5.60 -5.41
N LYS A 39 6.74 -6.80 -5.06
CA LYS A 39 5.57 -7.40 -5.68
C LYS A 39 4.50 -6.32 -5.87
N LEU A 40 4.11 -5.72 -4.76
CA LEU A 40 3.10 -4.68 -4.78
C LEU A 40 3.39 -3.71 -5.93
N ASN A 41 4.62 -3.19 -5.92
CA ASN A 41 5.03 -2.26 -6.96
C ASN A 41 4.76 -2.87 -8.33
N SER A 42 4.92 -4.18 -8.40
CA SER A 42 4.68 -4.90 -9.65
C SER A 42 3.33 -5.61 -9.59
N CYS A 43 2.33 -4.89 -9.11
CA CYS A 43 0.99 -5.45 -9.01
C CYS A 43 0.00 -4.37 -9.43
N GLN A 44 -1.00 -4.80 -10.20
CA GLN A 44 -2.02 -3.88 -10.67
C GLN A 44 -3.01 -3.55 -9.54
N MET A 45 -2.55 -2.74 -8.62
CA MET A 45 -3.37 -2.34 -7.49
C MET A 45 -4.52 -1.44 -7.94
N SER A 46 -5.60 -1.47 -7.15
CA SER A 46 -6.77 -0.68 -7.47
C SER A 46 -7.35 -0.07 -6.19
N ILE A 47 -8.33 0.80 -6.37
CA ILE A 47 -8.96 1.45 -5.23
C ILE A 47 -9.77 0.43 -4.44
N GLN A 48 -10.67 -0.25 -5.14
CA GLN A 48 -11.51 -1.26 -4.52
C GLN A 48 -10.64 -2.26 -3.75
N LEU A 49 -9.57 -2.69 -4.41
CA LEU A 49 -8.65 -3.64 -3.81
C LEU A 49 -7.92 -2.97 -2.64
N LEU A 50 -7.48 -1.75 -2.88
CA LEU A 50 -6.77 -0.99 -1.86
C LEU A 50 -7.59 -0.98 -0.57
N GLN A 51 -8.88 -1.20 -0.73
CA GLN A 51 -9.79 -1.22 0.41
C GLN A 51 -9.90 -2.63 0.97
N THR A 52 -10.15 -3.57 0.06
CA THR A 52 -10.28 -4.97 0.45
C THR A 52 -8.97 -5.50 1.03
N THR A 53 -7.89 -5.22 0.31
CA THR A 53 -6.57 -5.65 0.73
C THR A 53 -6.05 -4.76 1.85
N ARG A 54 -6.52 -3.51 1.85
CA ARG A 54 -6.12 -2.56 2.85
C ARG A 54 -4.59 -2.50 2.95
N ILE A 55 -3.95 -2.71 1.81
CA ILE A 55 -2.49 -2.70 1.76
C ILE A 55 -1.99 -1.27 2.02
N GLY A 56 -2.82 -0.31 1.66
CA GLY A 56 -2.48 1.09 1.85
C GLY A 56 -1.98 1.34 3.28
N VAL A 57 -2.74 0.83 4.24
CA VAL A 57 -2.38 1.00 5.64
C VAL A 57 -1.16 0.13 5.95
N ALA A 58 -1.03 -0.95 5.20
CA ALA A 58 0.08 -1.87 5.39
C ALA A 58 1.39 -1.17 5.00
N VAL A 59 1.47 -0.81 3.72
CA VAL A 59 2.65 -0.13 3.20
C VAL A 59 3.02 1.01 4.14
N ASN A 60 2.11 1.98 4.24
CA ASN A 60 2.33 3.13 5.10
C ASN A 60 3.01 2.67 6.39
N GLY A 61 2.34 1.74 7.08
CA GLY A 61 2.87 1.22 8.33
C GLY A 61 4.39 1.04 8.26
N VAL A 62 4.82 0.35 7.20
CA VAL A 62 6.24 0.10 7.02
C VAL A 62 6.98 1.44 6.95
N ARG A 63 6.44 2.35 6.16
CA ARG A 63 7.03 3.66 6.00
C ARG A 63 7.18 4.34 7.36
N LYS A 64 6.53 3.75 8.36
CA LYS A 64 6.57 4.29 9.71
C LYS A 64 7.66 3.57 10.51
N HIS A 65 7.53 2.26 10.57
CA HIS A 65 8.50 1.45 11.30
C HIS A 65 9.63 1.02 10.35
N CYS A 66 9.73 1.75 9.24
CA CYS A 66 10.76 1.48 8.26
C CYS A 66 12.12 1.75 8.89
N SER A 67 13.17 1.41 8.15
CA SER A 67 14.53 1.61 8.63
C SER A 67 15.51 0.83 7.75
N ASP A 68 15.24 0.85 6.46
CA ASP A 68 16.09 0.15 5.50
C ASP A 68 16.29 1.04 4.26
N LYS A 69 15.80 2.27 4.37
CA LYS A 69 15.91 3.21 3.27
C LYS A 69 15.18 2.65 2.05
N GLU A 70 15.84 1.73 1.37
CA GLU A 70 15.26 1.11 0.20
C GLU A 70 13.86 0.57 0.50
N VAL A 71 13.67 0.19 1.75
CA VAL A 71 12.39 -0.33 2.19
C VAL A 71 11.38 0.81 2.28
N VAL A 72 11.90 2.03 2.31
CA VAL A 72 11.06 3.21 2.39
C VAL A 72 10.74 3.70 0.98
N SER A 73 11.79 3.87 0.19
CA SER A 73 11.64 4.33 -1.18
C SER A 73 10.43 3.66 -1.82
N LEU A 74 10.42 2.33 -1.76
CA LEU A 74 9.33 1.57 -2.34
C LEU A 74 8.02 1.97 -1.66
N ALA A 75 7.96 1.70 -0.36
CA ALA A 75 6.77 2.02 0.41
C ALA A 75 6.20 3.36 -0.08
N LYS A 76 7.11 4.29 -0.33
CA LYS A 76 6.72 5.61 -0.80
C LYS A 76 6.07 5.49 -2.17
N VAL A 77 6.83 4.93 -3.11
CA VAL A 77 6.35 4.74 -4.46
C VAL A 77 4.95 4.13 -4.42
N LEU A 78 4.78 3.17 -3.53
CA LEU A 78 3.51 2.49 -3.37
C LEU A 78 2.45 3.51 -2.93
N ILE A 79 2.90 4.47 -2.13
CA ILE A 79 2.00 5.50 -1.63
C ILE A 79 1.67 6.48 -2.76
N LYS A 80 2.71 6.88 -3.48
CA LYS A 80 2.55 7.81 -4.58
C LYS A 80 1.76 7.13 -5.70
N ASN A 81 2.38 6.09 -6.27
CA ASN A 81 1.74 5.35 -7.34
C ASN A 81 0.26 5.18 -7.03
N TRP A 82 -0.01 4.59 -5.87
CA TRP A 82 -1.38 4.36 -5.44
C TRP A 82 -2.11 5.71 -5.41
N LYS A 83 -1.40 6.71 -4.90
CA LYS A 83 -1.97 8.04 -4.82
C LYS A 83 -2.82 8.32 -6.06
N ARG A 84 -2.18 8.18 -7.21
CA ARG A 84 -2.87 8.41 -8.48
C ARG A 84 -4.32 7.92 -8.39
N LEU A 85 -4.46 6.64 -8.06
CA LEU A 85 -5.78 6.05 -7.93
C LEU A 85 -6.73 7.04 -7.26
N LEU A 86 -6.32 7.50 -6.09
CA LEU A 86 -7.13 8.45 -5.33
C LEU A 86 -7.00 9.83 -5.99
N ASP A 87 -5.78 10.34 -6.02
CA ASP A 87 -5.52 11.64 -6.59
C ASP A 87 -6.71 12.56 -6.32
N SER A 88 -7.27 12.41 -5.13
CA SER A 88 -8.41 13.22 -4.73
C SER A 88 -7.94 14.64 -4.40
N PRO A 89 -8.87 15.62 -4.64
CA PRO A 89 -8.57 17.01 -4.38
C PRO A 89 -8.60 17.31 -2.87
N ARG A 90 -7.96 18.40 -2.49
CA ARG A 90 -7.91 18.80 -1.10
C ARG A 90 -8.38 20.25 -0.94
N THR A 91 -9.10 20.49 0.14
CA THR A 91 -9.61 21.82 0.42
C THR A 91 -8.52 22.69 1.03
N THR A 92 -7.69 23.26 0.16
CA THR A 92 -6.61 24.12 0.61
C THR A 92 -7.15 25.30 1.42
N LYS A 93 -7.98 26.08 0.75
CA LYS A 93 -8.57 27.25 1.38
C LYS A 93 -9.36 26.80 2.62
N GLY A 94 -9.46 27.72 3.57
CA GLY A 94 -10.17 27.44 4.81
C GLY A 94 -11.52 28.17 4.84
N GLU A 95 -11.73 28.89 5.94
CA GLU A 95 -12.97 29.65 6.11
C GLU A 95 -13.20 30.55 4.90
N ARG A 96 -12.26 31.44 4.67
CA ARG A 96 -12.35 32.37 3.56
C ARG A 96 -10.97 32.93 3.22
N GLU A 97 -10.35 33.53 4.22
CA GLU A 97 -9.02 34.12 4.04
C GLU A 97 -8.93 34.80 2.68
N SER A 98 -9.41 36.04 2.66
CA SER A 98 -9.39 36.82 1.43
C SER A 98 -9.91 38.23 1.69
N GLY A 99 -9.49 39.16 0.85
CA GLY A 99 -9.89 40.55 0.99
C GLY A 99 -11.28 40.77 0.38
N PRO A 100 -11.74 42.05 0.46
CA PRO A 100 -13.05 42.40 -0.07
C PRO A 100 -13.01 42.47 -1.60
N SER A 101 -14.15 42.12 -2.20
CA SER A 101 -14.26 42.14 -3.65
C SER A 101 -15.54 42.86 -4.07
N SER A 102 -15.63 43.15 -5.35
CA SER A 102 -16.80 43.83 -5.89
C SER A 102 -17.03 43.40 -7.34
N GLY A 103 -18.26 43.61 -7.80
CA GLY A 103 -18.62 43.26 -9.15
C GLY A 103 -17.94 44.16 -10.16
#